data_4E0N
# 
_entry.id   4E0N 
# 
_audit_conform.dict_name       mmcif_pdbx.dic 
_audit_conform.dict_version    5.381 
_audit_conform.dict_location   http://mmcif.pdb.org/dictionaries/ascii/mmcif_pdbx.dic 
# 
loop_
_database_2.database_id 
_database_2.database_code 
_database_2.pdbx_database_accession 
_database_2.pdbx_DOI 
PDB   4E0N         pdb_00004e0n 10.2210/pdb4e0n/pdb 
RCSB  RCSB071019   ?            ?                   
WWPDB D_1000071019 ?            ?                   
# 
loop_
_pdbx_database_related.db_name 
_pdbx_database_related.db_id 
_pdbx_database_related.details 
_pdbx_database_related.content_type 
PDB 4E0K . unspecified 
PDB 4E0L . unspecified 
PDB 4E0M . unspecified 
PDB 4E0O . unspecified 
# 
_pdbx_database_status.entry_id                        4E0N 
_pdbx_database_status.status_code                     REL 
_pdbx_database_status.deposit_site                    RCSB 
_pdbx_database_status.process_site                    RCSB 
_pdbx_database_status.recvd_initial_deposition_date   2012-03-04 
_pdbx_database_status.status_code_sf                  REL 
_pdbx_database_status.status_code_mr                  ? 
_pdbx_database_status.SG_entry                        ? 
_pdbx_database_status.status_code_cs                  ? 
_pdbx_database_status.methods_development_category    ? 
_pdbx_database_status.pdb_format_compatible           Y 
_pdbx_database_status.status_code_nmr_data            ? 
# 
loop_
_audit_author.name 
_audit_author.pdbx_ordinal 
'Zhao, M.'      1 
'Liu, C.'       2 
'Michael, S.R.' 3 
'Eisenberg, D.' 4 
# 
_citation.id                        primary 
_citation.title                     'Out-of-register beta-sheets suggest a pathway to toxic amyloid aggregates.' 
_citation.journal_abbrev            Proc.Natl.Acad.Sci.USA 
_citation.journal_volume            109 
_citation.page_first                20913 
_citation.page_last                 20918 
_citation.year                      2012 
_citation.journal_id_ASTM           PNASA6 
_citation.country                   US 
_citation.journal_id_ISSN           0027-8424 
_citation.journal_id_CSD            0040 
_citation.book_publisher            ? 
_citation.pdbx_database_id_PubMed   23213214 
_citation.pdbx_database_id_DOI      10.1073/pnas.1218792109 
# 
loop_
_citation_author.citation_id 
_citation_author.name 
_citation_author.ordinal 
_citation_author.identifier_ORCID 
primary 'Liu, C.'        1  ? 
primary 'Zhao, M.'       2  ? 
primary 'Jiang, L.'      3  ? 
primary 'Cheng, P.N.'    4  ? 
primary 'Park, J.'       5  ? 
primary 'Sawaya, M.R.'   6  ? 
primary 'Pensalfini, A.' 7  ? 
primary 'Gou, D.'        8  ? 
primary 'Berk, A.J.'     9  ? 
primary 'Glabe, C.G.'    10 ? 
primary 'Nowick, J.'     11 ? 
primary 'Eisenberg, D.'  12 ? 
# 
_cell.entry_id           4E0N 
_cell.length_a           68.960 
_cell.length_b           25.440 
_cell.length_c           53.540 
_cell.angle_alpha        90.00 
_cell.angle_beta         120.12 
_cell.angle_gamma        90.00 
_cell.Z_PDB              16 
_cell.pdbx_unique_axis   ? 
_cell.length_a_esd       ? 
_cell.length_b_esd       ? 
_cell.length_c_esd       ? 
_cell.angle_alpha_esd    ? 
_cell.angle_beta_esd     ? 
_cell.angle_gamma_esd    ? 
# 
_symmetry.entry_id                         4E0N 
_symmetry.space_group_name_H-M             'C 1 2 1' 
_symmetry.pdbx_full_space_group_name_H-M   ? 
_symmetry.cell_setting                     ? 
_symmetry.Int_Tables_number                5 
_symmetry.space_group_name_Hall            ? 
# 
loop_
_entity.id 
_entity.type 
_entity.src_method 
_entity.pdbx_description 
_entity.formula_weight 
_entity.pdbx_number_of_molecules 
_entity.pdbx_ec 
_entity.pdbx_mutation 
_entity.pdbx_fragment 
_entity.details 
1 polymer     syn 'Cyclic pseudo-peptide SVQIVYK(ORN)EF(HAO)(4BF)K(ORN)' 1932.019 4  ? ? ? ? 
2 non-polymer syn 'PHOSPHATE ION'                                        94.971   4  ? ? ? ? 
3 non-polymer syn '(4S)-2-METHYL-2,4-PENTANEDIOL'                        118.174  6  ? ? ? ? 
4 water       nat water                                                  18.015   65 ? ? ? ? 
# 
_entity_poly.entity_id                      1 
_entity_poly.type                           'polypeptide(L)' 
_entity_poly.nstd_linkage                   no 
_entity_poly.nstd_monomer                   yes 
_entity_poly.pdbx_seq_one_letter_code       '(ORN)SVQIVYK(ORN)EF(HAO)(4BF)K' 
_entity_poly.pdbx_seq_one_letter_code_can   ASVQIVYKAEFXYK 
_entity_poly.pdbx_strand_id                 A,B,C,D 
_entity_poly.pdbx_target_identifier         ? 
# 
loop_
_entity_poly_seq.entity_id 
_entity_poly_seq.num 
_entity_poly_seq.mon_id 
_entity_poly_seq.hetero 
1 1  ORN n 
1 2  SER n 
1 3  VAL n 
1 4  GLN n 
1 5  ILE n 
1 6  VAL n 
1 7  TYR n 
1 8  LYS n 
1 9  ORN n 
1 10 GLU n 
1 11 PHE n 
1 12 HAO n 
1 13 4BF n 
1 14 LYS n 
# 
_pdbx_entity_src_syn.entity_id              1 
_pdbx_entity_src_syn.pdbx_src_id            1 
_pdbx_entity_src_syn.pdbx_alt_source_flag   sample 
_pdbx_entity_src_syn.pdbx_beg_seq_num       ? 
_pdbx_entity_src_syn.pdbx_end_seq_num       ? 
_pdbx_entity_src_syn.organism_scientific    ? 
_pdbx_entity_src_syn.organism_common_name   ? 
_pdbx_entity_src_syn.ncbi_taxonomy_id       ? 
_pdbx_entity_src_syn.details                'Synthetic molecule' 
# 
_struct_ref.id                         1 
_struct_ref.db_name                    PDB 
_struct_ref.db_code                    4E0N 
_struct_ref.pdbx_db_accession          4E0N 
_struct_ref.entity_id                  1 
_struct_ref.pdbx_align_begin           1 
_struct_ref.pdbx_seq_one_letter_code   '(ORN)SVQIVYK(ORN)EF(HAO)(4BF)K' 
_struct_ref.pdbx_db_isoform            ? 
# 
loop_
_struct_ref_seq.align_id 
_struct_ref_seq.ref_id 
_struct_ref_seq.pdbx_PDB_id_code 
_struct_ref_seq.pdbx_strand_id 
_struct_ref_seq.seq_align_beg 
_struct_ref_seq.pdbx_seq_align_beg_ins_code 
_struct_ref_seq.seq_align_end 
_struct_ref_seq.pdbx_seq_align_end_ins_code 
_struct_ref_seq.pdbx_db_accession 
_struct_ref_seq.db_align_beg 
_struct_ref_seq.pdbx_db_align_beg_ins_code 
_struct_ref_seq.db_align_end 
_struct_ref_seq.pdbx_db_align_end_ins_code 
_struct_ref_seq.pdbx_auth_seq_align_beg 
_struct_ref_seq.pdbx_auth_seq_align_end 
1 1 4E0N A 1 ? 14 ? 4E0N 0 ? 13 ? 0 13 
2 1 4E0N B 1 ? 14 ? 4E0N 0 ? 13 ? 0 13 
3 1 4E0N C 1 ? 14 ? 4E0N 0 ? 13 ? 0 13 
4 1 4E0N D 1 ? 14 ? 4E0N 0 ? 13 ? 0 13 
# 
loop_
_chem_comp.id 
_chem_comp.type 
_chem_comp.mon_nstd_flag 
_chem_comp.name 
_chem_comp.pdbx_synonyms 
_chem_comp.formula 
_chem_comp.formula_weight 
4BF 'L-peptide linking' n 4-BROMO-L-PHENYLALANINE                                          P-BROMO-L-PHENYLALANINE 
'C9 H10 Br N O2' 244.085 
GLN 'L-peptide linking' y GLUTAMINE                                                        ?                       'C5 H10 N2 O3' 
146.144 
GLU 'L-peptide linking' y 'GLUTAMIC ACID'                                                  ?                       'C5 H9 N O4' 
147.129 
HAO peptide-like        . '{[3-(hydrazinocarbonyl)-4-methoxyphenyl]amino}(oxo)acetic acid' ?                       'C10 H11 N3 O5' 
253.211 
HOH non-polymer         . WATER                                                            ?                       'H2 O' 18.015  
ILE 'L-peptide linking' y ISOLEUCINE                                                       ?                       'C6 H13 N O2' 
131.173 
LYS 'L-peptide linking' y LYSINE                                                           ?                       
'C6 H15 N2 O2 1' 147.195 
MPD non-polymer         . '(4S)-2-METHYL-2,4-PENTANEDIOL'                                  ?                       'C6 H14 O2' 
118.174 
ORN 'L-peptide linking' n L-ornithine                                                      ?                       'C5 H12 N2 O2' 
132.161 
PHE 'L-peptide linking' y PHENYLALANINE                                                    ?                       'C9 H11 N O2' 
165.189 
PO4 non-polymer         . 'PHOSPHATE ION'                                                  ?                       'O4 P -3' 
94.971  
SER 'L-peptide linking' y SERINE                                                           ?                       'C3 H7 N O3' 
105.093 
TYR 'L-peptide linking' y TYROSINE                                                         ?                       'C9 H11 N O3' 
181.189 
VAL 'L-peptide linking' y VALINE                                                           ?                       'C5 H11 N O2' 
117.146 
# 
_exptl.entry_id          4E0N 
_exptl.method            'X-RAY DIFFRACTION' 
_exptl.crystals_number   1 
# 
_exptl_crystal.id                    1 
_exptl_crystal.density_meas          ? 
_exptl_crystal.density_Matthews      2.63 
_exptl_crystal.density_percent_sol   53.20 
_exptl_crystal.description           ? 
_exptl_crystal.F_000                 ? 
_exptl_crystal.preparation           ? 
# 
_exptl_crystal_grow.crystal_id      1 
_exptl_crystal_grow.method          'VAPOR DIFFUSION, HANGING DROP' 
_exptl_crystal_grow.temp            290 
_exptl_crystal_grow.temp_details    ? 
_exptl_crystal_grow.pH              6.2 
_exptl_crystal_grow.pdbx_pH_range   ? 
_exptl_crystal_grow.pdbx_details    
'0.1M Na/K phosphate buffer pH 6.2, 35% (v/v) 2-methyl-2,4-pentanediol, vapor diffusion, hanging drop, temperature 290K' 
# 
_diffrn.id                     1 
_diffrn.ambient_temp           100 
_diffrn.ambient_temp_details   ? 
_diffrn.crystal_id             1 
# 
_diffrn_detector.diffrn_id              1 
_diffrn_detector.detector               CCD 
_diffrn_detector.type                   'ADSC QUANTUM 315' 
_diffrn_detector.pdbx_collection_date   2011-04-25 
_diffrn_detector.details                ? 
# 
_diffrn_radiation.diffrn_id                        1 
_diffrn_radiation.wavelength_id                    1 
_diffrn_radiation.pdbx_monochromatic_or_laue_m_l   M 
_diffrn_radiation.monochromator                    ? 
_diffrn_radiation.pdbx_diffrn_protocol             'SINGLE WAVELENGTH' 
_diffrn_radiation.pdbx_scattering_type             x-ray 
# 
_diffrn_radiation_wavelength.id           1 
_diffrn_radiation_wavelength.wavelength   0.97949 
_diffrn_radiation_wavelength.wt           1.0 
# 
_diffrn_source.diffrn_id                   1 
_diffrn_source.source                      SYNCHROTRON 
_diffrn_source.type                        'APS BEAMLINE 24-ID-C' 
_diffrn_source.pdbx_synchrotron_site       APS 
_diffrn_source.pdbx_synchrotron_beamline   24-ID-C 
_diffrn_source.pdbx_wavelength             ? 
_diffrn_source.pdbx_wavelength_list        0.97949 
# 
_reflns.pdbx_diffrn_id               1 
_reflns.pdbx_ordinal                 1 
_reflns.entry_id                     4E0N 
_reflns.observed_criterion_sigma_I   -3.000 
_reflns.observed_criterion_sigma_F   ? 
_reflns.d_resolution_low             19.4000 
_reflns.d_resolution_high            1.650 
_reflns.number_obs                   ? 
_reflns.number_all                   ? 
_reflns.percent_possible_obs         97.900 
_reflns.pdbx_Rmerge_I_obs            0.099 
_reflns.pdbx_Rsym_value              ? 
_reflns.pdbx_netI_over_sigmaI        7.340 
_reflns.B_iso_Wilson_estimate        13.85 
_reflns.pdbx_redundancy              ? 
_reflns.R_free_details               ? 
_reflns.limit_h_max                  ? 
_reflns.limit_h_min                  ? 
_reflns.limit_k_max                  ? 
_reflns.limit_k_min                  ? 
_reflns.limit_l_max                  ? 
_reflns.limit_l_min                  ? 
_reflns.observed_criterion_F_max     ? 
_reflns.observed_criterion_F_min     ? 
_reflns.pdbx_chi_squared             ? 
_reflns.pdbx_scaling_rejects         ? 
# 
loop_
_reflns_shell.pdbx_diffrn_id 
_reflns_shell.pdbx_ordinal 
_reflns_shell.d_res_high 
_reflns_shell.d_res_low 
_reflns_shell.percent_possible_all 
_reflns_shell.Rmerge_I_obs 
_reflns_shell.pdbx_Rsym_value 
_reflns_shell.meanI_over_sigI_obs 
_reflns_shell.pdbx_redundancy 
_reflns_shell.percent_possible_obs 
_reflns_shell.number_unique_all 
_reflns_shell.number_measured_all 
_reflns_shell.number_measured_obs 
_reflns_shell.number_unique_obs 
_reflns_shell.pdbx_chi_squared 
1 1  1.650 1.690 98.100 0.575 ? 1.870  ? ? ? ? ? ? ? 
1 2  1.690 1.740 99.100 0.503 ? 2.280  ? ? ? ? ? ? ? 
1 3  1.740 1.790 98.500 0.395 ? 2.960  ? ? ? ? ? ? ? 
1 4  1.790 1.840 98.100 0.366 ? 3.320  ? ? ? ? ? ? ? 
1 5  1.840 1.910 98.800 0.291 ? 4.050  ? ? ? ? ? ? ? 
1 6  1.910 1.970 98.300 0.198 ? 5.380  ? ? ? ? ? ? ? 
1 7  1.970 2.050 99.000 0.180 ? 5.950  ? ? ? ? ? ? ? 
1 8  2.050 2.130 98.800 0.145 ? 7.060  ? ? ? ? ? ? ? 
1 9  2.130 2.220 98.200 0.141 ? 7.630  ? ? ? ? ? ? ? 
1 10 2.220 2.330 98.100 0.137 ? 7.800  ? ? ? ? ? ? ? 
1 11 2.330 2.460 97.400 0.130 ? 8.050  ? ? ? ? ? ? ? 
1 12 2.460 2.610 97.300 0.116 ? 8.860  ? ? ? ? ? ? ? 
1 13 2.610 2.790 97.200 0.088 ? 10.200 ? ? ? ? ? ? ? 
1 14 2.790 3.010 96.900 0.081 ? 11.590 ? ? ? ? ? ? ? 
1 15 3.010 3.300 95.900 0.062 ? 13.450 ? ? ? ? ? ? ? 
1 16 3.300 3.690 97.200 0.052 ? 15.130 ? ? ? ? ? ? ? 
1 17 3.690 4.260 97.000 0.045 ? 16.320 ? ? ? ? ? ? ? 
1 18 4.260 5.220 97.000 0.043 ? 17.150 ? ? ? ? ? ? ? 
1 19 5.220 7.380 97.200 0.039 ? 16.920 ? ? ? ? ? ? ? 
1 20 7.380 ?     90.500 0.036 ? 17.210 ? ? ? ? ? ? ? 
# 
_refine.pdbx_refine_id                           'X-RAY DIFFRACTION' 
_refine.entry_id                                 4E0N 
_refine.pdbx_diffrn_id                           1 
_refine.pdbx_TLS_residual_ADP_flag               ? 
_refine.ls_number_reflns_obs                     9897 
_refine.ls_number_reflns_all                     ? 
_refine.pdbx_ls_sigma_I                          ? 
_refine.pdbx_ls_sigma_F                          0.0 
_refine.pdbx_data_cutoff_high_absF               ? 
_refine.pdbx_data_cutoff_low_absF                ? 
_refine.pdbx_data_cutoff_high_rms_absF           ? 
_refine.ls_d_res_low                             19.40 
_refine.ls_d_res_high                            1.65 
_refine.ls_percent_reflns_obs                    100.0000 
_refine.ls_R_factor_obs                          0.2108 
_refine.ls_R_factor_all                          ? 
_refine.ls_R_factor_R_work                       0.2086 
_refine.ls_R_factor_R_free                       0.2547 
_refine.ls_R_factor_R_free_error                 ? 
_refine.ls_R_factor_R_free_error_details         ? 
_refine.ls_percent_reflns_R_free                 5.00 
_refine.ls_number_reflns_R_free                  495 
_refine.ls_number_parameters                     ? 
_refine.ls_number_restraints                     ? 
_refine.occupancy_min                            0.500 
_refine.occupancy_max                            1.000 
_refine.correlation_coeff_Fo_to_Fc               0.9020 
_refine.correlation_coeff_Fo_to_Fc_free          0.8589 
_refine.B_iso_mean                               21.37 
_refine.aniso_B[1][1]                            5.1230 
_refine.aniso_B[2][2]                            -3.6796 
_refine.aniso_B[3][3]                            -1.4434 
_refine.aniso_B[1][2]                            0.0000 
_refine.aniso_B[1][3]                            5.0724 
_refine.aniso_B[2][3]                            0.0000 
_refine.solvent_model_details                    MASK 
_refine.solvent_model_param_ksol                 ? 
_refine.solvent_model_param_bsol                 ? 
_refine.pdbx_solvent_vdw_probe_radii             1.4000 
_refine.pdbx_solvent_ion_probe_radii             0.8000 
_refine.pdbx_solvent_shrinkage_radii             0.8000 
_refine.pdbx_ls_cross_valid_method               THROUGHOUT 
_refine.details                                  'HYDROGENS HAVE BEEN ADDED IN THE RIDING POSITIONS; U VALUES: RESIDUAL ONLY' 
_refine.pdbx_starting_model                      ? 
_refine.pdbx_method_to_determine_struct          'MOLECULAR REPLACEMENT' 
_refine.pdbx_isotropic_thermal_model             ? 
_refine.pdbx_stereochemistry_target_values       'MAXIMUM LIKELIHOOD' 
_refine.pdbx_stereochem_target_val_spec_case     ? 
_refine.pdbx_R_Free_selection_details            RANDOM 
_refine.pdbx_overall_ESU_R                       0.1140 
_refine.pdbx_overall_ESU_R_Free                  0.1250 
_refine.overall_SU_ML                            0.0780 
_refine.pdbx_overall_phase_error                 ? 
_refine.overall_SU_B                             4.6950 
_refine.overall_SU_R_Cruickshank_DPI             0.1143 
_refine.pdbx_overall_SU_R_free_Cruickshank_DPI   ? 
_refine.pdbx_overall_SU_R_Blow_DPI               ? 
_refine.pdbx_overall_SU_R_free_Blow_DPI          ? 
_refine.ls_redundancy_reflns_obs                 ? 
_refine.B_iso_min                                ? 
_refine.B_iso_max                                ? 
_refine.overall_SU_R_free                        ? 
_refine.ls_wR_factor_R_free                      ? 
_refine.ls_wR_factor_R_work                      ? 
_refine.overall_FOM_free_R_set                   ? 
_refine.overall_FOM_work_R_set                   ? 
# 
_refine_analyze.pdbx_refine_id                  'X-RAY DIFFRACTION' 
_refine_analyze.entry_id                        4E0N 
_refine_analyze.Luzzati_coordinate_error_obs    0.203 
_refine_analyze.Luzzati_sigma_a_obs             ? 
_refine_analyze.Luzzati_d_res_low_obs           ? 
_refine_analyze.Luzzati_coordinate_error_free   ? 
_refine_analyze.Luzzati_sigma_a_free            ? 
_refine_analyze.Luzzati_d_res_low_free          ? 
_refine_analyze.number_disordered_residues      ? 
_refine_analyze.occupancy_sum_hydrogen          ? 
_refine_analyze.occupancy_sum_non_hydrogen      ? 
_refine_analyze.pdbx_Luzzati_d_res_high_obs     ? 
# 
_refine_hist.pdbx_refine_id                   'X-RAY DIFFRACTION' 
_refine_hist.cycle_id                         LAST 
_refine_hist.pdbx_number_atoms_protein        520 
_refine_hist.pdbx_number_atoms_nucleic_acid   0 
_refine_hist.pdbx_number_atoms_ligand         68 
_refine_hist.number_atoms_solvent             65 
_refine_hist.number_atoms_total               653 
_refine_hist.d_res_high                       1.65 
_refine_hist.d_res_low                        19.40 
# 
loop_
_refine_ls_restr.type 
_refine_ls_restr.dev_ideal 
_refine_ls_restr.dev_ideal_target 
_refine_ls_restr.weight 
_refine_ls_restr.number 
_refine_ls_restr.pdbx_refine_id 
_refine_ls_restr.pdbx_restraint_function 
t_bond_d                  0.010 ? 2.00  648 'X-RAY DIFFRACTION' HARMONIC     
t_angle_deg               1.27  ? 2.00  874 'X-RAY DIFFRACTION' HARMONIC     
t_dihedral_angle_d        ?     ? 2.00  130 'X-RAY DIFFRACTION' SINUSOIDAL   
t_incorr_chiral_ct        ?     ? ?     ?   'X-RAY DIFFRACTION' ?            
t_pseud_angle             ?     ? ?     ?   'X-RAY DIFFRACTION' ?            
t_trig_c_planes           ?     ? 2.00  31  'X-RAY DIFFRACTION' HARMONIC     
t_gen_planes              ?     ? 5.00  99  'X-RAY DIFFRACTION' HARMONIC     
t_it                      ?     ? 20.00 432 'X-RAY DIFFRACTION' HARMONIC     
t_nbd                     ?     ? 5.00  0   'X-RAY DIFFRACTION' SEMIHARMONIC 
t_omega_torsion           ?     ? ?     ?   'X-RAY DIFFRACTION' ?            
t_other_torsion           ?     ? ?     ?   'X-RAY DIFFRACTION' ?            
t_improper_torsion        ?     ? ?     ?   'X-RAY DIFFRACTION' ?            
t_chiral_improper_torsion ?     ? ?     ?   'X-RAY DIFFRACTION' ?            
t_sum_occupancies         ?     ? ?     ?   'X-RAY DIFFRACTION' ?            
t_utility_distance        ?     ? ?     ?   'X-RAY DIFFRACTION' ?            
t_utility_angle           ?     ? ?     ?   'X-RAY DIFFRACTION' ?            
t_utility_torsion         ?     ? ?     ?   'X-RAY DIFFRACTION' ?            
t_ideal_dist_contact      ?     ? ?     ?   'X-RAY DIFFRACTION' ?            
# 
_refine_ls_shell.pdbx_refine_id                   'X-RAY DIFFRACTION' 
_refine_ls_shell.pdbx_total_number_of_bins_used   5 
_refine_ls_shell.d_res_high                       1.65 
_refine_ls_shell.d_res_low                        1.84 
_refine_ls_shell.number_reflns_R_work             2638 
_refine_ls_shell.R_factor_R_work                  0.2189 
_refine_ls_shell.percent_reflns_obs               ? 
_refine_ls_shell.R_factor_R_free                  0.2523 
_refine_ls_shell.R_factor_R_free_error            ? 
_refine_ls_shell.percent_reflns_R_free            4.97 
_refine_ls_shell.number_reflns_R_free             138 
_refine_ls_shell.number_reflns_all                2776 
_refine_ls_shell.R_factor_all                     0.2204 
_refine_ls_shell.redundancy_reflns_obs            ? 
_refine_ls_shell.number_reflns_obs                ? 
# 
_struct.entry_id                  4E0N 
_struct.title                     'SVQIVYK segment from human Tau (305-311) displayed on 54-membered macrocycle scaffold (form II)' 
_struct.pdbx_model_details        ? 
_struct.pdbx_CASP_flag            ? 
_struct.pdbx_model_type_details   ? 
# 
_struct_keywords.entry_id        4E0N 
_struct_keywords.text            'amyloid, out-of-register, fiber-forming, macrocycle, PROTEIN FIBRIL' 
_struct_keywords.pdbx_keywords   'PROTEIN FIBRIL' 
# 
loop_
_struct_asym.id 
_struct_asym.pdbx_blank_PDB_chainid_flag 
_struct_asym.pdbx_modified 
_struct_asym.entity_id 
_struct_asym.details 
A N N 1 ? 
B N N 1 ? 
C N N 1 ? 
D N N 1 ? 
E N N 2 ? 
F N N 3 ? 
G N N 3 ? 
H N N 2 ? 
I N N 3 ? 
J N N 3 ? 
K N N 3 ? 
L N N 2 ? 
M N N 2 ? 
N N N 3 ? 
O N N 4 ? 
P N N 4 ? 
Q N N 4 ? 
R N N 4 ? 
# 
_struct_biol.id        1 
_struct_biol.details   ? 
# 
loop_
_struct_conn.id 
_struct_conn.conn_type_id 
_struct_conn.pdbx_leaving_atom_flag 
_struct_conn.pdbx_PDB_id 
_struct_conn.ptnr1_label_asym_id 
_struct_conn.ptnr1_label_comp_id 
_struct_conn.ptnr1_label_seq_id 
_struct_conn.ptnr1_label_atom_id 
_struct_conn.pdbx_ptnr1_label_alt_id 
_struct_conn.pdbx_ptnr1_PDB_ins_code 
_struct_conn.pdbx_ptnr1_standard_comp_id 
_struct_conn.ptnr1_symmetry 
_struct_conn.ptnr2_label_asym_id 
_struct_conn.ptnr2_label_comp_id 
_struct_conn.ptnr2_label_seq_id 
_struct_conn.ptnr2_label_atom_id 
_struct_conn.pdbx_ptnr2_label_alt_id 
_struct_conn.pdbx_ptnr2_PDB_ins_code 
_struct_conn.ptnr1_auth_asym_id 
_struct_conn.ptnr1_auth_comp_id 
_struct_conn.ptnr1_auth_seq_id 
_struct_conn.ptnr2_auth_asym_id 
_struct_conn.ptnr2_auth_comp_id 
_struct_conn.ptnr2_auth_seq_id 
_struct_conn.ptnr2_symmetry 
_struct_conn.pdbx_ptnr3_label_atom_id 
_struct_conn.pdbx_ptnr3_label_seq_id 
_struct_conn.pdbx_ptnr3_label_comp_id 
_struct_conn.pdbx_ptnr3_label_asym_id 
_struct_conn.pdbx_ptnr3_label_alt_id 
_struct_conn.pdbx_ptnr3_PDB_ins_code 
_struct_conn.details 
_struct_conn.pdbx_dist_value 
_struct_conn.pdbx_value_order 
_struct_conn.pdbx_role 
covale1  covale both ? A ORN 1  C  ? ? ? 1_555 A SER 2  N  ? ? A ORN 0  A SER 1  1_555 ? ? ? ? ? ? ? 1.435 ? ? 
covale2  covale both ? A ORN 1  NE ? ? ? 1_555 A LYS 14 C  ? ? A ORN 0  A LYS 13 1_555 ? ? ? ? ? ? ? 1.336 ? ? 
covale3  covale both ? A LYS 8  C  ? ? ? 1_555 A ORN 9  NE ? ? A LYS 7  A ORN 8  1_555 ? ? ? ? ? ? ? 1.380 ? ? 
covale4  covale both ? A ORN 9  C  ? ? ? 1_555 A GLU 10 N  ? ? A ORN 8  A GLU 9  1_555 ? ? ? ? ? ? ? 1.458 ? ? 
covale5  covale both ? A PHE 11 C  ? ? ? 1_555 A HAO 12 N  ? ? A PHE 10 A HAO 11 1_555 ? ? ? ? ? ? ? 1.352 ? ? 
covale6  covale both ? A HAO 12 C  ? ? ? 1_555 A 4BF 13 N  ? ? A HAO 11 A 4BF 12 1_555 ? ? ? ? ? ? ? 1.288 ? ? 
covale7  covale both ? A 4BF 13 C  ? ? ? 1_555 A LYS 14 N  ? ? A 4BF 12 A LYS 13 1_555 ? ? ? ? ? ? ? 1.277 ? ? 
covale8  covale both ? B ORN 1  C  ? ? ? 1_555 B SER 2  N  ? ? B ORN 0  B SER 1  1_555 ? ? ? ? ? ? ? 1.469 ? ? 
covale9  covale both ? B ORN 1  NE ? ? ? 1_555 B LYS 14 C  ? ? B ORN 0  B LYS 13 1_555 ? ? ? ? ? ? ? 1.341 ? ? 
covale10 covale both ? B LYS 8  C  ? ? ? 1_555 B ORN 9  NE ? ? B LYS 7  B ORN 8  1_555 ? ? ? ? ? ? ? 1.350 ? ? 
covale11 covale both ? B ORN 9  C  ? ? ? 1_555 B GLU 10 N  ? ? B ORN 8  B GLU 9  1_555 ? ? ? ? ? ? ? 1.405 ? ? 
covale12 covale both ? B PHE 11 C  ? ? ? 1_555 B HAO 12 N  ? ? B PHE 10 B HAO 11 1_555 ? ? ? ? ? ? ? 1.365 ? ? 
covale13 covale both ? B HAO 12 C  ? ? ? 1_555 B 4BF 13 N  ? ? B HAO 11 B 4BF 12 1_555 ? ? ? ? ? ? ? 1.309 ? ? 
covale14 covale both ? B 4BF 13 C  ? ? ? 1_555 B LYS 14 N  ? ? B 4BF 12 B LYS 13 1_555 ? ? ? ? ? ? ? 1.342 ? ? 
covale15 covale both ? C ORN 1  C  ? ? ? 1_555 C SER 2  N  ? ? C ORN 0  C SER 1  1_555 ? ? ? ? ? ? ? 1.413 ? ? 
covale16 covale both ? C ORN 1  NE ? ? ? 1_555 C LYS 14 C  ? ? C ORN 0  C LYS 13 1_555 ? ? ? ? ? ? ? 1.330 ? ? 
covale17 covale both ? C LYS 8  C  ? ? ? 1_555 C ORN 9  NE ? ? C LYS 7  C ORN 8  1_555 ? ? ? ? ? ? ? 1.308 ? ? 
covale18 covale both ? C ORN 9  C  ? ? ? 1_555 C GLU 10 N  ? ? C ORN 8  C GLU 9  1_555 ? ? ? ? ? ? ? 1.385 ? ? 
covale19 covale both ? C PHE 11 C  ? ? ? 1_555 C HAO 12 N  ? ? C PHE 10 C HAO 11 1_555 ? ? ? ? ? ? ? 1.381 ? ? 
covale20 covale both ? C HAO 12 C  ? ? ? 1_555 C 4BF 13 N  ? ? C HAO 11 C 4BF 12 1_555 ? ? ? ? ? ? ? 1.371 ? ? 
covale21 covale both ? C 4BF 13 C  ? ? ? 1_555 C LYS 14 N  ? ? C 4BF 12 C LYS 13 1_555 ? ? ? ? ? ? ? 1.343 ? ? 
covale22 covale both ? D ORN 1  C  ? ? ? 1_555 D SER 2  N  ? ? D ORN 0  D SER 1  1_555 ? ? ? ? ? ? ? 1.424 ? ? 
covale23 covale both ? D ORN 1  NE ? ? ? 1_555 D LYS 14 C  ? ? D ORN 0  D LYS 13 1_555 ? ? ? ? ? ? ? 1.353 ? ? 
covale24 covale both ? D LYS 8  C  ? ? ? 1_555 D ORN 9  NE ? ? D LYS 7  D ORN 8  1_555 ? ? ? ? ? ? ? 1.298 ? ? 
covale25 covale both ? D ORN 9  C  ? ? ? 1_555 D GLU 10 N  ? ? D ORN 8  D GLU 9  1_555 ? ? ? ? ? ? ? 1.535 ? ? 
covale26 covale both ? D PHE 11 C  ? ? ? 1_555 D HAO 12 N  ? ? D PHE 10 D HAO 11 1_555 ? ? ? ? ? ? ? 1.409 ? ? 
covale27 covale both ? D HAO 12 C  ? ? ? 1_555 D 4BF 13 N  ? ? D HAO 11 D 4BF 12 1_555 ? ? ? ? ? ? ? 1.354 ? ? 
covale28 covale both ? D 4BF 13 C  ? ? ? 1_555 D LYS 14 N  ? ? D 4BF 12 D LYS 13 1_555 ? ? ? ? ? ? ? 1.352 ? ? 
# 
_struct_conn_type.id          covale 
_struct_conn_type.criteria    ? 
_struct_conn_type.reference   ? 
# 
loop_
_struct_sheet.id 
_struct_sheet.type 
_struct_sheet.number_strands 
_struct_sheet.details 
A ? 2 ? 
B ? 2 ? 
# 
loop_
_struct_sheet_order.sheet_id 
_struct_sheet_order.range_id_1 
_struct_sheet_order.range_id_2 
_struct_sheet_order.offset 
_struct_sheet_order.sense 
A 1 2 ? anti-parallel 
B 1 2 ? anti-parallel 
# 
loop_
_struct_sheet_range.sheet_id 
_struct_sheet_range.id 
_struct_sheet_range.beg_label_comp_id 
_struct_sheet_range.beg_label_asym_id 
_struct_sheet_range.beg_label_seq_id 
_struct_sheet_range.pdbx_beg_PDB_ins_code 
_struct_sheet_range.end_label_comp_id 
_struct_sheet_range.end_label_asym_id 
_struct_sheet_range.end_label_seq_id 
_struct_sheet_range.pdbx_end_PDB_ins_code 
_struct_sheet_range.beg_auth_comp_id 
_struct_sheet_range.beg_auth_asym_id 
_struct_sheet_range.beg_auth_seq_id 
_struct_sheet_range.end_auth_comp_id 
_struct_sheet_range.end_auth_asym_id 
_struct_sheet_range.end_auth_seq_id 
A 1 ILE A 5 ? TYR A 7 ? ILE A 4 TYR A 6 
A 2 ILE B 5 ? TYR B 7 ? ILE B 4 TYR B 6 
B 1 ILE C 5 ? TYR C 7 ? ILE C 4 TYR C 6 
B 2 ILE D 5 ? TYR D 7 ? ILE D 4 TYR D 6 
# 
loop_
_pdbx_struct_sheet_hbond.sheet_id 
_pdbx_struct_sheet_hbond.range_id_1 
_pdbx_struct_sheet_hbond.range_id_2 
_pdbx_struct_sheet_hbond.range_1_label_atom_id 
_pdbx_struct_sheet_hbond.range_1_label_comp_id 
_pdbx_struct_sheet_hbond.range_1_label_asym_id 
_pdbx_struct_sheet_hbond.range_1_label_seq_id 
_pdbx_struct_sheet_hbond.range_1_PDB_ins_code 
_pdbx_struct_sheet_hbond.range_1_auth_atom_id 
_pdbx_struct_sheet_hbond.range_1_auth_comp_id 
_pdbx_struct_sheet_hbond.range_1_auth_asym_id 
_pdbx_struct_sheet_hbond.range_1_auth_seq_id 
_pdbx_struct_sheet_hbond.range_2_label_atom_id 
_pdbx_struct_sheet_hbond.range_2_label_comp_id 
_pdbx_struct_sheet_hbond.range_2_label_asym_id 
_pdbx_struct_sheet_hbond.range_2_label_seq_id 
_pdbx_struct_sheet_hbond.range_2_PDB_ins_code 
_pdbx_struct_sheet_hbond.range_2_auth_atom_id 
_pdbx_struct_sheet_hbond.range_2_auth_comp_id 
_pdbx_struct_sheet_hbond.range_2_auth_asym_id 
_pdbx_struct_sheet_hbond.range_2_auth_seq_id 
A 1 2 N ILE A 5 ? N ILE A 4 O TYR B 7 ? O TYR B 6 
B 1 2 N ILE C 5 ? N ILE C 4 O TYR D 7 ? O TYR D 6 
# 
loop_
_struct_site.id 
_struct_site.pdbx_evidence_code 
_struct_site.pdbx_auth_asym_id 
_struct_site.pdbx_auth_comp_id 
_struct_site.pdbx_auth_seq_id 
_struct_site.pdbx_auth_ins_code 
_struct_site.pdbx_num_residues 
_struct_site.details 
AC1 Software A PO4 101 ? 3  'BINDING SITE FOR RESIDUE PO4 A 101' 
AC2 Software A MPD 102 ? 5  'BINDING SITE FOR RESIDUE MPD A 102' 
AC3 Software B PO4 101 ? 10 'BINDING SITE FOR RESIDUE PO4 B 101' 
AC4 Software B MPD 102 ? 3  'BINDING SITE FOR RESIDUE MPD B 102' 
AC5 Software C MPD 101 ? 6  'BINDING SITE FOR RESIDUE MPD C 101' 
AC6 Software C MPD 102 ? 2  'BINDING SITE FOR RESIDUE MPD C 102' 
AC7 Software D PO4 101 ? 10 'BINDING SITE FOR RESIDUE PO4 D 101' 
AC8 Software D PO4 102 ? 10 'BINDING SITE FOR RESIDUE PO4 D 102' 
AC9 Software D MPD 103 ? 3  'BINDING SITE FOR RESIDUE MPD D 103' 
# 
loop_
_struct_site_gen.id 
_struct_site_gen.site_id 
_struct_site_gen.pdbx_num_res 
_struct_site_gen.label_comp_id 
_struct_site_gen.label_asym_id 
_struct_site_gen.label_seq_id 
_struct_site_gen.pdbx_auth_ins_code 
_struct_site_gen.auth_comp_id 
_struct_site_gen.auth_asym_id 
_struct_site_gen.auth_seq_id 
_struct_site_gen.label_atom_id 
_struct_site_gen.label_alt_id 
_struct_site_gen.symmetry 
_struct_site_gen.details 
1  AC1 3  ORN A 1  ? ORN A 0   . ? 1_555 ? 
2  AC1 3  HOH O .  ? HOH A 208 . ? 1_555 ? 
3  AC1 3  LYS D 8  ? LYS D 7   . ? 2_565 ? 
4  AC2 5  PHE A 11 ? PHE A 10  . ? 4_555 ? 
5  AC2 5  HAO A 12 ? HAO A 11  . ? 1_555 ? 
6  AC2 5  4BF A 13 ? 4BF A 12  . ? 1_555 ? 
7  AC2 5  HOH O .  ? HOH A 203 . ? 1_555 ? 
8  AC2 5  4BF B 13 ? 4BF B 12  . ? 1_565 ? 
9  AC3 10 TYR A 7  ? TYR A 6   . ? 4_555 ? 
10 AC3 10 ORN A 9  ? ORN A 8   . ? 4_555 ? 
11 AC3 10 HOH O .  ? HOH A 213 . ? 4_555 ? 
12 AC3 10 TYR B 7  ? TYR B 6   . ? 1_555 ? 
13 AC3 10 ORN B 9  ? ORN B 8   . ? 1_555 ? 
14 AC3 10 HOH P .  ? HOH B 201 . ? 1_555 ? 
15 AC3 10 HOH P .  ? HOH B 204 . ? 1_555 ? 
16 AC3 10 HOH P .  ? HOH B 209 . ? 1_555 ? 
17 AC3 10 PO4 M .  ? PO4 D 102 . ? 2_565 ? 
18 AC3 10 HOH R .  ? HOH D 207 . ? 2_565 ? 
19 AC4 3  4BF A 13 ? 4BF A 12  . ? 1_545 ? 
20 AC4 3  GLN B 4  ? GLN B 3   . ? 1_555 ? 
21 AC4 3  HAO B 12 ? HAO B 11  . ? 1_555 ? 
22 AC5 6  TYR C 7  ? TYR C 6   . ? 1_555 ? 
23 AC5 6  PHE C 11 ? PHE C 10  . ? 1_555 ? 
24 AC5 6  4BF C 13 ? 4BF C 12  . ? 4_454 ? 
25 AC5 6  HOH Q .  ? HOH C 204 . ? 1_555 ? 
26 AC5 6  VAL D 3  ? VAL D 2   . ? 4_444 ? 
27 AC5 6  4BF D 13 ? 4BF D 12  . ? 4_444 ? 
28 AC6 2  PHE C 11 ? PHE C 10  . ? 1_555 ? 
29 AC6 2  HAO C 12 ? HAO C 11  . ? 1_555 ? 
30 AC7 10 TYR C 7  ? TYR C 6   . ? 4_444 ? 
31 AC7 10 ORN C 9  ? ORN C 8   . ? 4_444 ? 
32 AC7 10 TYR D 7  ? TYR D 6   . ? 1_555 ? 
33 AC7 10 ORN D 9  ? ORN D 8   . ? 1_555 ? 
34 AC7 10 PO4 M .  ? PO4 D 102 . ? 1_555 ? 
35 AC7 10 HOH R .  ? HOH D 202 . ? 1_555 ? 
36 AC7 10 HOH R .  ? HOH D 209 . ? 4_444 ? 
37 AC7 10 HOH R .  ? HOH D 211 . ? 1_555 ? 
38 AC7 10 HOH R .  ? HOH D 212 . ? 1_555 ? 
39 AC7 10 HOH R .  ? HOH D 216 . ? 1_555 ? 
40 AC8 10 HOH O .  ? HOH A 204 . ? 3_445 ? 
41 AC8 10 ORN B 9  ? ORN B 8   . ? 2_545 ? 
42 AC8 10 PO4 H .  ? PO4 B 101 . ? 2_545 ? 
43 AC8 10 HOH Q .  ? HOH C 203 . ? 4_444 ? 
44 AC8 10 ORN D 9  ? ORN D 8   . ? 1_555 ? 
45 AC8 10 PO4 L .  ? PO4 D 101 . ? 1_555 ? 
46 AC8 10 HOH R .  ? HOH D 203 . ? 1_555 ? 
47 AC8 10 HOH R .  ? HOH D 204 . ? 1_555 ? 
48 AC8 10 HOH R .  ? HOH D 207 . ? 1_555 ? 
49 AC8 10 HOH R .  ? HOH D 212 . ? 1_555 ? 
50 AC9 3  GLU D 10 ? GLU D 9   . ? 1_555 ? 
51 AC9 3  PHE D 11 ? PHE D 10  . ? 1_555 ? 
52 AC9 3  HAO D 12 ? HAO D 11  . ? 1_555 ? 
# 
_atom_sites.entry_id                    4E0N 
_atom_sites.fract_transf_matrix[1][1]   0.01064582 
_atom_sites.fract_transf_matrix[1][2]   0.00414035 
_atom_sites.fract_transf_matrix[1][3]   0.01227117 
_atom_sites.fract_transf_matrix[2][1]   0.02071743 
_atom_sites.fract_transf_matrix[2][2]   0.02178553 
_atom_sites.fract_transf_matrix[2][3]   -0.02532386 
_atom_sites.fract_transf_matrix[3][1]   -0.00366759 
_atom_sites.fract_transf_matrix[3][2]   0.01752238 
_atom_sites.fract_transf_matrix[3][3]   0.01207364 
_atom_sites.fract_transf_vector[1]      0.000520 
_atom_sites.fract_transf_vector[2]      0.144572 
_atom_sites.fract_transf_vector[3]      -0.224864 
# 
loop_
_atom_type.symbol 
BR 
C  
N  
O  
P  
# 
loop_
_atom_site.group_PDB 
_atom_site.id 
_atom_site.type_symbol 
_atom_site.label_atom_id 
_atom_site.label_alt_id 
_atom_site.label_comp_id 
_atom_site.label_asym_id 
_atom_site.label_entity_id 
_atom_site.label_seq_id 
_atom_site.pdbx_PDB_ins_code 
_atom_site.Cartn_x 
_atom_site.Cartn_y 
_atom_site.Cartn_z 
_atom_site.occupancy 
_atom_site.B_iso_or_equiv 
_atom_site.pdbx_formal_charge 
_atom_site.auth_seq_id 
_atom_site.auth_comp_id 
_atom_site.auth_asym_id 
_atom_site.auth_atom_id 
_atom_site.pdbx_PDB_model_num 
HETATM 1   N  N   . ORN A 1 1  ? 3.261   23.228  -2.759  1.00 21.56  ? 0   ORN A N   1 
HETATM 2   C  CA  . ORN A 1 1  ? 4.174   22.089  -2.727  1.00 24.47  ? 0   ORN A CA  1 
HETATM 3   C  CB  . ORN A 1 1  ? 5.057   22.067  -3.981  1.00 29.75  ? 0   ORN A CB  1 
HETATM 4   C  CG  . ORN A 1 1  ? 4.302   21.783  -5.279  1.00 29.91  ? 0   ORN A CG  1 
HETATM 5   C  CD  . ORN A 1 1  ? 3.676   20.391  -5.359  1.00 25.86  ? 0   ORN A CD  1 
HETATM 6   N  NE  . ORN A 1 1  ? 4.679   19.320  -5.329  1.00 29.22  ? 0   ORN A NE  1 
HETATM 7   C  C   . ORN A 1 1  ? 5.040   22.143  -1.471  1.00 20.56  ? 0   ORN A C   1 
HETATM 8   O  O   . ORN A 1 1  ? 5.161   23.190  -0.822  1.00 23.25  ? 0   ORN A O   1 
ATOM   9   N  N   . SER A 1 2  ? 5.673   20.891  -1.164  1.00 17.56  ? 1   SER A N   1 
ATOM   10  C  CA  . SER A 1 2  ? 6.503   20.837  0.035   1.00 15.00  ? 1   SER A CA  1 
ATOM   11  C  C   . SER A 1 2  ? 7.371   19.593  0.046   1.00 14.47  ? 1   SER A C   1 
ATOM   12  O  O   . SER A 1 2  ? 7.205   18.700  -0.796  1.00 14.45  ? 1   SER A O   1 
ATOM   13  C  CB  . SER A 1 2  ? 5.611   20.819  1.276   1.00 14.46  ? 1   SER A CB  1 
ATOM   14  O  OG  . SER A 1 2  ? 4.948   19.569  1.440   1.00 20.59  ? 1   SER A OG  1 
ATOM   15  N  N   . VAL A 1 3  ? 8.293   19.535  1.024   1.00 10.60  ? 2   VAL A N   1 
ATOM   16  C  CA  A VAL A 1 3  ? 9.167   18.376  1.212   0.50 10.83  ? 2   VAL A CA  1 
ATOM   17  C  CA  B VAL A 1 3  ? 9.171   18.382  1.216   0.50 10.22  ? 2   VAL A CA  1 
ATOM   18  C  C   . VAL A 1 3  ? 8.318   17.203  1.728   1.00 13.00  ? 2   VAL A C   1 
ATOM   19  O  O   . VAL A 1 3  ? 7.500   17.371  2.636   1.00 13.77  ? 2   VAL A O   1 
ATOM   20  C  CB  A VAL A 1 3  ? 10.372  18.697  2.144   0.50 14.49  ? 2   VAL A CB  1 
ATOM   21  C  CB  B VAL A 1 3  ? 10.360  18.745  2.156   0.50 12.53  ? 2   VAL A CB  1 
ATOM   22  C  CG1 A VAL A 1 3  ? 9.919   19.055  3.552   0.50 14.42  ? 2   VAL A CG1 1 
ATOM   23  C  CG1 B VAL A 1 3  ? 11.038  17.502  2.740   0.50 11.99  ? 2   VAL A CG1 1 
ATOM   24  C  CG2 A VAL A 1 3  ? 11.390  17.557  2.169   0.50 14.39  ? 2   VAL A CG2 1 
ATOM   25  C  CG2 B VAL A 1 3  ? 11.379  19.621  1.422   0.50 12.56  ? 2   VAL A CG2 1 
ATOM   26  N  N   . GLN A 1 4  ? 8.466   16.052  1.110   1.00 9.64   ? 3   GLN A N   1 
ATOM   27  C  CA  . GLN A 1 4  ? 7.754   14.822  1.485   1.00 10.43  ? 3   GLN A CA  1 
ATOM   28  C  C   . GLN A 1 4  ? 8.790   13.698  1.602   1.00 12.51  ? 3   GLN A C   1 
ATOM   29  O  O   . GLN A 1 4  ? 9.554   13.441  0.659   1.00 11.44  ? 3   GLN A O   1 
ATOM   30  C  CB  . GLN A 1 4  ? 6.728   14.464  0.405   1.00 12.87  ? 3   GLN A CB  1 
ATOM   31  C  CG  . GLN A 1 4  ? 5.555   13.633  0.879   1.00 30.84  ? 3   GLN A CG  1 
ATOM   32  C  CD  . GLN A 1 4  ? 4.525   13.547  -0.221  1.00 49.70  ? 3   GLN A CD  1 
ATOM   33  O  OE1 . GLN A 1 4  ? 3.929   14.552  -0.636  1.00 42.89  ? 3   GLN A OE1 1 
ATOM   34  N  NE2 . GLN A 1 4  ? 4.347   12.356  -0.767  1.00 45.33  ? 3   GLN A NE2 1 
ATOM   35  N  N   . ILE A 1 5  ? 8.785   13.004  2.756   1.00 9.71   ? 4   ILE A N   1 
ATOM   36  C  CA  . ILE A 1 5  ? 9.705   11.883  3.009   1.00 9.00   ? 4   ILE A CA  1 
ATOM   37  C  C   . ILE A 1 5  ? 8.822   10.732  3.492   1.00 10.48  ? 4   ILE A C   1 
ATOM   38  O  O   . ILE A 1 5  ? 8.042   10.904  4.436   1.00 8.92   ? 4   ILE A O   1 
ATOM   39  C  CB  . ILE A 1 5  ? 10.800  12.252  4.061   1.00 10.74  ? 4   ILE A CB  1 
ATOM   40  C  CG1 . ILE A 1 5  ? 11.641  13.476  3.610   1.00 10.99  ? 4   ILE A CG1 1 
ATOM   41  C  CG2 . ILE A 1 5  ? 11.700  11.030  4.378   1.00 10.65  ? 4   ILE A CG2 1 
ATOM   42  C  CD1 . ILE A 1 5  ? 12.571  13.265  2.352   1.00 14.49  ? 4   ILE A CD1 1 
ATOM   43  N  N   . VAL A 1 6  ? 8.952   9.561   2.842   1.00 9.45   ? 5   VAL A N   1 
ATOM   44  C  CA  . VAL A 1 6  ? 8.167   8.377   3.141   1.00 8.73   ? 5   VAL A CA  1 
ATOM   45  C  C   . VAL A 1 6  ? 9.059   7.181   3.513   1.00 10.25  ? 5   VAL A C   1 
ATOM   46  O  O   . VAL A 1 6  ? 10.061  6.899   2.835   1.00 9.82   ? 5   VAL A O   1 
ATOM   47  C  CB  . VAL A 1 6  ? 7.219   7.992   1.951   1.00 12.95  ? 5   VAL A CB  1 
ATOM   48  C  CG1 . VAL A 1 6  ? 6.395   6.739   2.263   1.00 14.88  ? 5   VAL A CG1 1 
ATOM   49  C  CG2 . VAL A 1 6  ? 6.302   9.164   1.536   1.00 13.62  ? 5   VAL A CG2 1 
ATOM   50  N  N   . TYR A 1 7  ? 8.645   6.463   4.556   1.00 9.34   ? 6   TYR A N   1 
ATOM   51  C  CA  . TYR A 1 7  ? 9.221   5.186   4.944   1.00 9.74   ? 6   TYR A CA  1 
ATOM   52  C  C   . TYR A 1 7  ? 8.062   4.189   4.782   1.00 14.35  ? 6   TYR A C   1 
ATOM   53  O  O   . TYR A 1 7  ? 6.990   4.403   5.358   1.00 14.30  ? 6   TYR A O   1 
ATOM   54  C  CB  . TYR A 1 7  ? 9.766   5.205   6.395   1.00 10.06  ? 6   TYR A CB  1 
ATOM   55  C  CG  . TYR A 1 7  ? 10.133  3.821   6.896   1.00 11.97  ? 6   TYR A CG  1 
ATOM   56  C  CD1 . TYR A 1 7  ? 11.361  3.249   6.583   1.00 13.15  ? 6   TYR A CD1 1 
ATOM   57  C  CD2 . TYR A 1 7  ? 9.235   3.067   7.645   1.00 13.10  ? 6   TYR A CD2 1 
ATOM   58  C  CE1 . TYR A 1 7  ? 11.684  1.958   6.998   1.00 14.88  ? 6   TYR A CE1 1 
ATOM   59  C  CE2 . TYR A 1 7  ? 9.559   1.790   8.095   1.00 14.01  ? 6   TYR A CE2 1 
ATOM   60  C  CZ  . TYR A 1 7  ? 10.782  1.232   7.760   1.00 17.40  ? 6   TYR A CZ  1 
ATOM   61  O  OH  . TYR A 1 7  ? 11.107  -0.035  8.196   1.00 17.53  ? 6   TYR A OH  1 
ATOM   62  N  N   . LYS A 1 8  ? 8.245   3.132   3.962   1.00 12.26  ? 7   LYS A N   1 
ATOM   63  C  CA  . LYS A 1 8  ? 7.181   2.144   3.734   1.00 13.47  ? 7   LYS A CA  1 
ATOM   64  C  C   . LYS A 1 8  ? 7.789   0.748   3.691   1.00 15.59  ? 7   LYS A C   1 
ATOM   65  O  O   . LYS A 1 8  ? 8.499   0.423   2.740   1.00 16.08  ? 7   LYS A O   1 
ATOM   66  C  CB  . LYS A 1 8  ? 6.393   2.469   2.446   1.00 14.74  ? 7   LYS A CB  1 
ATOM   67  C  CG  . LYS A 1 8  ? 5.144   1.615   2.230   1.00 30.17  ? 7   LYS A CG  1 
ATOM   68  C  CD  . LYS A 1 8  ? 4.603   1.795   0.811   1.00 43.66  ? 7   LYS A CD  1 
ATOM   69  C  CE  . LYS A 1 8  ? 3.574   0.754   0.433   1.00 56.86  ? 7   LYS A CE  1 
ATOM   70  N  NZ  . LYS A 1 8  ? 2.251   1.014   1.053   1.00 62.93  ? 7   LYS A NZ  1 
HETATM 71  N  N   . ORN A 1 9  ? 11.420  -2.763  3.665   1.00 20.47  ? 8   ORN A N   1 
HETATM 72  C  CA  . ORN A 1 9  ? 10.897  -1.405  3.506   1.00 13.13  ? 8   ORN A CA  1 
HETATM 73  C  CB  . ORN A 1 9  ? 10.563  -0.779  4.864   1.00 15.81  ? 8   ORN A CB  1 
HETATM 74  C  CG  . ORN A 1 9  ? 9.353   -1.402  5.604   1.00 15.64  ? 8   ORN A CG  1 
HETATM 75  C  CD  . ORN A 1 9  ? 8.020   -1.371  4.843   1.00 15.28  ? 8   ORN A CD  1 
HETATM 76  N  NE  . ORN A 1 9  ? 7.457   -0.016  4.791   1.00 15.16  ? 8   ORN A NE  1 
HETATM 77  C  C   . ORN A 1 9  ? 11.942  -0.535  2.793   1.00 15.32  ? 8   ORN A C   1 
HETATM 78  O  O   . ORN A 1 9  ? 13.071  -0.977  2.579   1.00 22.69  ? 8   ORN A O   1 
ATOM   79  N  N   . GLU A 1 10 ? 11.135  0.452   2.085   1.00 12.74  ? 9   GLU A N   1 
ATOM   80  C  CA  . GLU A 1 10 ? 11.918  1.460   1.360   1.00 13.13  ? 9   GLU A CA  1 
ATOM   81  C  C   . GLU A 1 10 ? 11.821  2.852   2.002   1.00 13.91  ? 9   GLU A C   1 
ATOM   82  O  O   . GLU A 1 10 ? 10.905  3.115   2.785   1.00 14.13  ? 9   GLU A O   1 
ATOM   83  C  CB  . GLU A 1 10 ? 11.521  1.508   -0.131  1.00 14.74  ? 9   GLU A CB  1 
ATOM   84  C  CG  . GLU A 1 10 ? 11.661  0.179   -0.883  1.00 24.87  ? 9   GLU A CG  1 
ATOM   85  C  CD  . GLU A 1 10 ? 13.023  -0.493  -0.957  1.00 46.54  ? 9   GLU A CD  1 
ATOM   86  O  OE1 . GLU A 1 10 ? 14.053  0.182   -0.727  1.00 33.18  ? 9   GLU A OE1 1 
ATOM   87  O  OE2 . GLU A 1 10 ? 13.055  -1.708  -1.262  1.00 48.51  ? 9   GLU A OE2 1 
ATOM   88  N  N   . PHE A 1 11 ? 12.765  3.743   1.648   1.00 11.96  ? 10  PHE A N   1 
ATOM   89  C  CA  . PHE A 1 11 ? 12.838  5.107   2.176   1.00 10.42  ? 10  PHE A CA  1 
ATOM   90  C  C   . PHE A 1 11 ? 13.032  6.104   1.033   1.00 12.06  ? 10  PHE A C   1 
ATOM   91  O  O   . PHE A 1 11 ? 13.923  5.912   0.195   1.00 12.70  ? 10  PHE A O   1 
ATOM   92  C  CB  . PHE A 1 11 ? 13.982  5.204   3.195   1.00 12.02  ? 10  PHE A CB  1 
ATOM   93  C  CG  . PHE A 1 11 ? 14.185  6.552   3.840   1.00 13.02  ? 10  PHE A CG  1 
ATOM   94  C  CD1 . PHE A 1 11 ? 15.121  7.448   3.336   1.00 15.86  ? 10  PHE A CD1 1 
ATOM   95  C  CD2 . PHE A 1 11 ? 13.481  6.906   4.988   1.00 14.32  ? 10  PHE A CD2 1 
ATOM   96  C  CE1 . PHE A 1 11 ? 15.296  8.708   3.927   1.00 16.99  ? 10  PHE A CE1 1 
ATOM   97  C  CE2 . PHE A 1 11 ? 13.657  8.164   5.575   1.00 17.27  ? 10  PHE A CE2 1 
ATOM   98  C  CZ  . PHE A 1 11 ? 14.585  9.042   5.059   1.00 15.30  ? 10  PHE A CZ  1 
HETATM 99  N  N   . HAO A 1 12 ? 12.187  7.157   0.975   1.00 10.57  ? 11  HAO A N   1 
HETATM 100 N  N9  . HAO A 1 12 ? 12.523  8.048   0.143   1.00 7.07   ? 11  HAO A N9  1 
HETATM 101 C  C10 . HAO A 1 12 ? 11.864  9.206   0.095   1.00 7.99   ? 11  HAO A C10 1 
HETATM 102 O  O11 . HAO A 1 12 ? 10.916  9.482   0.833   1.00 9.20   ? 11  HAO A O11 1 
HETATM 103 C  CA  . HAO A 1 12 ? 12.356  10.257  -0.912  1.00 6.57   ? 11  HAO A CA  1 
HETATM 104 C  C13 . HAO A 1 12 ? 11.729  11.513  -0.908  1.00 14.08  ? 11  HAO A C13 1 
HETATM 105 C  C14 . HAO A 1 12 ? 13.447  10.023  -1.785  1.00 6.55   ? 11  HAO A C14 1 
HETATM 106 C  C15 . HAO A 1 12 ? 15.119  8.623   -2.766  1.00 17.21  ? 11  HAO A C15 1 
HETATM 107 O  O15 . HAO A 1 12 ? 14.087  8.823   -1.765  1.00 12.93  ? 11  HAO A O15 1 
HETATM 108 C  C17 . HAO A 1 12 ? 13.864  11.067  -2.630  1.00 7.06   ? 11  HAO A C17 1 
HETATM 109 C  C18 . HAO A 1 12 ? 13.204  12.320  -2.602  1.00 9.51   ? 11  HAO A C18 1 
HETATM 110 C  C19 . HAO A 1 12 ? 12.101  12.550  -1.766  1.00 16.71  ? 11  HAO A C19 1 
HETATM 111 N  N20 . HAO A 1 12 ? 11.404  13.723  -1.712  1.00 11.91  ? 11  HAO A N20 1 
HETATM 112 C  C21 . HAO A 1 12 ? 11.513  14.798  -2.520  1.00 7.80   ? 11  HAO A C21 1 
HETATM 113 O  O22 . HAO A 1 12 ? 12.326  14.886  -3.462  1.00 9.60   ? 11  HAO A O22 1 
HETATM 114 C  C   . HAO A 1 12 ? 10.569  15.991  -2.260  1.00 14.31  ? 11  HAO A C   1 
HETATM 115 O  OXT . HAO A 1 12 ? 9.743   15.904  -1.351  1.00 17.00  ? 11  HAO A OXT 1 
HETATM 116 C  CD1 A 4BF A 1 13 ? 11.935  19.630  -1.335  0.50 19.15  ? 12  4BF A CD1 1 
HETATM 117 C  CD1 B 4BF A 1 13 ? 9.877   21.369  -1.993  0.50 9.71   ? 12  4BF A CD1 1 
HETATM 118 C  CE1 A 4BF A 1 13 ? 12.448  20.389  -0.276  0.50 11.15  ? 12  4BF A CE1 1 
HETATM 119 C  CE1 B 4BF A 1 13 ? 9.250   22.617  -1.872  0.50 10.42  ? 12  4BF A CE1 1 
HETATM 120 C  CZ  A 4BF A 1 13 ? 11.949  21.667  -0.031  0.50 13.77  ? 12  4BF A CZ  1 
HETATM 121 C  CZ  B 4BF A 1 13 ? 8.542   23.152  -2.941  0.50 12.55  ? 12  4BF A CZ  1 
HETATM 122 BR BR  A 4BF A 1 13 ? 12.648  22.726  1.371   0.50 27.62  ? 12  4BF A BR  1 
HETATM 123 BR BR  B 4BF A 1 13 ? 7.690   24.838  -2.761  0.50 26.34  ? 12  4BF A BR  1 
HETATM 124 C  CE2 A 4BF A 1 13 ? 10.961  22.199  -0.849  0.50 19.49  ? 12  4BF A CE2 1 
HETATM 125 C  CE2 B 4BF A 1 13 ? 8.459   22.461  -4.145  0.50 10.88  ? 12  4BF A CE2 1 
HETATM 126 C  CD2 A 4BF A 1 13 ? 10.453  21.451  -1.909  0.50 30.65  ? 12  4BF A CD2 1 
HETATM 127 C  CD2 B 4BF A 1 13 ? 9.094   21.222  -4.276  0.50 14.09  ? 12  4BF A CD2 1 
HETATM 128 C  CG  A 4BF A 1 13 ? 10.930  20.164  -2.148  0.50 29.01  ? 12  4BF A CG  1 
HETATM 129 C  CG  B 4BF A 1 13 ? 9.787   20.666  -3.198  0.50 9.50   ? 12  4BF A CG  1 
HETATM 130 C  CB  A 4BF A 1 13 ? 10.396  19.403  -3.339  0.50 11.17  ? 12  4BF A CB  1 
HETATM 131 C  CB  B 4BF A 1 13 ? 10.523  19.359  -3.377  0.50 10.12  ? 12  4BF A CB  1 
HETATM 132 C  CA  A 4BF A 1 13 ? 9.687   18.113  -2.972  0.50 11.83  ? 12  4BF A CA  1 
HETATM 133 C  CA  B 4BF A 1 13 ? 9.710   18.133  -2.996  0.50 13.48  ? 12  4BF A CA  1 
HETATM 134 N  N   . 4BF A 1 13 ? 10.658  17.026  -3.021  0.60 7.68   ? 12  4BF A N   1 
HETATM 135 C  C   . 4BF A 1 13 ? 8.638   17.866  -4.032  0.60 12.59  ? 12  4BF A C   1 
HETATM 136 O  O   . 4BF A 1 13 ? 8.961   17.568  -5.178  0.60 11.13  ? 12  4BF A O   1 
ATOM   137 N  N   . LYS A 1 14 ? 7.414   17.881  -3.667  1.00 13.46  ? 13  LYS A N   1 
ATOM   138 C  CA  . LYS A 1 14 ? 6.241   17.583  -4.487  1.00 27.08  ? 13  LYS A CA  1 
ATOM   139 C  C   . LYS A 1 14 ? 5.208   18.676  -4.285  1.00 29.78  ? 13  LYS A C   1 
ATOM   140 O  O   . LYS A 1 14 ? 4.880   18.968  -3.147  1.00 19.48  ? 13  LYS A O   1 
ATOM   141 C  CB  . LYS A 1 14 ? 5.656   16.205  -4.129  1.00 29.33  ? 13  LYS A CB  1 
HETATM 142 N  N   . ORN B 1 1  ? 0.380   -6.425  4.309   1.00 41.03  ? 0   ORN B N   1 
HETATM 143 C  CA  . ORN B 1 1  ? 0.368   -5.164  5.048   1.00 44.63  ? 0   ORN B CA  1 
HETATM 144 C  CB  . ORN B 1 1  ? -0.563  -5.258  6.260   1.00 46.98  ? 0   ORN B CB  1 
HETATM 145 C  CG  . ORN B 1 1  ? -2.042  -5.372  5.911   1.00 73.36  ? 0   ORN B CG  1 
HETATM 146 C  CD  . ORN B 1 1  ? -2.543  -4.324  4.923   1.00 33.47  ? 0   ORN B CD  1 
HETATM 147 N  NE  . ORN B 1 1  ? -2.562  -2.982  5.496   1.00 50.11  ? 0   ORN B NE  1 
HETATM 148 C  C   . ORN B 1 1  ? 1.768   -4.749  5.496   1.00 26.10  ? 0   ORN B C   1 
HETATM 149 O  O   . ORN B 1 1  ? 2.646   -5.596  5.681   1.00 63.30  ? 0   ORN B O   1 
ATOM   150 N  N   . SER B 1 2  ? 1.950   -3.303  5.681   1.00 18.92  ? 1   SER B N   1 
ATOM   151 C  CA  . SER B 1 2  ? 3.248   -2.793  6.103   1.00 17.42  ? 1   SER B CA  1 
ATOM   152 C  C   . SER B 1 2  ? 3.168   -1.445  6.837   1.00 17.17  ? 1   SER B C   1 
ATOM   153 O  O   . SER B 1 2  ? 2.175   -0.716  6.728   1.00 16.18  ? 1   SER B O   1 
ATOM   154 C  CB  . SER B 1 2  ? 4.182   -2.687  4.901   1.00 22.71  ? 1   SER B CB  1 
ATOM   155 O  OG  . SER B 1 2  ? 3.722   -1.719  3.974   1.00 33.33  ? 1   SER B OG  1 
ATOM   156 N  N   . VAL B 1 3  ? 4.222   -1.141  7.605   1.00 11.97  ? 2   VAL B N   1 
ATOM   157 C  CA  . VAL B 1 3  ? 4.361   0.105   8.361   1.00 11.64  ? 2   VAL B CA  1 
ATOM   158 C  C   . VAL B 1 3  ? 4.630   1.216   7.347   1.00 13.54  ? 2   VAL B C   1 
ATOM   159 O  O   . VAL B 1 3  ? 5.452   1.040   6.457   1.00 13.41  ? 2   VAL B O   1 
ATOM   160 C  CB  . VAL B 1 3  ? 5.544   0.000   9.363   1.00 16.34  ? 2   VAL B CB  1 
ATOM   161 C  CG1 . VAL B 1 3  ? 5.722   1.281   10.177  1.00 15.39  ? 2   VAL B CG1 1 
ATOM   162 C  CG2 . VAL B 1 3  ? 5.370   -1.179  10.283  1.00 18.02  ? 2   VAL B CG2 1 
ATOM   163 N  N   . GLN B 1 4  ? 3.927   2.344   7.477   1.00 9.23   ? 3   GLN B N   1 
ATOM   164 C  CA  . GLN B 1 4  ? 4.135   3.491   6.610   1.00 9.37   ? 3   GLN B CA  1 
ATOM   165 C  C   . GLN B 1 4  ? 4.217   4.723   7.522   1.00 10.69  ? 3   GLN B C   1 
ATOM   166 O  O   . GLN B 1 4  ? 3.336   4.938   8.356   1.00 8.47   ? 3   GLN B O   1 
ATOM   167 C  CB  . GLN B 1 4  ? 2.995   3.624   5.585   1.00 11.40  ? 3   GLN B CB  1 
ATOM   168 C  CG  . GLN B 1 4  ? 3.186   4.821   4.640   1.00 21.58  ? 3   GLN B CG  1 
ATOM   169 C  CD  . GLN B 1 4  ? 2.225   4.880   3.471   1.00 45.58  ? 3   GLN B CD  1 
ATOM   170 O  OE1 . GLN B 1 4  ? 1.086   4.397   3.524   1.00 44.71  ? 3   GLN B OE1 1 
ATOM   171 N  NE2 . GLN B 1 4  ? 2.658   5.521   2.394   1.00 41.84  ? 3   GLN B NE2 1 
ATOM   172 N  N   . ILE B 1 5  ? 5.293   5.506   7.361   1.00 7.34   ? 4   ILE B N   1 
ATOM   173 C  CA  . ILE B 1 5  ? 5.565   6.726   8.126   1.00 7.48   ? 4   ILE B CA  1 
ATOM   174 C  C   . ILE B 1 5  ? 5.766   7.840   7.114   1.00 9.69   ? 4   ILE B C   1 
ATOM   175 O  O   . ILE B 1 5  ? 6.567   7.685   6.172   1.00 9.26   ? 4   ILE B O   1 
ATOM   176 C  CB  . ILE B 1 5  ? 6.804   6.536   9.056   1.00 9.40   ? 4   ILE B CB  1 
ATOM   177 C  CG1 . ILE B 1 5  ? 6.635   5.344   10.033  1.00 10.12  ? 4   ILE B CG1 1 
ATOM   178 C  CG2 . ILE B 1 5  ? 7.133   7.838   9.798   1.00 10.60  ? 4   ILE B CG2 1 
ATOM   179 C  CD1 . ILE B 1 5  ? 5.649   5.529   11.197  1.00 8.72   ? 4   ILE B CD1 1 
ATOM   180 N  N   . VAL B 1 6  ? 5.014   8.950   7.272   1.00 7.60   ? 5   VAL B N   1 
ATOM   181 C  CA  . VAL B 1 6  ? 5.089   10.072  6.329   1.00 8.27   ? 5   VAL B CA  1 
ATOM   182 C  C   . VAL B 1 6  ? 5.476   11.356  7.042   1.00 11.23  ? 5   VAL B C   1 
ATOM   183 O  O   . VAL B 1 6  ? 4.901   11.677  8.081   1.00 9.47   ? 5   VAL B O   1 
ATOM   184 C  CB  . VAL B 1 6  ? 3.744   10.252  5.539   1.00 13.31  ? 5   VAL B CB  1 
ATOM   185 C  CG1 . VAL B 1 6  ? 3.738   11.519  4.655   1.00 14.32  ? 5   VAL B CG1 1 
ATOM   186 C  CG2 . VAL B 1 6  ? 3.413   9.011   4.715   1.00 13.59  ? 5   VAL B CG2 1 
ATOM   187 N  N   . TYR B 1 7  ? 6.403   12.115  6.437   1.00 9.30   ? 6   TYR B N   1 
ATOM   188 C  CA  . TYR B 1 7  ? 6.760   13.454  6.874   1.00 9.10   ? 6   TYR B CA  1 
ATOM   189 C  C   . TYR B 1 7  ? 6.378   14.340  5.695   1.00 11.44  ? 6   TYR B C   1 
ATOM   190 O  O   . TYR B 1 7  ? 6.877   14.134  4.579   1.00 11.07  ? 6   TYR B O   1 
ATOM   191 C  CB  . TYR B 1 7  ? 8.279   13.569  7.160   1.00 10.71  ? 6   TYR B CB  1 
ATOM   192 C  CG  . TYR B 1 7  ? 8.764   14.989  7.376   1.00 10.35  ? 6   TYR B CG  1 
ATOM   193 C  CD1 . TYR B 1 7  ? 8.580   15.634  8.600   1.00 11.42  ? 6   TYR B CD1 1 
ATOM   194 C  CD2 . TYR B 1 7  ? 9.418   15.684  6.365   1.00 11.69  ? 6   TYR B CD2 1 
ATOM   195 C  CE1 . TYR B 1 7  ? 9.038   16.930  8.811   1.00 10.81  ? 6   TYR B CE1 1 
ATOM   196 C  CE2 . TYR B 1 7  ? 9.882   16.987  6.564   1.00 13.22  ? 6   TYR B CE2 1 
ATOM   197 C  CZ  . TYR B 1 7  ? 9.708   17.598  7.798   1.00 15.28  ? 6   TYR B CZ  1 
ATOM   198 O  OH  . TYR B 1 7  ? 10.186  18.870  8.017   1.00 14.68  ? 6   TYR B OH  1 
ATOM   199 N  N   . LYS B 1 8  ? 5.469   15.295  5.903   1.00 9.37   ? 7   LYS B N   1 
ATOM   200 C  CA  . LYS B 1 8  ? 5.037   16.159  4.808   1.00 9.56   ? 7   LYS B CA  1 
ATOM   201 C  C   . LYS B 1 8  ? 5.013   17.618  5.280   1.00 13.30  ? 7   LYS B C   1 
ATOM   202 O  O   . LYS B 1 8  ? 4.136   18.005  6.044   1.00 12.38  ? 7   LYS B O   1 
ATOM   203 C  CB  . LYS B 1 8  ? 3.670   15.675  4.269   1.00 12.49  ? 7   LYS B CB  1 
ATOM   204 C  CG  . LYS B 1 8  ? 3.107   16.509  3.114   1.00 22.87  ? 7   LYS B CG  1 
ATOM   205 C  CD  . LYS B 1 8  ? 1.631   16.174  2.876   1.00 31.01  ? 7   LYS B CD  1 
ATOM   206 C  CE  . LYS B 1 8  ? 1.090   16.774  1.602   1.00 44.02  ? 7   LYS B CE  1 
ATOM   207 N  NZ  . LYS B 1 8  ? -0.349  16.444  1.424   1.00 49.69  ? 7   LYS B NZ  1 
HETATM 208 N  N   . ORN B 1 9  ? 5.527   21.139  9.054   1.00 12.42  ? 8   ORN B N   1 
HETATM 209 C  CA  . ORN B 1 9  ? 5.229   19.866  8.416   1.00 10.12  ? 8   ORN B CA  1 
HETATM 210 C  CB  . ORN B 1 9  ? 6.508   19.282  7.787   1.00 12.22  ? 8   ORN B CB  1 
HETATM 211 C  CG  . ORN B 1 9  ? 6.990   20.014  6.518   1.00 14.50  ? 8   ORN B CG  1 
HETATM 212 C  CD  . ORN B 1 9  ? 6.052   19.855  5.307   1.00 12.30  ? 8   ORN B CD  1 
HETATM 213 N  NE  . ORN B 1 9  ? 5.993   18.455  4.876   1.00 11.21  ? 8   ORN B NE  1 
HETATM 214 C  C   . ORN B 1 9  ? 4.632   18.886  9.447   1.00 14.14  ? 8   ORN B C   1 
HETATM 215 O  O   . ORN B 1 9  ? 4.937   18.964  10.641  1.00 16.07  ? 8   ORN B O   1 
ATOM   216 N  N   . GLU B 1 10 ? 3.765   17.997  8.790   1.00 10.94  ? 9   GLU B N   1 
ATOM   217 C  CA  . GLU B 1 10 ? 3.064   16.949  9.530   1.00 11.24  ? 9   GLU B CA  1 
ATOM   218 C  C   . GLU B 1 10 ? 3.930   15.663  9.586   1.00 12.96  ? 9   GLU B C   1 
ATOM   219 O  O   . GLU B 1 10 ? 4.745   15.405  8.697   1.00 13.76  ? 9   GLU B O   1 
ATOM   220 C  CB  . GLU B 1 10 ? 1.732   16.605  8.847   1.00 13.51  ? 9   GLU B CB  1 
ATOM   221 C  CG  . GLU B 1 10 ? 0.742   17.753  8.719   1.00 26.60  ? 9   GLU B CG  1 
ATOM   222 C  CD  . GLU B 1 10 ? -0.358  17.389  7.745   1.00 44.21  ? 9   GLU B CD  1 
ATOM   223 O  OE1 . GLU B 1 10 ? -0.117  17.477  6.517   1.00 36.48  ? 9   GLU B OE1 1 
ATOM   224 O  OE2 . GLU B 1 10 ? -1.418  16.907  8.205   1.00 35.36  ? 9   GLU B OE2 1 
ATOM   225 N  N   . PHE B 1 11 ? 3.699   14.840  10.602  1.00 9.70   ? 10  PHE B N   1 
ATOM   226 C  CA  . PHE B 1 11 ? 4.427   13.580  10.739  1.00 9.09   ? 10  PHE B CA  1 
ATOM   227 C  C   . PHE B 1 11 ? 3.494   12.492  11.241  1.00 13.46  ? 10  PHE B C   1 
ATOM   228 O  O   . PHE B 1 11 ? 2.873   12.672  12.284  1.00 12.79  ? 10  PHE B O   1 
ATOM   229 C  CB  . PHE B 1 11 ? 5.597   13.764  11.722  1.00 10.35  ? 10  PHE B CB  1 
ATOM   230 C  CG  . PHE B 1 11 ? 6.392   12.508  11.987  1.00 10.73  ? 10  PHE B CG  1 
ATOM   231 C  CD1 . PHE B 1 11 ? 6.135   11.726  13.107  1.00 13.08  ? 10  PHE B CD1 1 
ATOM   232 C  CD2 . PHE B 1 11 ? 7.398   12.105  11.111  1.00 12.26  ? 10  PHE B CD2 1 
ATOM   233 C  CE1 . PHE B 1 11 ? 6.863   10.553  13.342  1.00 13.85  ? 10  PHE B CE1 1 
ATOM   234 C  CE2 . PHE B 1 11 ? 8.150   10.956  11.369  1.00 14.46  ? 10  PHE B CE2 1 
ATOM   235 C  CZ  . PHE B 1 11 ? 7.866   10.181  12.473  1.00 12.58  ? 10  PHE B CZ  1 
HETATM 236 N  N   . HAO B 1 12 ? 3.435   11.329  10.529  1.00 10.84  ? 11  HAO B N   1 
HETATM 237 N  N9  . HAO B 1 12 ? 2.717   10.424  11.018  1.00 7.69   ? 11  HAO B N9  1 
HETATM 238 C  C10 . HAO B 1 12 ? 2.664   9.241   10.406  1.00 12.19  ? 11  HAO B C10 1 
HETATM 239 O  O11 . HAO B 1 12 ? 3.312   8.984   9.377   1.00 10.98  ? 11  HAO B O11 1 
HETATM 240 C  CA  . HAO B 1 12 ? 1.863   8.141   11.126  1.00 7.48   ? 11  HAO B CA  1 
HETATM 241 C  C13 . HAO B 1 12 ? 1.896   6.844   10.595  1.00 8.85   ? 11  HAO B C13 1 
HETATM 242 C  C14 . HAO B 1 12 ? 1.153   8.376   12.316  1.00 7.91   ? 11  HAO B C14 1 
HETATM 243 C  C15 . HAO B 1 12 ? 0.328   9.784   14.073  1.00 14.69  ? 11  HAO B C15 1 
HETATM 244 O  O15 . HAO B 1 12 ? 1.120   9.647   12.857  1.00 11.34  ? 11  HAO B O15 1 
HETATM 245 C  C17 . HAO B 1 12 ? 0.487   7.295   12.933  1.00 9.52   ? 11  HAO B C17 1 
HETATM 246 C  C18 . HAO B 1 12 ? 0.565   5.992   12.407  1.00 10.87  ? 11  HAO B C18 1 
HETATM 247 C  C19 . HAO B 1 12 ? 1.207   5.783   11.183  1.00 7.41   ? 11  HAO B C19 1 
HETATM 248 N  N20 . HAO B 1 12 ? 1.324   4.579   10.593  1.00 10.38  ? 11  HAO B N20 1 
HETATM 249 C  C21 . HAO B 1 12 ? 0.525   3.509   10.774  1.00 10.75  ? 11  HAO B C21 1 
HETATM 250 O  O22 . HAO B 1 12 ? -0.460  3.477   11.523  1.00 12.67  ? 11  HAO B O22 1 
HETATM 251 C  C   . HAO B 1 12 ? 0.851   2.249   9.959   1.00 14.67  ? 11  HAO B C   1 
HETATM 252 O  OXT . HAO B 1 12 ? 1.787   2.264   9.152   1.00 13.03  ? 11  HAO B OXT 1 
HETATM 253 C  CD1 A 4BF B 1 13 ? 1.339   -2.981  9.688   0.50 12.09  ? 12  4BF B CD1 1 
HETATM 254 C  CD1 B 4BF B 1 13 ? 1.905   -1.227  11.389  0.50 9.28   ? 12  4BF B CD1 1 
HETATM 255 C  CE1 A 4BF B 1 13 ? 1.598   -4.341  9.464   0.50 19.51  ? 12  4BF B CE1 1 
HETATM 256 C  CE1 B 4BF B 1 13 ? 3.034   -1.867  11.884  0.50 10.09  ? 12  4BF B CE1 1 
HETATM 257 C  CZ  A 4BF B 1 13 ? 0.576   -5.282  9.585   0.50 16.89  ? 12  4BF B CZ  1 
HETATM 258 C  CZ  B 4BF B 1 13 ? 3.461   -3.075  11.345  0.50 12.53  ? 12  4BF B CZ  1 
HETATM 259 BR BR  A 4BF B 1 13 ? 0.897   -7.129  9.291   0.50 38.36  ? 12  4BF B BR  1 
HETATM 260 BR BR  B 4BF B 1 13 ? 5.096   -3.791  11.957  0.50 24.74  ? 12  4BF B BR  1 
HETATM 261 C  CE2 A 4BF B 1 13 ? -0.699  -4.867  9.948   0.50 24.87  ? 12  4BF B CE2 1 
HETATM 262 C  CE2 B 4BF B 1 13 ? 2.752   -3.670  10.309  0.50 27.77  ? 12  4BF B CE2 1 
HETATM 263 C  CD2 A 4BF B 1 13 ? -0.961  -3.518  10.190  0.50 26.54  ? 12  4BF B CD2 1 
HETATM 264 C  CD2 B 4BF B 1 13 ? 1.581   -3.068  9.851   0.50 8.64   ? 12  4BF B CD2 1 
HETATM 265 C  CG  A 4BF B 1 13 ? 0.041   -2.565  10.024  0.50 16.84  ? 12  4BF B CG  1 
HETATM 266 C  CG  B 4BF B 1 13 ? 1.158   -1.854  10.404  0.50 11.60  ? 12  4BF B CG  1 
HETATM 267 C  CB  A 4BF B 1 13 ? -0.306  -1.123  10.358  0.50 19.28  ? 12  4BF B CB  1 
HETATM 268 C  CB  B 4BF B 1 13 ? -0.144  -1.238  9.985   0.50 10.77  ? 12  4BF B CB  1 
HETATM 269 C  CA  A 4BF B 1 13 ? -0.037  -0.042  9.307   0.50 23.34  ? 12  4BF B CA  1 
HETATM 270 C  CA  B 4BF B 1 13 ? 0.031   0.038   9.193   0.50 7.54   ? 12  4BF B CA  1 
HETATM 271 N  N   . 4BF B 1 13 ? 0.106   1.179   10.082  0.60 7.32   ? 12  4BF B N   1 
HETATM 272 C  C   . 4BF B 1 13 ? -1.217  0.156   8.365   0.60 28.63  ? 12  4BF B C   1 
HETATM 273 O  O   . 4BF B 1 13 ? -2.340  0.185   8.844   0.60 17.76  ? 12  4BF B O   1 
ATOM   274 N  N   . LYS B 1 14 ? -0.996  -0.518  7.226   1.00 29.54  ? 13  LYS B N   1 
ATOM   275 C  CA  . LYS B 1 14 ? -1.943  -0.761  6.138   1.00 46.79  ? 13  LYS B CA  1 
ATOM   276 C  C   . LYS B 1 14 ? -1.594  -2.057  5.425   1.00 54.37  ? 13  LYS B C   1 
ATOM   277 O  O   . LYS B 1 14 ? -0.500  -2.172  4.880   1.00 23.68  ? 13  LYS B O   1 
ATOM   278 C  CB  . LYS B 1 14 ? -1.955  0.422   5.158   1.00 48.85  ? 13  LYS B CB  1 
HETATM 279 N  N   . ORN C 1 1  ? -15.954 -5.480  7.951   1.00 26.02  ? 0   ORN C N   1 
HETATM 280 C  CA  . ORN C 1 1  ? -15.447 -6.705  7.338   1.00 17.32  ? 0   ORN C CA  1 
HETATM 281 C  CB  . ORN C 1 1  ? -15.565 -7.889  8.306   1.00 20.59  ? 0   ORN C CB  1 
HETATM 282 C  CG  . ORN C 1 1  ? -14.645 -7.801  9.528   1.00 27.49  ? 0   ORN C CG  1 
HETATM 283 C  CD  . ORN C 1 1  ? -13.164 -7.638  9.198   1.00 47.71  ? 0   ORN C CD  1 
HETATM 284 N  NE  . ORN C 1 1  ? -12.602 -8.803  8.511   1.00 37.87  ? 0   ORN C NE  1 
HETATM 285 C  C   . ORN C 1 1  ? -16.196 -7.007  6.041   1.00 16.04  ? 0   ORN C C   1 
HETATM 286 O  O   . ORN C 1 1  ? -17.326 -6.545  5.842   1.00 20.52  ? 0   ORN C O   1 
ATOM   287 N  N   . SER C 1 2  ? -15.526 -7.852  5.128   1.00 16.85  ? 1   SER C N   1 
ATOM   288 C  CA  . SER C 1 2  ? -16.101 -8.204  3.828   1.00 14.18  ? 1   SER C CA  1 
ATOM   289 C  C   . SER C 1 2  ? -15.315 -9.310  3.175   1.00 12.82  ? 1   SER C C   1 
ATOM   290 O  O   . SER C 1 2  ? -14.237 -9.671  3.659   1.00 11.88  ? 1   SER C O   1 
ATOM   291 C  CB  . SER C 1 2  ? -16.078 -6.988  2.906   1.00 14.50  ? 1   SER C CB  1 
ATOM   292 O  OG  . SER C 1 2  ? -14.768 -6.639  2.461   1.00 18.73  ? 1   SER C OG  1 
ATOM   293 N  N   . VAL C 1 3  ? -15.835 -9.823  2.043   1.00 9.69   ? 2   VAL C N   1 
ATOM   294 C  CA  . VAL C 1 3  ? -15.124 -10.829 1.248   1.00 10.94  ? 2   VAL C CA  1 
ATOM   295 C  C   . VAL C 1 3  ? -13.895 -10.164 0.626   1.00 13.88  ? 2   VAL C C   1 
ATOM   296 O  O   . VAL C 1 3  ? -14.011 -9.097  0.027   1.00 13.54  ? 2   VAL C O   1 
ATOM   297 C  CB  . VAL C 1 3  ? -16.011 -11.456 0.127   1.00 16.23  ? 2   VAL C CB  1 
ATOM   298 C  CG1 . VAL C 1 3  ? -15.245 -12.501 -0.675  1.00 15.99  ? 2   VAL C CG1 1 
ATOM   299 C  CG2 . VAL C 1 3  ? -17.243 -12.097 0.707   1.00 17.11  ? 2   VAL C CG2 1 
ATOM   300 N  N   . GLN C 1 4  ? -12.736 -10.809 0.746   1.00 9.53   ? 3   GLN C N   1 
ATOM   301 C  CA  . GLN C 1 4  ? -11.484 -10.344 0.120   1.00 10.09  ? 3   GLN C CA  1 
ATOM   302 C  C   . GLN C 1 4  ? -10.852 -11.533 -0.622  1.00 13.32  ? 3   GLN C C   1 
ATOM   303 O  O   . GLN C 1 4  ? -10.650 -12.603 -0.039  1.00 12.22  ? 3   GLN C O   1 
ATOM   304 C  CB  . GLN C 1 4  ? -10.516 -9.814  1.178   1.00 12.70  ? 3   GLN C CB  1 
ATOM   305 C  CG  . GLN C 1 4  ? -9.326  -9.041  0.628   1.00 24.15  ? 3   GLN C CG  1 
ATOM   306 C  CD  . GLN C 1 4  ? -8.559  -8.350  1.733   1.00 47.44  ? 3   GLN C CD  1 
ATOM   307 O  OE1 . GLN C 1 4  ? -9.134  -7.792  2.683   1.00 39.89  ? 3   GLN C OE1 1 
ATOM   308 N  NE2 . GLN C 1 4  ? -7.242  -8.376  1.632   1.00 46.22  ? 3   GLN C NE2 1 
ATOM   309 N  N   . ILE C 1 5  ? -10.539 -11.334 -1.904  1.00 10.51  ? 4   ILE C N   1 
ATOM   310 C  CA  . ILE C 1 5  ? -9.939  -12.363 -2.760  1.00 9.73   ? 4   ILE C CA  1 
ATOM   311 C  C   . ILE C 1 5  ? -8.712  -11.702 -3.385  1.00 11.93  ? 4   ILE C C   1 
ATOM   312 O  O   . ILE C 1 5  ? -8.835  -10.628 -3.983  1.00 11.25  ? 4   ILE C O   1 
ATOM   313 C  CB  . ILE C 1 5  ? -10.938 -12.861 -3.848  1.00 11.69  ? 4   ILE C CB  1 
ATOM   314 C  CG1 . ILE C 1 5  ? -12.224 -13.461 -3.227  1.00 12.33  ? 4   ILE C CG1 1 
ATOM   315 C  CG2 . ILE C 1 5  ? -10.258 -13.891 -4.770  1.00 12.34  ? 4   ILE C CG2 1 
ATOM   316 C  CD1 . ILE C 1 5  ? -12.007 -14.766 -2.429  1.00 13.42  ? 4   ILE C CD1 1 
ATOM   317 N  N   . VAL C 1 6  ? -7.535  -12.347 -3.249  1.00 10.13  ? 5   VAL C N   1 
ATOM   318 C  CA  . VAL C 1 6  ? -6.268  -11.815 -3.749  1.00 9.20   ? 5   VAL C CA  1 
ATOM   319 C  C   . VAL C 1 6  ? -5.611  -12.793 -4.712  1.00 10.84  ? 5   VAL C C   1 
ATOM   320 O  O   . VAL C 1 6  ? -5.567  -14.004 -4.447  1.00 10.40  ? 5   VAL C O   1 
ATOM   321 C  CB  . VAL C 1 6  ? -5.288  -11.480 -2.564  1.00 13.19  ? 5   VAL C CB  1 
ATOM   322 C  CG1 . VAL C 1 6  ? -3.896  -11.048 -3.053  1.00 14.32  ? 5   VAL C CG1 1 
ATOM   323 C  CG2 . VAL C 1 6  ? -5.879  -10.428 -1.606  1.00 13.39  ? 5   VAL C CG2 1 
ATOM   324 N  N   . TYR C 1 7  ? -5.055  -12.260 -5.798  1.00 9.07   ? 6   TYR C N   1 
ATOM   325 C  CA  . TYR C 1 7  ? -4.222  -13.023 -6.718  1.00 9.71   ? 6   TYR C CA  1 
ATOM   326 C  C   . TYR C 1 7  ? -2.865  -12.322 -6.650  1.00 13.30  ? 6   TYR C C   1 
ATOM   327 O  O   . TYR C 1 7  ? -2.809  -11.122 -6.866  1.00 12.16  ? 6   TYR C O   1 
ATOM   328 C  CB  . TYR C 1 7  ? -4.807  -13.034 -8.151  1.00 9.91   ? 6   TYR C CB  1 
ATOM   329 C  CG  . TYR C 1 7  ? -3.844  -13.548 -9.191  1.00 11.29  ? 6   TYR C CG  1 
ATOM   330 C  CD1 . TYR C 1 7  ? -3.630  -14.912 -9.357  1.00 11.60  ? 6   TYR C CD1 1 
ATOM   331 C  CD2 . TYR C 1 7  ? -3.105  -12.670 -9.977  1.00 11.96  ? 6   TYR C CD2 1 
ATOM   332 C  CE1 . TYR C 1 7  ? -2.716  -15.390 -10.294 1.00 14.62  ? 6   TYR C CE1 1 
ATOM   333 C  CE2 . TYR C 1 7  ? -2.207  -13.137 -10.934 1.00 13.29  ? 6   TYR C CE2 1 
ATOM   334 C  CZ  . TYR C 1 7  ? -2.001  -14.501 -11.076 1.00 15.84  ? 6   TYR C CZ  1 
ATOM   335 O  OH  . TYR C 1 7  ? -1.099  -14.976 -12.004 1.00 17.18  ? 6   TYR C OH  1 
ATOM   336 N  N   . LYS C 1 8  ? -1.782  -13.040 -6.285  1.00 11.66  ? 7   LYS C N   1 
ATOM   337 C  CA  . LYS C 1 8  ? -0.464  -12.403 -6.180  1.00 12.86  ? 7   LYS C CA  1 
ATOM   338 C  C   . LYS C 1 8  ? 0.608   -13.315 -6.774  1.00 15.64  ? 7   LYS C C   1 
ATOM   339 O  O   . LYS C 1 8  ? 0.893   -14.376 -6.216  1.00 13.37  ? 7   LYS C O   1 
ATOM   340 C  CB  . LYS C 1 8  ? -0.152  -12.038 -4.713  1.00 15.25  ? 7   LYS C CB  1 
ATOM   341 C  CG  . LYS C 1 8  ? 1.143   -11.258 -4.519  1.00 23.44  ? 7   LYS C CG  1 
ATOM   342 C  CD  . LYS C 1 8  ? 1.503   -11.150 -3.047  1.00 35.34  ? 7   LYS C CD  1 
ATOM   343 C  CE  . LYS C 1 8  ? 2.760   -10.348 -2.821  1.00 47.88  ? 7   LYS C CE  1 
ATOM   344 N  NZ  . LYS C 1 8  ? 3.115   -10.285 -1.379  1.00 56.37  ? 7   LYS C NZ  1 
HETATM 345 N  N   . ORN C 1 9  ? 2.447   -17.497 -9.013  1.00 19.02  ? 8   ORN C N   1 
HETATM 346 C  CA  . ORN C 1 9  ? 1.507   -16.714 -8.204  1.00 12.40  ? 8   ORN C CA  1 
HETATM 347 C  CB  . ORN C 1 9  ? 0.731   -15.721 -9.081  1.00 12.58  ? 8   ORN C CB  1 
HETATM 348 C  CG  . ORN C 1 9  ? 1.554   -14.524 -9.652  1.00 12.57  ? 8   ORN C CG  1 
HETATM 349 C  CD  . ORN C 1 9  ? 2.150   -13.572 -8.620  1.00 17.43  ? 8   ORN C CD  1 
HETATM 350 N  NE  . ORN C 1 9  ? 1.114   -12.836 -7.881  1.00 14.64  ? 8   ORN C NE  1 
HETATM 351 C  C   . ORN C 1 9  ? 0.529   -17.650 -7.468  1.00 20.74  ? 8   ORN C C   1 
HETATM 352 O  O   . ORN C 1 9  ? 0.319   -18.802 -7.868  1.00 26.14  ? 8   ORN C O   1 
ATOM   353 N  N   . GLU C 1 10 ? 0.044   -16.976 -6.360  1.00 12.74  ? 9   GLU C N   1 
ATOM   354 C  CA  . GLU C 1 10 ? -0.925  -17.695 -5.518  1.00 13.32  ? 9   GLU C CA  1 
ATOM   355 C  C   . GLU C 1 10 ? -2.302  -17.015 -5.553  1.00 13.48  ? 9   GLU C C   1 
ATOM   356 O  O   . GLU C 1 10 ? -2.400  -15.842 -5.916  1.00 12.76  ? 9   GLU C O   1 
ATOM   357 C  CB  . GLU C 1 10 ? -0.416  -17.800 -4.063  1.00 15.51  ? 9   GLU C CB  1 
ATOM   358 C  CG  . GLU C 1 10 ? 0.957   -18.457 -3.899  1.00 26.20  ? 9   GLU C CG  1 
ATOM   359 C  CD  . GLU C 1 10 ? 1.097   -19.930 -4.249  1.00 49.65  ? 9   GLU C CD  1 
ATOM   360 O  OE1 . GLU C 1 10 ? 2.255   -20.395 -4.362  1.00 55.64  ? 9   GLU C OE1 1 
ATOM   361 O  OE2 . GLU C 1 10 ? 0.064   -20.618 -4.423  1.00 39.00  ? 9   GLU C OE2 1 
ATOM   362 N  N   . PHE C 1 11 ? -3.356  -17.742 -5.141  1.00 11.13  ? 10  PHE C N   1 
ATOM   363 C  CA  . PHE C 1 11 ? -4.727  -17.219 -5.131  1.00 10.29  ? 10  PHE C CA  1 
ATOM   364 C  C   . PHE C 1 11 ? -5.400  -17.582 -3.798  1.00 12.11  ? 10  PHE C C   1 
ATOM   365 O  O   . PHE C 1 11 ? -5.372  -18.739 -3.362  1.00 13.31  ? 10  PHE C O   1 
ATOM   366 C  CB  . PHE C 1 11 ? -5.504  -17.791 -6.332  1.00 11.91  ? 10  PHE C CB  1 
ATOM   367 C  CG  . PHE C 1 11 ? -6.966  -17.432 -6.443  1.00 12.36  ? 10  PHE C CG  1 
ATOM   368 C  CD1 . PHE C 1 11 ? -7.945  -18.253 -5.880  1.00 15.95  ? 10  PHE C CD1 1 
ATOM   369 C  CD2 . PHE C 1 11 ? -7.370  -16.329 -7.184  1.00 14.04  ? 10  PHE C CD2 1 
ATOM   370 C  CE1 . PHE C 1 11 ? -9.299  -17.927 -5.999  1.00 16.67  ? 10  PHE C CE1 1 
ATOM   371 C  CE2 . PHE C 1 11 ? -8.722  -16.005 -7.301  1.00 16.07  ? 10  PHE C CE2 1 
ATOM   372 C  CZ  . PHE C 1 11 ? -9.677  -16.818 -6.728  1.00 14.89  ? 10  PHE C CZ  1 
HETATM 373 N  N   . HAO C 1 12 ? -6.019  -16.542 -3.133  1.00 10.84  ? 11  HAO C N   1 
HETATM 374 N  N9  . HAO C 1 12 ? -6.751  -16.880 -2.169  1.00 11.40  ? 11  HAO C N9  1 
HETATM 375 C  C10 . HAO C 1 12 ? -7.539  -15.997 -1.555  1.00 12.83  ? 11  HAO C C10 1 
HETATM 376 O  O11 . HAO C 1 12 ? -7.618  -14.807 -1.868  1.00 11.30  ? 11  HAO C O11 1 
HETATM 377 C  CA  . HAO C 1 12 ? -8.419  -16.535 -0.423  1.00 7.25   ? 11  HAO C CA  1 
HETATM 378 C  C13 . HAO C 1 12 ? -9.307  -15.629 0.162   1.00 14.95  ? 11  HAO C C13 1 
HETATM 379 C  C14 . HAO C 1 12 ? -8.393  -17.882 0.024   1.00 7.32   ? 11  HAO C C14 1 
HETATM 380 C  C15 . HAO C 1 12 ? -7.475  -20.094 0.038   1.00 10.93  ? 11  HAO C C15 1 
HETATM 381 O  O15 . HAO C 1 12 ? -7.530  -18.762 -0.525  1.00 11.29  ? 11  HAO C O15 1 
HETATM 382 C  C17 . HAO C 1 12 ? -9.272  -18.286 1.038   1.00 10.08  ? 11  HAO C C17 1 
HETATM 383 C  C18 . HAO C 1 12 ? -10.143 -17.345 1.608   1.00 16.24  ? 11  HAO C C18 1 
HETATM 384 C  C19 . HAO C 1 12 ? -10.171 -16.010 1.178   1.00 15.67  ? 11  HAO C C19 1 
HETATM 385 N  N20 . HAO C 1 12 ? -10.975 -15.053 1.701   1.00 12.32  ? 11  HAO C N20 1 
HETATM 386 C  C21 . HAO C 1 12 ? -11.775 -15.131 2.786   1.00 7.21   ? 11  HAO C C21 1 
HETATM 387 O  O22 . HAO C 1 12 ? -11.921 -16.149 3.491   1.00 12.20  ? 11  HAO C O22 1 
HETATM 388 C  C   . HAO C 1 12 ? -12.568 -13.875 3.188   1.00 14.24  ? 11  HAO C C   1 
HETATM 389 O  OXT . HAO C 1 12 ? -12.441 -12.830 2.543   1.00 15.43  ? 11  HAO C OXT 1 
HETATM 390 C  CD1 A 4BF C 1 13 ? -17.430 -12.033 4.903   0.50 9.98   ? 12  4BF C CD1 1 
HETATM 391 C  CD1 B 4BF C 1 13 ? -17.167 -11.771 5.168   0.50 19.01  ? 12  4BF C CD1 1 
HETATM 392 C  CE1 A 4BF C 1 13 ? -18.575 -11.943 4.111   0.50 15.52  ? 12  4BF C CE1 1 
HETATM 393 C  CE1 B 4BF C 1 13 ? -18.080 -10.823 5.634   0.50 9.43   ? 12  4BF C CE1 1 
HETATM 394 C  CZ  A 4BF C 1 13 ? -18.767 -12.848 3.075   0.50 8.91   ? 12  4BF C CZ  1 
HETATM 395 C  CZ  B 4BF C 1 13 ? -18.035 -10.404 6.961   0.50 9.95   ? 12  4BF C CZ  1 
HETATM 396 BR BR  A 4BF C 1 13 ? -20.279 -12.706 1.938   0.50 27.91  ? 12  4BF C BR  1 
HETATM 397 BR BR  B 4BF C 1 13 ? -19.269 -9.103  7.565   0.50 26.14  ? 12  4BF C BR  1 
HETATM 398 C  CE2 A 4BF C 1 13 ? -17.802 -13.824 2.811   0.50 12.12  ? 12  4BF C CE2 1 
HETATM 399 C  CE2 B 4BF C 1 13 ? -17.085 -10.916 7.833   0.50 9.82   ? 12  4BF C CE2 1 
HETATM 400 C  CD2 A 4BF C 1 13 ? -16.626 -13.883 3.566   0.50 13.52  ? 12  4BF C CD2 1 
HETATM 401 C  CD2 B 4BF C 1 13 ? -16.183 -11.887 7.377   0.50 13.89  ? 12  4BF C CD2 1 
HETATM 402 C  CG  A 4BF C 1 13 ? -16.470 -13.012 4.641   0.50 22.07  ? 12  4BF C CG  1 
HETATM 403 C  CG  B 4BF C 1 13 ? -16.204 -12.288 6.037   0.50 8.75   ? 12  4BF C CG  1 
HETATM 404 C  CB  A 4BF C 1 13 ? -15.280 -13.141 5.552   0.50 9.15   ? 12  4BF C CB  1 
HETATM 405 C  CB  B 4BF C 1 13 ? -15.267 -13.372 5.568   0.50 15.82  ? 12  4BF C CB  1 
HETATM 406 C  CA  A 4BF C 1 13 ? -13.966 -12.785 4.893   0.50 8.04   ? 12  4BF C CA  1 
HETATM 407 C  CA  B 4BF C 1 13 ? -13.997 -12.835 4.935   0.50 23.27  ? 12  4BF C CA  1 
HETATM 408 N  N   . 4BF C 1 13 ? -13.370 -13.978 4.295   0.60 7.59   ? 12  4BF C N   1 
HETATM 409 C  C   . 4BF C 1 13 ? -13.068 -12.305 6.008   0.60 11.84  ? 12  4BF C C   1 
HETATM 410 O  O   . 4BF C 1 13 ? -12.673 -13.058 6.889   0.60 13.46  ? 12  4BF C O   1 
ATOM   411 N  N   . LYS C 1 14 ? -12.756 -11.009 5.843   1.00 12.98  ? 13  LYS C N   1 
ATOM   412 C  CA  . LYS C 1 14 ? -11.876 -10.327 6.780   1.00 25.90  ? 13  LYS C CA  1 
ATOM   413 C  C   . LYS C 1 14 ? -12.523 -9.014  7.200   1.00 39.94  ? 13  LYS C C   1 
ATOM   414 O  O   . LYS C 1 14 ? -12.940 -8.243  6.343   1.00 22.02  ? 13  LYS C O   1 
ATOM   415 C  CB  . LYS C 1 14 ? -10.487 -10.101 6.154   1.00 27.94  ? 13  LYS C CB  1 
ATOM   416 C  CG  . LYS C 1 14 ? -9.428  -9.659  7.162   1.00 42.55  ? 13  LYS C CG  1 
ATOM   417 C  CD  . LYS C 1 14 ? -8.048  -9.564  6.536   1.00 52.52  ? 13  LYS C CD  1 
ATOM   418 C  CE  . LYS C 1 14 ? -6.994  -9.234  7.564   1.00 63.43  ? 13  LYS C CE  1 
ATOM   419 N  NZ  . LYS C 1 14 ? -5.627  -9.295  6.983   1.00 74.37  ? 13  LYS C NZ  1 
HETATM 420 N  N   . ORN D 1 1  ? 9.532   -7.703  -8.541  1.00 83.33  ? 0   ORN D N   1 
HETATM 421 C  CA  . ORN D 1 1  ? 8.108   -7.397  -8.443  1.00 41.20  ? 0   ORN D CA  1 
HETATM 422 C  CB  . ORN D 1 1  ? 7.784   -6.113  -9.207  1.00 39.80  ? 0   ORN D CB  1 
HETATM 423 C  CG  . ORN D 1 1  ? 8.420   -4.859  -8.618  1.00 68.27  ? 0   ORN D CG  1 
HETATM 424 C  CD  . ORN D 1 1  ? 8.106   -4.630  -7.149  1.00 30.12  ? 0   ORN D CD  1 
HETATM 425 N  NE  . ORN D 1 1  ? 6.708   -4.252  -6.942  1.00 47.75  ? 0   ORN D NE  1 
HETATM 426 C  C   . ORN D 1 1  ? 7.227   -8.537  -8.949  1.00 25.68  ? 0   ORN D C   1 
HETATM 427 O  O   . ORN D 1 1  ? 7.705   -9.448  -9.629  1.00 136.29 ? 0   ORN D O   1 
ATOM   428 N  N   . SER D 1 2  ? 5.861   -8.395  -8.572  1.00 18.41  ? 1   SER D N   1 
ATOM   429 C  CA  . SER D 1 2  ? 4.816   -9.340  -8.953  1.00 16.68  ? 1   SER D CA  1 
ATOM   430 C  C   . SER D 1 2  ? 3.465   -8.656  -9.165  1.00 15.24  ? 1   SER D C   1 
ATOM   431 O  O   . SER D 1 2  ? 3.162   -7.627  -8.549  1.00 13.23  ? 1   SER D O   1 
ATOM   432 C  CB  . SER D 1 2  ? 4.664   -10.441 -7.904  1.00 21.55  ? 1   SER D CB  1 
ATOM   433 O  OG  . SER D 1 2  ? 5.862   -11.180 -7.737  1.00 33.16  ? 1   SER D OG  1 
ATOM   434 N  N   . VAL D 1 3  ? 2.659   -9.248  -10.054 1.00 10.96  ? 2   VAL D N   1 
ATOM   435 C  CA  A VAL D 1 3  ? 1.314   -8.757  -10.338 0.50 10.77  ? 2   VAL D CA  1 
ATOM   436 C  CA  B VAL D 1 3  ? 1.316   -8.761  -10.344 0.50 10.45  ? 2   VAL D CA  1 
ATOM   437 C  C   . VAL D 1 3  ? 0.430   -9.080  -9.127  1.00 13.15  ? 2   VAL D C   1 
ATOM   438 O  O   . VAL D 1 3  ? 0.535   -10.165 -8.554  1.00 12.37  ? 2   VAL D O   1 
ATOM   439 C  CB  A VAL D 1 3  ? 0.755   -9.364  -11.649 0.50 15.26  ? 2   VAL D CB  1 
ATOM   440 C  CB  B VAL D 1 3  ? 0.800   -9.373  -11.675 0.50 14.45  ? 2   VAL D CB  1 
ATOM   441 C  CG1 A VAL D 1 3  ? 0.503   -10.856 -11.499 0.50 15.56  ? 2   VAL D CG1 1 
ATOM   442 C  CG1 B VAL D 1 3  ? -0.703  -9.166  -11.867 0.50 13.80  ? 2   VAL D CG1 1 
ATOM   443 C  CG2 A VAL D 1 3  ? -0.510  -8.641  -12.112 0.50 14.91  ? 2   VAL D CG2 1 
ATOM   444 C  CG2 B VAL D 1 3  ? 1.575   -8.809  -12.863 0.50 14.75  ? 2   VAL D CG2 1 
ATOM   445 N  N   . GLN D 1 4  ? -0.391  -8.121  -8.710  1.00 9.93   ? 3   GLN D N   1 
ATOM   446 C  CA  . GLN D 1 4  ? -1.291  -8.293  -7.591  1.00 9.26   ? 3   GLN D CA  1 
ATOM   447 C  C   . GLN D 1 4  ? -2.653  -7.736  -8.003  1.00 11.41  ? 3   GLN D C   1 
ATOM   448 O  O   . GLN D 1 4  ? -2.759  -6.591  -8.458  1.00 8.38   ? 3   GLN D O   1 
ATOM   449 C  CB  . GLN D 1 4  ? -0.761  -7.575  -6.336  1.00 11.73  ? 3   GLN D CB  1 
ATOM   450 C  CG  . GLN D 1 4  ? -1.605  -7.880  -5.088  1.00 24.60  ? 3   GLN D CG  1 
ATOM   451 C  CD  . GLN D 1 4  ? -1.013  -7.377  -3.793  1.00 47.77  ? 3   GLN D CD  1 
ATOM   452 O  OE1 . GLN D 1 4  ? -0.489  -6.261  -3.699  1.00 42.95  ? 3   GLN D OE1 1 
ATOM   453 N  NE2 . GLN D 1 4  ? -1.169  -8.167  -2.739  1.00 45.70  ? 3   GLN D NE2 1 
ATOM   454 N  N   . ILE D 1 5  ? -3.691  -8.559  -7.817  1.00 7.84   ? 4   ILE D N   1 
ATOM   455 C  CA  . ILE D 1 5  ? -5.073  -8.221  -8.144  1.00 7.32   ? 4   ILE D CA  1 
ATOM   456 C  C   . ILE D 1 5  ? -5.891  -8.460  -6.894  1.00 10.47  ? 4   ILE D C   1 
ATOM   457 O  O   . ILE D 1 5  ? -5.834  -9.562  -6.324  1.00 10.36  ? 4   ILE D O   1 
ATOM   458 C  CB  . ILE D 1 5  ? -5.608  -9.056  -9.345  1.00 9.53   ? 4   ILE D CB  1 
ATOM   459 C  CG1 . ILE D 1 5  ? -4.744  -8.912  -10.611 1.00 10.15  ? 4   ILE D CG1 1 
ATOM   460 C  CG2 . ILE D 1 5  ? -7.090  -8.720  -9.619  1.00 11.04  ? 4   ILE D CG2 1 
ATOM   461 C  CD1 . ILE D 1 5  ? -4.658  -7.512  -11.252 1.00 10.71  ? 4   ILE D CD1 1 
ATOM   462 N  N   . VAL D 1 6  ? -6.643  -7.434  -6.460  1.00 8.61   ? 5   VAL D N   1 
ATOM   463 C  CA  . VAL D 1 6  ? -7.453  -7.540  -5.242  1.00 8.57   ? 5   VAL D CA  1 
ATOM   464 C  C   . VAL D 1 6  ? -8.931  -7.283  -5.530  1.00 12.12  ? 5   VAL D C   1 
ATOM   465 O  O   . VAL D 1 6  ? -9.263  -6.318  -6.224  1.00 10.25  ? 5   VAL D O   1 
ATOM   466 C  CB  . VAL D 1 6  ? -6.930  -6.579  -4.113  1.00 13.28  ? 5   VAL D CB  1 
ATOM   467 C  CG1 . VAL D 1 6  ? -7.875  -6.536  -2.888  1.00 14.51  ? 5   VAL D CG1 1 
ATOM   468 C  CG2 . VAL D 1 6  ? -5.503  -6.944  -3.690  1.00 13.67  ? 5   VAL D CG2 1 
ATOM   469 N  N   . TYR D 1 7  ? -9.809  -8.133  -4.949  1.00 9.00   ? 6   TYR D N   1 
ATOM   470 C  CA  . TYR D 1 7  ? -11.261 -7.971  -4.935  1.00 8.54   ? 6   TYR D CA  1 
ATOM   471 C  C   . TYR D 1 7  ? -11.613 -7.814  -3.457  1.00 10.94  ? 6   TYR D C   1 
ATOM   472 O  O   . TYR D 1 7  ? -11.309 -8.682  -2.630  1.00 11.13  ? 6   TYR D O   1 
ATOM   473 C  CB  . TYR D 1 7  ? -11.993 -9.189  -5.567  1.00 10.19  ? 6   TYR D CB  1 
ATOM   474 C  CG  . TYR D 1 7  ? -13.496 -9.171  -5.379  1.00 11.24  ? 6   TYR D CG  1 
ATOM   475 C  CD1 . TYR D 1 7  ? -14.312 -8.396  -6.199  1.00 12.66  ? 6   TYR D CD1 1 
ATOM   476 C  CD2 . TYR D 1 7  ? -14.102 -9.929  -4.383  1.00 12.91  ? 6   TYR D CD2 1 
ATOM   477 C  CE1 . TYR D 1 7  ? -15.698 -8.385  -6.038  1.00 12.02  ? 6   TYR D CE1 1 
ATOM   478 C  CE2 . TYR D 1 7  ? -15.486 -9.909  -4.197  1.00 14.58  ? 6   TYR D CE2 1 
ATOM   479 C  CZ  . TYR D 1 7  ? -16.281 -9.143  -5.033  1.00 16.62  ? 6   TYR D CZ  1 
ATOM   480 O  OH  . TYR D 1 7  ? -17.651 -9.152  -4.874  1.00 15.38  ? 6   TYR D OH  1 
ATOM   481 N  N   . LYS D 1 8  ? -12.201 -6.684  -3.103  1.00 9.15   ? 7   LYS D N   1 
ATOM   482 C  CA  . LYS D 1 8  ? -12.518 -6.417  -1.709  1.00 10.11  ? 7   LYS D CA  1 
ATOM   483 C  C   . LYS D 1 8  ? -13.951 -5.869  -1.609  1.00 13.14  ? 7   LYS D C   1 
ATOM   484 O  O   . LYS D 1 8  ? -14.204 -4.723  -1.963  1.00 12.23  ? 7   LYS D O   1 
ATOM   485 C  CB  . LYS D 1 8  ? -11.453 -5.455  -1.136  1.00 12.84  ? 7   LYS D CB  1 
ATOM   486 C  CG  . LYS D 1 8  ? -11.637 -5.105  0.342   1.00 21.66  ? 7   LYS D CG  1 
ATOM   487 C  CD  . LYS D 1 8  ? -10.593 -4.076  0.788   1.00 32.45  ? 7   LYS D CD  1 
ATOM   488 C  CE  . LYS D 1 8  ? -10.729 -3.705  2.246   1.00 43.49  ? 7   LYS D CE  1 
ATOM   489 N  NZ  . LYS D 1 8  ? -9.890  -2.526  2.591   1.00 52.10  ? 7   LYS D NZ  1 
HETATM 490 N  N   . ORN D 1 9  ? -18.279 -4.066  -3.896  1.00 12.94  ? 8   ORN D N   1 
HETATM 491 C  CA  . ORN D 1 9  ? -16.856 -4.336  -3.724  1.00 9.93   ? 8   ORN D CA  1 
HETATM 492 C  CB  . ORN D 1 9  ? -16.610 -5.850  -3.657  1.00 11.98  ? 8   ORN D CB  1 
HETATM 493 C  CG  . ORN D 1 9  ? -17.107 -6.538  -2.367  1.00 10.69  ? 8   ORN D CG  1 
HETATM 494 C  CD  . ORN D 1 9  ? -16.308 -6.183  -1.096  1.00 13.42  ? 8   ORN D CD  1 
HETATM 495 N  NE  . ORN D 1 9  ? -14.914 -6.628  -1.184  1.00 10.44  ? 8   ORN D NE  1 
HETATM 496 C  C   . ORN D 1 9  ? -16.027 -3.718  -4.875  1.00 10.97  ? 8   ORN D C   1 
HETATM 497 O  O   . ORN D 1 9  ? -16.525 -3.526  -5.984  1.00 19.39  ? 8   ORN D O   1 
ATOM   498 N  N   . GLU D 1 10 ? -14.667 -3.392  -4.240  1.00 10.52  ? 9   GLU D N   1 
ATOM   499 C  CA  . GLU D 1 10 ? -13.738 -2.829  -5.217  1.00 9.81   ? 9   GLU D CA  1 
ATOM   500 C  C   . GLU D 1 10 ? -12.908 -3.912  -5.921  1.00 12.98  ? 9   GLU D C   1 
ATOM   501 O  O   . GLU D 1 10 ? -12.730 -5.015  -5.395  1.00 12.17  ? 9   GLU D O   1 
ATOM   502 C  CB  . GLU D 1 10 ? -12.830 -1.796  -4.557  1.00 11.47  ? 9   GLU D CB  1 
ATOM   503 C  CG  . GLU D 1 10 ? -13.547 -0.479  -4.249  1.00 22.55  ? 9   GLU D CG  1 
ATOM   504 C  CD  . GLU D 1 10 ? -12.601 0.676   -3.974  1.00 44.61  ? 9   GLU D CD  1 
ATOM   505 O  OE1 . GLU D 1 10 ? -11.897 0.622   -2.939  1.00 29.18  ? 9   GLU D OE1 1 
ATOM   506 O  OE2 . GLU D 1 10 ? -12.523 1.605   -4.814  1.00 34.45  ? 9   GLU D OE2 1 
ATOM   507 N  N   . PHE D 1 11 ? -12.410 -3.591  -7.117  1.00 9.89   ? 10  PHE D N   1 
ATOM   508 C  CA  . PHE D 1 11 ? -11.587 -4.522  -7.897  1.00 8.60   ? 10  PHE D CA  1 
ATOM   509 C  C   . PHE D 1 11 ? -10.347 -3.795  -8.431  1.00 12.48  ? 10  PHE D C   1 
ATOM   510 O  O   . PHE D 1 11 ? -10.475 -2.790  -9.126  1.00 12.00  ? 10  PHE D O   1 
ATOM   511 C  CB  . PHE D 1 11 ? -12.402 -5.155  -9.050  1.00 10.22  ? 10  PHE D CB  1 
ATOM   512 C  CG  . PHE D 1 11 ? -11.602 -6.105  -9.916  1.00 11.94  ? 10  PHE D CG  1 
ATOM   513 C  CD1 . PHE D 1 11 ? -11.038 -5.675  -11.114 1.00 14.54  ? 10  PHE D CD1 1 
ATOM   514 C  CD2 . PHE D 1 11 ? -11.368 -7.415  -9.506  1.00 13.49  ? 10  PHE D CD2 1 
ATOM   515 C  CE1 . PHE D 1 11 ? -10.282 -6.546  -11.901 1.00 15.19  ? 10  PHE D CE1 1 
ATOM   516 C  CE2 . PHE D 1 11 ? -10.618 -8.284  -10.298 1.00 16.03  ? 10  PHE D CE2 1 
ATOM   517 C  CZ  . PHE D 1 11 ? -10.082 -7.845  -11.490 1.00 13.83  ? 10  PHE D CZ  1 
HETATM 518 N  N   . HAO D 1 12 ? -9.055  -4.239  -8.084  1.00 9.33   ? 11  HAO D N   1 
HETATM 519 N  N9  . HAO D 1 12 ? -8.143  -3.682  -8.741  1.00 8.95   ? 11  HAO D N9  1 
HETATM 520 C  C10 . HAO D 1 12 ? -6.908  -4.169  -8.652  1.00 13.43  ? 11  HAO D C10 1 
HETATM 521 O  O11 . HAO D 1 12 ? -6.643  -5.147  -7.949  1.00 11.84  ? 11  HAO D O11 1 
HETATM 522 C  CA  . HAO D 1 12 ? -5.816  -3.480  -9.490  1.00 6.38   ? 11  HAO D CA  1 
HETATM 523 C  C13 . HAO D 1 12 ? -4.528  -4.023  -9.438  1.00 8.03   ? 11  HAO D C13 1 
HETATM 524 C  C14 . HAO D 1 12 ? -6.049  -2.341  -10.280 1.00 5.98   ? 11  HAO D C14 1 
HETATM 525 C  C15 . HAO D 1 12 ? -7.500  -0.618  -11.180 1.00 17.25  ? 11  HAO D C15 1 
HETATM 526 O  O15 . HAO D 1 12 ? -7.311  -1.776  -10.306 1.00 11.86  ? 11  HAO D O15 1 
HETATM 527 C  C17 . HAO D 1 12 ? -4.984  -1.803  -11.014 1.00 7.65   ? 11  HAO D C17 1 
HETATM 528 C  C18 . HAO D 1 12 ? -3.708  -2.397  -11.007 1.00 9.98   ? 11  HAO D C18 1 
HETATM 529 C  C19 . HAO D 1 12 ? -3.464  -3.486  -10.147 1.00 8.90   ? 11  HAO D C19 1 
HETATM 530 N  N20 . HAO D 1 12 ? -2.271  -4.103  -10.030 1.00 11.08  ? 11  HAO D N20 1 
HETATM 531 C  C21 . HAO D 1 12 ? -1.084  -3.591  -10.393 1.00 9.29   ? 11  HAO D C21 1 
HETATM 532 O  O22 . HAO D 1 12 ? -0.914  -2.474  -10.896 1.00 12.74  ? 11  HAO D O22 1 
HETATM 533 C  C   . HAO D 1 12 ? 0.169   -4.456  -10.151 1.00 14.18  ? 11  HAO D C   1 
HETATM 534 O  OXT . HAO D 1 12 ? 0.032   -5.567  -9.645  1.00 16.68  ? 11  HAO D OXT 1 
HETATM 535 C  CD1 A 4BF D 1 13 ? 2.520   -5.901  -12.905 0.50 8.31   ? 12  4BF D CD1 1 
HETATM 536 C  CD1 B 4BF D 1 13 ? 4.686   -6.215  -11.851 0.50 18.10  ? 12  4BF D CD1 1 
HETATM 537 C  CE1 A 4BF D 1 13 ? 2.521   -6.947  -13.820 0.50 9.69   ? 12  4BF D CE1 1 
HETATM 538 C  CE1 B 4BF D 1 13 ? 5.810   -6.956  -12.236 0.50 36.68  ? 12  4BF D CE1 1 
HETATM 539 C  CZ  A 4BF D 1 13 ? 3.626   -7.781  -13.917 0.50 10.43  ? 12  4BF D CZ  1 
HETATM 540 C  CZ  B 4BF D 1 13 ? 7.026   -6.315  -12.471 0.50 12.73  ? 12  4BF D CZ  1 
HETATM 541 BR BR  A 4BF D 1 13 ? 3.604   -9.193  -15.165 0.50 21.90  ? 12  4BF D BR  1 
HETATM 542 BR BR  B 4BF D 1 13 ? 8.568   -7.288  -12.995 0.50 45.14  ? 12  4BF D BR  1 
HETATM 543 C  CE2 A 4BF D 1 13 ? 4.729   -7.592  -13.094 0.50 13.78  ? 12  4BF D CE2 1 
HETATM 544 C  CE2 B 4BF D 1 13 ? 7.123   -4.937  -12.328 0.50 44.69  ? 12  4BF D CE2 1 
HETATM 545 C  CD2 A 4BF D 1 13 ? 4.736   -6.540  -12.180 0.50 7.44   ? 12  4BF D CD2 1 
HETATM 546 C  CD2 B 4BF D 1 13 ? 6.008   -4.193  -11.947 0.50 29.22  ? 12  4BF D CD2 1 
HETATM 547 C  CG  A 4BF D 1 13 ? 3.637   -5.680  -12.106 0.50 7.16   ? 12  4BF D CG  1 
HETATM 548 C  CG  B 4BF D 1 13 ? 4.796   -4.830  -11.686 0.50 18.19  ? 12  4BF D CG  1 
HETATM 549 C  CB  A 4BF D 1 13 ? 3.657   -4.509  -11.161 0.50 7.08   ? 12  4BF D CB  1 
HETATM 550 C  CB  B 4BF D 1 13 ? 3.612   -3.959  -11.319 0.50 30.67  ? 12  4BF D CB  1 
HETATM 551 C  CA  A 4BF D 1 13 ? 2.610   -4.631  -10.078 0.50 11.59  ? 12  4BF D CA  1 
HETATM 552 C  CA  B 4BF D 1 13 ? 2.717   -4.493  -10.206 0.50 16.18  ? 12  4BF D CA  1 
HETATM 553 N  N   . 4BF D 1 13 ? 1.387   -3.975  -10.496 0.60 6.43   ? 12  4BF D N   1 
HETATM 554 C  C   . 4BF D 1 13 ? 3.169   -3.928  -8.871  0.60 22.18  ? 12  4BF D C   1 
HETATM 555 O  O   . 4BF D 1 13 ? 3.214   -2.716  -8.763  0.60 12.16  ? 12  4BF D O   1 
ATOM   556 N  N   . LYS D 1 14 ? 3.430   -4.630  -7.745  1.00 28.11  ? 13  LYS D N   1 
ATOM   557 C  CA  . LYS D 1 14 ? 4.276   -4.381  -6.577  1.00 48.25  ? 13  LYS D CA  1 
ATOM   558 C  C   . LYS D 1 14 ? 5.635   -5.054  -6.755  1.00 51.75  ? 13  LYS D C   1 
ATOM   559 O  O   . LYS D 1 14 ? 5.714   -6.280  -6.745  1.00 25.20  ? 13  LYS D O   1 
ATOM   560 C  CB  . LYS D 1 14 ? 3.588   -4.860  -5.286  1.00 50.92  ? 13  LYS D CB  1 
ATOM   561 C  CG  . LYS D 1 14 ? 2.596   -3.863  -4.710  1.00 66.00  ? 13  LYS D CG  1 
ATOM   562 C  CD  . LYS D 1 14 ? 2.279   -4.179  -3.251  1.00 76.71  ? 13  LYS D CD  1 
ATOM   563 C  CE  . LYS D 1 14 ? 1.433   -3.117  -2.588  1.00 87.43  ? 13  LYS D CE  1 
ATOM   564 N  NZ  . LYS D 1 14 ? 2.207   -1.876  -2.307  1.00 96.58  ? 13  LYS D NZ  1 
HETATM 565 P  P   . PO4 E 2 .  ? -0.325  22.775  -3.534  1.00 72.88  ? 101 PO4 A P   1 
HETATM 566 O  O1  . PO4 E 2 .  ? 0.832   23.689  -4.096  1.00 78.78  ? 101 PO4 A O1  1 
HETATM 567 O  O2  . PO4 E 2 .  ? -1.625  22.996  -4.401  1.00 79.08  ? 101 PO4 A O2  1 
HETATM 568 O  O3  . PO4 E 2 .  ? 0.154   21.271  -3.611  1.00 78.65  ? 101 PO4 A O3  1 
HETATM 569 O  O4  . PO4 E 2 .  ? -0.667  23.147  -2.033  1.00 78.91  ? 101 PO4 A O4  1 
HETATM 570 C  C1  B MPD F 3 .  ? 17.336  15.065  -2.970  0.50 24.07  ? 102 MPD A C1  1 
HETATM 571 C  C2  B MPD F 3 .  ? 16.828  16.197  -2.102  0.50 20.80  ? 102 MPD A C2  1 
HETATM 572 O  O2  B MPD F 3 .  ? 17.757  16.305  -0.999  0.50 25.63  ? 102 MPD A O2  1 
HETATM 573 C  CM  B MPD F 3 .  ? 16.855  17.489  -2.915  0.50 23.38  ? 102 MPD A CM  1 
HETATM 574 C  C3  B MPD F 3 .  ? 15.424  15.822  -1.607  0.50 21.75  ? 102 MPD A C3  1 
HETATM 575 C  C4  B MPD F 3 .  ? 14.776  16.627  -0.472  0.50 21.91  ? 102 MPD A C4  1 
HETATM 576 O  O4  B MPD F 3 .  ? 15.702  17.367  0.294   0.50 24.00  ? 102 MPD A O4  1 
HETATM 577 C  C5  B MPD F 3 .  ? 13.652  17.518  -0.986  0.50 21.37  ? 102 MPD A C5  1 
HETATM 578 C  C1  . MPD G 3 .  ? 7.662   6.095   -1.805  1.00 53.23  ? 103 MPD A C1  1 
HETATM 579 C  C2  . MPD G 3 .  ? 8.703   4.983   -1.877  1.00 49.93  ? 103 MPD A C2  1 
HETATM 580 O  O2  . MPD G 3 .  ? 9.446   4.973   -0.629  1.00 53.35  ? 103 MPD A O2  1 
HETATM 581 C  CM  . MPD G 3 .  ? 7.990   3.639   -1.985  1.00 52.63  ? 103 MPD A CM  1 
HETATM 582 C  C3  . MPD G 3 .  ? 9.619   5.157   -3.100  1.00 51.17  ? 103 MPD A C3  1 
HETATM 583 C  C4  . MPD G 3 .  ? 10.908  5.962   -2.903  1.00 51.26  ? 103 MPD A C4  1 
HETATM 584 O  O4  . MPD G 3 .  ? 11.978  5.256   -3.493  1.00 53.14  ? 103 MPD A O4  1 
HETATM 585 C  C5  . MPD G 3 .  ? 10.808  7.340   -3.552  1.00 51.11  ? 103 MPD A C5  1 
HETATM 586 P  P   . PO4 H 2 .  ? 9.227   21.263  10.417  1.00 18.97  ? 101 PO4 B P   1 
HETATM 587 O  O1  . PO4 H 2 .  ? 9.769   19.810  10.415  1.00 20.46  ? 101 PO4 B O1  1 
HETATM 588 O  O2  . PO4 H 2 .  ? 9.586   21.905  9.032   1.00 22.94  ? 101 PO4 B O2  1 
HETATM 589 O  O3  . PO4 H 2 .  ? 7.672   21.405  10.837  1.00 25.02  ? 101 PO4 B O3  1 
HETATM 590 O  O4  . PO4 H 2 .  ? 10.079  22.122  11.459  1.00 21.49  ? 101 PO4 B O4  1 
HETATM 591 C  C1  . MPD I 3 .  ? -1.832  7.203   9.682   1.00 62.86  ? 102 MPD B C1  1 
HETATM 592 C  C2  . MPD I 3 .  ? -2.212  6.081   8.715   1.00 59.51  ? 102 MPD B C2  1 
HETATM 593 O  O2  . MPD I 3 .  ? -2.205  4.851   9.481   1.00 63.41  ? 102 MPD B O2  1 
HETATM 594 C  CM  . MPD I 3 .  ? -3.635  6.291   8.203   1.00 62.14  ? 102 MPD B CM  1 
HETATM 595 C  C3  . MPD I 3 .  ? -1.220  5.888   7.555   1.00 60.55  ? 102 MPD B C3  1 
HETATM 596 C  C4  . MPD I 3 .  ? -0.529  7.144   7.012   1.00 60.68  ? 102 MPD B C4  1 
HETATM 597 O  O4  . MPD I 3 .  ? 0.851   6.892   6.863   1.00 62.31  ? 102 MPD B O4  1 
HETATM 598 C  C5  . MPD I 3 .  ? -1.119  7.584   5.677   1.00 60.67  ? 102 MPD B C5  1 
HETATM 599 C  C1  B MPD J 3 .  ? -12.387 -11.575 -9.429  0.50 22.70  ? 101 MPD C C1  1 
HETATM 600 C  C2  B MPD J 3 .  ? -11.111 -12.360 -9.171  0.50 19.65  ? 101 MPD C C2  1 
HETATM 601 O  O2  B MPD J 3 .  ? -10.396 -11.653 -8.124  0.50 23.98  ? 101 MPD C O2  1 
HETATM 602 C  CM  B MPD J 3 .  ? -11.492 -13.750 -8.669  0.50 22.26  ? 101 MPD C CM  1 
HETATM 603 C  C3  B MPD J 3 .  ? -10.287 -12.379 -10.468 0.50 20.99  ? 101 MPD C C3  1 
HETATM 604 C  C4  B MPD J 3 .  ? -8.836  -12.879 -10.442 0.50 21.29  ? 101 MPD C C4  1 
HETATM 605 O  O4  B MPD J 3 .  ? -8.257  -12.901 -9.152  0.50 24.01  ? 101 MPD C O4  1 
HETATM 606 C  C5  B MPD J 3 .  ? -8.707  -14.231 -11.129 0.50 20.92  ? 101 MPD C C5  1 
HETATM 607 C  C1  . MPD K 3 .  ? -4.060  -14.871 -0.636  1.00 53.34  ? 102 MPD C C1  1 
HETATM 608 C  C2  . MPD K 3 .  ? -2.630  -15.328 -0.924  1.00 49.99  ? 102 MPD C C2  1 
HETATM 609 O  O2  . MPD K 3 .  ? -2.318  -14.894 -2.273  1.00 53.39  ? 102 MPD C O2  1 
HETATM 610 C  CM  . MPD K 3 .  ? -1.650  -14.604 -0.004  1.00 52.67  ? 102 MPD C CM  1 
HETATM 611 C  C3  . MPD K 3 .  ? -2.452  -16.859 -0.889  1.00 51.31  ? 102 MPD C C3  1 
HETATM 612 C  C4  . MPD K 3 .  ? -3.040  -17.636 0.298   1.00 51.50  ? 102 MPD C C4  1 
HETATM 613 O  O4  . MPD K 3 .  ? -3.686  -18.792 -0.182  1.00 53.38  ? 102 MPD C O4  1 
HETATM 614 C  C5  . MPD K 3 .  ? -1.957  -18.069 1.279   1.00 51.44  ? 102 MPD C C5  1 
HETATM 615 P  P   . PO4 L 2 .  ? -20.002 -6.876  -5.955  1.00 16.23  ? 101 PO4 D P   1 
HETATM 616 O  O1  . PO4 L 2 .  ? -18.896 -7.718  -6.651  1.00 19.92  ? 101 PO4 D O1  1 
HETATM 617 O  O2  . PO4 L 2 .  ? -21.293 -7.115  -6.867  1.00 18.21  ? 101 PO4 D O2  1 
HETATM 618 O  O3  . PO4 L 2 .  ? -20.330 -7.498  -4.564  1.00 22.33  ? 101 PO4 D O3  1 
HETATM 619 O  O4  . PO4 L 2 .  ? -19.719 -5.305  -5.932  1.00 22.25  ? 101 PO4 D O4  1 
HETATM 620 P  P   . PO4 M 2 .  ? -21.060 -5.277  -1.613  1.00 16.59  ? 102 PO4 D P   1 
HETATM 621 O  O1  . PO4 M 2 .  ? -19.843 -4.314  -1.736  1.00 19.74  ? 102 PO4 D O1  1 
HETATM 622 O  O2  . PO4 M 2 .  ? -20.999 -6.575  -2.441  1.00 22.96  ? 102 PO4 D O2  1 
HETATM 623 O  O3  . PO4 M 2 .  ? -21.129 -5.756  -0.120  1.00 21.12  ? 102 PO4 D O3  1 
HETATM 624 O  O4  . PO4 M 2 .  ? -22.292 -4.482  -2.081  1.00 22.83  ? 102 PO4 D O4  1 
HETATM 625 C  C1  . MPD N 3 .  ? -9.403  -3.175  -3.614  1.00 64.54  ? 103 MPD D C1  1 
HETATM 626 C  C2  . MPD N 3 .  ? -8.551  -1.993  -4.054  1.00 61.43  ? 103 MPD D C2  1 
HETATM 627 O  O2  . MPD N 3 .  ? -9.027  -0.818  -3.344  1.00 65.47  ? 103 MPD D O2  1 
HETATM 628 C  CM  . MPD N 3 .  ? -7.105  -2.256  -3.644  1.00 64.11  ? 103 MPD D CM  1 
HETATM 629 C  C3  . MPD N 3 .  ? -8.695  -1.812  -5.571  1.00 62.65  ? 103 MPD D C3  1 
HETATM 630 C  C4  . MPD N 3 .  ? -8.374  -0.414  -6.112  1.00 62.91  ? 103 MPD D C4  1 
HETATM 631 O  O4  . MPD N 3 .  ? -7.021  -0.354  -6.507  1.00 64.99  ? 103 MPD D O4  1 
HETATM 632 C  C5  . MPD N 3 .  ? -9.275  -0.048  -7.287  1.00 62.82  ? 103 MPD D C5  1 
HETATM 633 O  O   . HOH O 4 .  ? 14.964  2.661   0.102   1.00 13.94  ? 201 HOH A O   1 
HETATM 634 O  O   . HOH O 4 .  ? 3.086   20.389  3.211   1.00 16.08  ? 202 HOH A O   1 
HETATM 635 O  O   . HOH O 4 .  ? 18.701  16.547  1.204   1.00 17.00  ? 203 HOH A O   1 
HETATM 636 O  O   . HOH O 4 .  ? 13.478  -1.007  8.024   1.00 16.84  ? 204 HOH A O   1 
HETATM 637 O  O   . HOH O 4 .  ? 16.551  5.315   -0.311  1.00 20.20  ? 205 HOH A O   1 
HETATM 638 O  O   . HOH O 4 .  ? 4.882   25.855  0.158   1.00 21.11  ? 206 HOH A O   1 
HETATM 639 O  O   . HOH O 4 .  ? 8.710   21.930  2.806   1.00 22.91  ? 207 HOH A O   1 
HETATM 640 O  O   . HOH O 4 .  ? 1.646   23.003  -0.139  1.00 23.57  ? 208 HOH A O   1 
HETATM 641 O  O   . HOH O 4 .  ? 8.713   -4.534  3.279   1.00 22.62  ? 209 HOH A O   1 
HETATM 642 O  O   . HOH O 4 .  ? 14.308  -0.397  5.582   1.00 21.42  ? 210 HOH A O   1 
HETATM 643 O  O   . HOH O 4 .  ? 13.433  24.153  3.152   1.00 27.98  ? 211 HOH A O   1 
HETATM 644 O  O   . HOH O 4 .  ? 16.089  1.750   2.356   1.00 31.46  ? 212 HOH A O   1 
HETATM 645 O  O   . HOH O 4 .  ? 10.654  -4.755  4.977   1.00 29.89  ? 213 HOH A O   1 
HETATM 646 O  O   . HOH O 4 .  ? 3.913   25.761  -3.210  1.00 26.32  ? 214 HOH A O   1 
HETATM 647 O  O   . HOH O 4 .  ? 6.041   18.807  -7.953  1.00 32.25  ? 215 HOH A O   1 
HETATM 648 O  O   . HOH O 4 .  ? 7.654   -0.698  0.357   1.00 28.15  ? 216 HOH A O   1 
HETATM 649 O  O   . HOH P 4 .  ? 11.940  19.317  11.777  1.00 19.89  ? 201 HOH B O   1 
HETATM 650 O  O   . HOH P 4 .  ? 2.382   13.650  14.682  1.00 18.94  ? 202 HOH B O   1 
HETATM 651 O  O   . HOH P 4 .  ? 4.029   20.541  13.101  1.00 20.81  ? 203 HOH B O   1 
HETATM 652 O  O   . HOH P 4 .  ? 12.358  21.724  13.169  1.00 25.97  ? 204 HOH B O   1 
HETATM 653 O  O   . HOH P 4 .  ? 1.447   19.478  5.323   1.00 22.40  ? 205 HOH B O   1 
HETATM 654 O  O   . HOH P 4 .  ? 3.232   21.839  10.644  1.00 20.66  ? 206 HOH B O   1 
HETATM 655 O  O   . HOH P 4 .  ? 2.369   21.050  7.124   1.00 20.74  ? 207 HOH B O   1 
HETATM 656 O  O   . HOH P 4 .  ? 2.195   16.002  12.863  1.00 15.21  ? 208 HOH B O   1 
HETATM 657 O  O   . HOH P 4 .  ? 6.409   21.693  13.225  1.00 21.08  ? 209 HOH B O   1 
HETATM 658 O  O   . HOH P 4 .  ? 4.923   -6.919  5.155   1.00 33.85  ? 210 HOH B O   1 
HETATM 659 O  O   . HOH P 4 .  ? -1.443  17.963  4.226   1.00 31.50  ? 211 HOH B O   1 
HETATM 660 O  O   . HOH P 4 .  ? 7.083   17.899  11.968  1.00 33.80  ? 212 HOH B O   1 
HETATM 661 O  O   . HOH Q 4 .  ? -2.698  -20.551 -4.598  1.00 20.83  ? 201 HOH C O   1 
HETATM 662 O  O   . HOH Q 4 .  ? -15.157 -4.097  1.699   1.00 13.67  ? 202 HOH C O   1 
HETATM 663 O  O   . HOH Q 4 .  ? -1.006  -17.412 -12.836 1.00 14.18  ? 203 HOH C O   1 
HETATM 664 O  O   . HOH Q 4 .  ? -8.384  -10.916 -6.854  1.00 18.14  ? 204 HOH C O   1 
HETATM 665 O  O   . HOH Q 4 .  ? 2.622   -14.955 -4.218  1.00 30.72  ? 205 HOH C O   1 
HETATM 666 O  O   . HOH Q 4 .  ? -16.125 -3.251  6.041   1.00 25.78  ? 206 HOH C O   1 
HETATM 667 O  O   . HOH Q 4 .  ? 5.279   -15.639 -8.635  1.00 22.96  ? 207 HOH C O   1 
HETATM 668 O  O   . HOH Q 4 .  ? -18.609 -9.009  1.224   1.00 27.37  ? 208 HOH C O   1 
HETATM 669 O  O   . HOH Q 4 .  ? -5.558  -21.455 -3.642  1.00 17.46  ? 209 HOH C O   1 
HETATM 670 O  O   . HOH Q 4 .  ? -3.035  -20.965 -7.277  1.00 32.97  ? 210 HOH C O   1 
HETATM 671 O  O   . HOH Q 4 .  ? -1.246  -18.850 -10.517 1.00 29.04  ? 211 HOH C O   1 
HETATM 672 O  O   . HOH Q 4 .  ? -11.788 -10.759 10.490  1.00 35.62  ? 212 HOH C O   1 
HETATM 673 O  O   . HOH Q 4 .  ? 4.007   -19.124 -6.839  1.00 31.14  ? 213 HOH C O   1 
HETATM 674 O  O   . HOH Q 4 .  ? -5.895  -23.126 -1.558  1.00 38.67  ? 214 HOH C O   1 
HETATM 675 O  O   . HOH R 4 .  ? -17.881 -4.082  2.028   1.00 9.96   ? 201 HOH D O   1 
HETATM 676 O  O   . HOH R 4 .  ? -19.583 -9.284  -8.749  1.00 16.18  ? 202 HOH D O   1 
HETATM 677 O  O   . HOH R 4 .  ? -18.853 -2.694  -0.124  1.00 12.94  ? 203 HOH D O   1 
HETATM 678 O  O   . HOH R 4 .  ? -19.261 -6.362  1.464   1.00 13.92  ? 204 HOH D O   1 
HETATM 679 O  O   . HOH R 4 .  ? -22.246 -12.494 0.456   1.00 25.79  ? 205 HOH D O   1 
HETATM 680 O  O   . HOH R 4 .  ? -18.210 -1.443  -7.453  1.00 22.35  ? 206 HOH D O   1 
HETATM 681 O  O   . HOH R 4 .  ? -23.164 -7.880  -1.802  1.00 16.97  ? 207 HOH D O   1 
HETATM 682 O  O   . HOH R 4 .  ? -18.425 -1.356  -4.408  1.00 18.81  ? 208 HOH D O   1 
HETATM 683 O  O   . HOH R 4 .  ? 5.717   -13.052 -9.902  1.00 24.06  ? 209 HOH D O   1 
HETATM 684 O  O   . HOH R 4 .  ? -11.785 -1.230  -10.941 1.00 20.73  ? 210 HOH D O   1 
HETATM 685 O  O   . HOH R 4 .  ? -20.111 -3.242  -7.673  1.00 29.65  ? 211 HOH D O   1 
HETATM 686 O  O   . HOH R 4 .  ? -21.745 -3.774  -4.582  1.00 20.01  ? 212 HOH D O   1 
HETATM 687 O  O   . HOH R 4 .  ? -12.159 -1.065  -1.177  1.00 30.47  ? 213 HOH D O   1 
HETATM 688 O  O   . HOH R 4 .  ? -13.477 -1.130  -8.316  1.00 12.74  ? 214 HOH D O   1 
HETATM 689 O  O   . HOH R 4 .  ? -16.510 -1.874  -1.470  1.00 23.72  ? 215 HOH D O   1 
HETATM 690 O  O   . HOH R 4 .  ? -23.419 -7.527  -5.678  1.00 23.44  ? 216 HOH D O   1 
HETATM 691 O  O   . HOH R 4 .  ? -12.324 3.156   -9.206  1.00 25.62  ? 217 HOH D O   1 
HETATM 692 O  O   . HOH R 4 .  ? -13.528 1.376   -7.266  1.00 28.30  ? 218 HOH D O   1 
HETATM 693 O  O   . HOH R 4 .  ? 8.264   -11.871 -10.548 1.00 42.93  ? 219 HOH D O   1 
HETATM 694 O  O   . HOH R 4 .  ? -11.043 1.625   -11.023 1.00 29.27  ? 220 HOH D O   1 
HETATM 695 O  O   . HOH R 4 .  ? 6.204   -10.789 -12.686 1.00 30.22  ? 221 HOH D O   1 
HETATM 696 O  O   . HOH R 4 .  ? -16.648 -5.274  -7.984  1.00 29.65  ? 222 HOH D O   1 
HETATM 697 O  O   . HOH R 4 .  ? -16.324 2.770   -6.801  1.00 41.45  ? 223 HOH D O   1 
# 
loop_
_atom_site_anisotrop.id 
_atom_site_anisotrop.type_symbol 
_atom_site_anisotrop.pdbx_label_atom_id 
_atom_site_anisotrop.pdbx_label_alt_id 
_atom_site_anisotrop.pdbx_label_comp_id 
_atom_site_anisotrop.pdbx_label_asym_id 
_atom_site_anisotrop.pdbx_label_seq_id 
_atom_site_anisotrop.pdbx_PDB_ins_code 
_atom_site_anisotrop.U[1][1] 
_atom_site_anisotrop.U[2][2] 
_atom_site_anisotrop.U[3][3] 
_atom_site_anisotrop.U[1][2] 
_atom_site_anisotrop.U[1][3] 
_atom_site_anisotrop.U[2][3] 
_atom_site_anisotrop.pdbx_auth_seq_id 
_atom_site_anisotrop.pdbx_auth_comp_id 
_atom_site_anisotrop.pdbx_auth_asym_id 
_atom_site_anisotrop.pdbx_auth_atom_id 
1   N  N   . ORN A 1  ? 0.3330 0.1804 0.3059 0.1329  0.1183 0.0588  0  ORN A N   
2   C  CA  . ORN A 1  ? 0.3646 0.2157 0.3492 0.1185  0.1111 0.0540  0  ORN A CA  
3   C  CB  . ORN A 1  ? 0.4381 0.2771 0.4150 0.1228  0.1152 0.0565  0  ORN A CB  
4   C  CG  . ORN A 1  ? 0.4378 0.2918 0.4067 0.1371  0.1110 0.0592  0  ORN A CG  
5   C  CD  . ORN A 1  ? 0.3729 0.2564 0.3534 0.1310  0.0978 0.0533  0  ORN A CD  
6   N  NE  . ORN A 1  ? 0.4126 0.2938 0.4040 0.1162  0.0936 0.0496  0  ORN A NE  
7   C  C   . ORN A 1  ? 0.3144 0.1569 0.3097 0.1029  0.1138 0.0501  0  ORN A C   
8   O  O   . ORN A 1  ? 0.3537 0.1833 0.3466 0.1021  0.1240 0.0507  0  ORN A O   
9   N  N   . SER A 2  ? 0.2694 0.1213 0.2766 0.0907  0.1051 0.0457  1  SER A N   
10  C  CA  . SER A 2  ? 0.2345 0.0841 0.2513 0.0779  0.1067 0.0417  1  SER A CA  
11  C  C   . SER A 2  ? 0.2233 0.0789 0.2475 0.0696  0.1000 0.0390  1  SER A C   
12  O  O   . SER A 2  ? 0.2215 0.0827 0.2447 0.0720  0.0941 0.0398  1  SER A O   
13  C  CB  . SER A 2  ? 0.2213 0.0824 0.2455 0.0740  0.1025 0.0400  1  SER A CB  
14  O  OG  . SER A 2  ? 0.2917 0.1687 0.3217 0.0714  0.0916 0.0379  1  SER A OG  
15  N  N   . VAL A 3  ? 0.1600 0.0580 0.1847 0.0424  0.1016 0.0359  2  VAL A N   
16  C  CA  A VAL A 3  ? 0.1601 0.0590 0.1923 0.0401  0.0965 0.0334  2  VAL A CA  
17  C  CA  B VAL A 3  ? 0.1502 0.0571 0.1810 0.0368  0.0965 0.0334  2  VAL A CA  
18  C  C   . VAL A 3  ? 0.1916 0.0693 0.2331 0.0522  0.0879 0.0340  2  VAL A C   
19  O  O   . VAL A 3  ? 0.1988 0.0803 0.2440 0.0518  0.0863 0.0332  2  VAL A O   
20  C  CB  A VAL A 3  ? 0.2139 0.0801 0.2563 0.0470  0.1016 0.0281  2  VAL A CB  
21  C  CB  B VAL A 3  ? 0.1868 0.0615 0.2281 0.0437  0.1017 0.0284  2  VAL A CB  
22  C  CG1 A VAL A 3  ? 0.2074 0.0836 0.2569 0.0428  0.1022 0.0261  2  VAL A CG1 
23  C  CG1 B VAL A 3  ? 0.1736 0.0618 0.2204 0.0395  0.0955 0.0273  2  VAL A CG1 
24  C  CG2 A VAL A 3  ? 0.2093 0.0825 0.2548 0.0442  0.0970 0.0268  2  VAL A CG2 
25  C  CG2 B VAL A 3  ? 0.1918 0.0589 0.2267 0.0411  0.1115 0.0256  2  VAL A CG2 
26  N  N   . GLN A 4  ? 0.1366 0.0579 0.1719 0.0350  0.0842 0.0334  3  GLN A N   
27  C  CA  . GLN A 4  ? 0.1473 0.0620 0.1869 0.0384  0.0795 0.0330  3  GLN A CA  
28  C  C   . GLN A 4  ? 0.1811 0.0689 0.2256 0.0460  0.0790 0.0347  3  GLN A C   
29  O  O   . GLN A 4  ? 0.1648 0.0644 0.2057 0.0410  0.0801 0.0346  3  GLN A O   
30  C  CB  . GLN A 4  ? 0.1862 0.0760 0.2270 0.0539  0.0773 0.0333  3  GLN A CB  
31  C  CG  . GLN A 4  ? 0.4100 0.3093 0.4525 0.0509  0.0753 0.0291  3  GLN A CG  
32  C  CD  . GLN A 4  ? 0.6462 0.5565 0.6859 0.0548  0.0744 0.0258  3  GLN A CD  
33  O  OE1 . GLN A 4  ? 0.5596 0.4744 0.5957 0.0622  0.0738 0.0265  3  GLN A OE1 
34  N  NE2 . GLN A 4  ? 0.5887 0.5044 0.6292 0.0505  0.0757 0.0219  3  GLN A NE2 
35  N  N   . ILE A 5  ? 0.1331 0.0597 0.1762 0.0315  0.0793 0.0323  4  ILE A N   
36  C  CA  . ILE A 5  ? 0.1216 0.0579 0.1626 0.0285  0.0809 0.0328  4  ILE A CA  
37  C  C   . ILE A 5  ? 0.1484 0.0601 0.1896 0.0353  0.0819 0.0344  4  ILE A C   
38  O  O   . ILE A 5  ? 0.1211 0.0563 0.1617 0.0273  0.0816 0.0316  4  ILE A O   
39  C  CB  . ILE A 5  ? 0.1494 0.0640 0.1948 0.0381  0.0808 0.0352  4  ILE A CB  
40  C  CG1 . ILE A 5  ? 0.1530 0.0638 0.2007 0.0387  0.0822 0.0330  4  ILE A CG1 
41  C  CG2 . ILE A 5  ? 0.1491 0.0650 0.1904 0.0407  0.0824 0.0380  4  ILE A CG2 
42  C  CD1 . ILE A 5  ? 0.2054 0.0928 0.2522 0.0460  0.0827 0.0336  4  ILE A CD1 
43  N  N   . VAL A 6  ? 0.1325 0.0574 0.1691 0.0301  0.0859 0.0333  5  VAL A N   
44  C  CA  . VAL A 6  ? 0.1223 0.0545 0.1548 0.0258  0.0914 0.0307  5  VAL A CA  
45  C  C   . VAL A 6  ? 0.1527 0.0565 0.1802 0.0345  0.0977 0.0364  5  VAL A C   
46  O  O   . VAL A 6  ? 0.1450 0.0566 0.1715 0.0344  0.0987 0.0375  5  VAL A O   
47  C  CB  . VAL A 6  ? 0.1934 0.0692 0.2294 0.0357  0.0927 0.0304  5  VAL A CB  
48  C  CG1 . VAL A 6  ? 0.2213 0.0916 0.2524 0.0306  0.1019 0.0255  5  VAL A CG1 
49  C  CG2 . VAL A 6  ? 0.1968 0.0840 0.2367 0.0361  0.0868 0.0263  5  VAL A CG2 
50  N  N   . TYR A 7  ? 0.1395 0.0545 0.1607 0.0318  0.1037 0.0349  6  TYR A N   
51  C  CA  . TYR A 7  ? 0.1518 0.0548 0.1636 0.0370  0.1135 0.0388  6  TYR A CA  
52  C  C   . TYR A 7  ? 0.2342 0.0690 0.2420 0.0422  0.1230 0.0408  6  TYR A C   
53  O  O   . TYR A 7  ? 0.2328 0.0692 0.2413 0.0379  0.1231 0.0349  6  TYR A O   
54  C  CB  . TYR A 7  ? 0.1588 0.0584 0.1652 0.0442  0.1135 0.0446  6  TYR A CB  
55  C  CG  . TYR A 7  ? 0.1991 0.0633 0.1924 0.0572  0.1253 0.0530  6  TYR A CG  
56  C  CD1 . TYR A 7  ? 0.2212 0.0694 0.2092 0.0688  0.1281 0.0615  6  TYR A CD1 
57  C  CD2 . TYR A 7  ? 0.2250 0.0629 0.2099 0.0599  0.1349 0.0537  6  TYR A CD2 
58  C  CE1 . TYR A 7  ? 0.2580 0.0761 0.2311 0.0816  0.1409 0.0706  6  TYR A CE1 
59  C  CE2 . TYR A 7  ? 0.2496 0.0639 0.2187 0.0693  0.1493 0.0605  6  TYR A CE2 
60  C  CZ  . TYR A 7  ? 0.3000 0.0987 0.2626 0.0822  0.1524 0.0707  6  TYR A CZ  
61  O  OH  . TYR A 7  ? 0.3144 0.0928 0.2589 0.0926  0.1687 0.0783  6  TYR A OH  
62  N  N   . LYS A 8  ? 0.2054 0.0522 0.2083 0.0370  0.1337 0.0378  7  LYS A N   
63  C  CA  . LYS A 8  ? 0.2326 0.0490 0.2302 0.0309  0.1472 0.0324  7  LYS A CA  
64  C  C   . LYS A 8  ? 0.2715 0.0636 0.2570 0.0339  0.1639 0.0379  7  LYS A C   
65  O  O   . LYS A 8  ? 0.2776 0.0685 0.2648 0.0337  0.1655 0.0408  7  LYS A O   
66  C  CB  . LYS A 8  ? 0.2418 0.0691 0.2492 0.0211  0.1443 0.0227  7  LYS A CB  
67  C  CG  . LYS A 8  ? 0.4392 0.2638 0.4434 0.0100  0.1584 0.0098  7  LYS A CG  
68  C  CD  . LYS A 8  ? 0.6006 0.4442 0.6142 0.0021  0.1566 0.0003  7  LYS A CD  
69  C  CE  . LYS A 8  ? 0.7685 0.6126 0.7795 -0.0105 0.1741 -0.0146 7  LYS A CE  
70  N  NZ  . LYS A 8  ? 0.8423 0.6961 0.8528 -0.0157 0.1745 -0.0271 7  LYS A NZ  
71  N  N   . ORN A 9  ? 0.3668 0.1005 0.3104 0.0656  0.2042 0.0722  8  ORN A N   
72  C  CA  . ORN A 9  ? 0.2401 0.0541 0.2046 0.0553  0.1826 0.0502  8  ORN A CA  
73  C  CB  . ORN A 9  ? 0.2905 0.0611 0.2490 0.0640  0.1780 0.0642  8  ORN A CB  
74  C  CG  . ORN A 9  ? 0.2947 0.0556 0.2439 0.0589  0.1924 0.0571  8  ORN A CG  
75  C  CD  . ORN A 9  ? 0.2875 0.0483 0.2448 0.0419  0.1958 0.0432  8  ORN A CD  
76  N  NE  . ORN A 9  ? 0.2764 0.0510 0.2486 0.0370  0.1767 0.0390  8  ORN A NE  
77  C  C   . ORN A 9  ? 0.2734 0.0627 0.2462 0.0597  0.1679 0.0643  8  ORN A C   
78  O  O   . ORN A 9  ? 0.3741 0.1469 0.3412 0.0689  0.1696 0.0751  8  ORN A O   
79  N  N   . GLU A 10 ? 0.2210 0.0531 0.2100 0.0468  0.1569 0.0486  9  GLU A N   
80  C  CA  . GLU A 10 ? 0.2212 0.0575 0.2202 0.0472  0.1417 0.0522  9  GLU A CA  
81  C  C   . GLU A 10 ? 0.2308 0.0624 0.2355 0.0510  0.1271 0.0555  9  GLU A C   
82  O  O   . GLU A 10 ? 0.2350 0.0623 0.2393 0.0504  0.1269 0.0535  9  GLU A O   
83  C  CB  . GLU A 10 ? 0.2464 0.0601 0.2536 0.0384  0.1404 0.0519  9  GLU A CB  
84  C  CG  . GLU A 10 ? 0.3813 0.1793 0.3842 0.0336  0.1554 0.0527  9  GLU A CG  
85  C  CD  . GLU A 10 ? 0.6616 0.4489 0.6576 0.0416  0.1595 0.0620  9  GLU A CD  
86  O  OE1 . GLU A 10 ? 0.4893 0.2850 0.4865 0.0500  0.1477 0.0668  9  GLU A OE1 
87  O  OE2 . GLU A 10 ? 0.6942 0.4654 0.6834 0.0390  0.1758 0.0635  9  GLU A OE2 
88  N  N   . PHE A 11 ? 0.1911 0.0616 0.2019 0.0484  0.1174 0.0510  10 PHE A N   
89  C  CA  . PHE A 11 ? 0.1599 0.0600 0.1760 0.0444  0.1075 0.0467  10 PHE A CA  
90  C  C   . PHE A 11 ? 0.1852 0.0628 0.2101 0.0463  0.0987 0.0481  10 PHE A C   
91  O  O   . PHE A 11 ? 0.1957 0.0660 0.2210 0.0476  0.0981 0.0500  10 PHE A O   
92  C  CB  . PHE A 11 ? 0.1876 0.0700 0.1991 0.0585  0.1050 0.0554  10 PHE A CB  
93  C  CG  . PHE A 11 ? 0.1988 0.0776 0.2183 0.0649  0.0959 0.0551  10 PHE A CG  
94  C  CD1 . PHE A 11 ? 0.2310 0.1155 0.2561 0.0653  0.0903 0.0520  10 PHE A CD1 
95  C  CD2 . PHE A 11 ? 0.2143 0.0948 0.2351 0.0670  0.0951 0.0548  10 PHE A CD2 
96  C  CE1 . PHE A 11 ? 0.2385 0.1373 0.2697 0.0638  0.0863 0.0467  10 PHE A CE1 
97  C  CE2 . PHE A 11 ? 0.2439 0.1402 0.2721 0.0658  0.0895 0.0504  10 PHE A CE2 
98  C  CZ  . PHE A 11 ? 0.2144 0.1197 0.2474 0.0642  0.0862 0.0462  10 PHE A CZ  
99  N  N   . HAO A 12 ? 0.1558 0.0601 0.1856 0.0379  0.0944 0.0410  11 HAO A N   
100 N  N9  . HAO A 12 ? 0.0978 0.0473 0.1234 0.0231  0.0710 0.0277  11 HAO A N9  
101 C  C10 . HAO A 12 ? 0.1092 0.0517 0.1428 0.0261  0.0827 0.0319  11 HAO A C10 
102 O  O11 . HAO A 12 ? 0.1283 0.0566 0.1646 0.0302  0.0859 0.0345  11 HAO A O11 
103 C  CA  . HAO A 12 ? 0.0885 0.0456 0.1154 0.0192  0.0622 0.0237  11 HAO A CA  
104 C  C13 . HAO A 12 ? 0.2081 0.0780 0.2489 0.0460  0.0806 0.0389  11 HAO A C13 
105 C  C14 . HAO A 12 ? 0.0885 0.0453 0.1152 0.0189  0.0621 0.0233  11 HAO A C14 
106 C  C15 . HAO A 12 ? 0.2533 0.1096 0.2908 0.0433  0.0835 0.0440  11 HAO A C15 
107 O  O15 . HAO A 12 ? 0.1939 0.0663 0.2312 0.0421  0.0844 0.0423  11 HAO A O15 
108 C  C17 . HAO A 12 ? 0.0960 0.0460 0.1261 0.0208  0.0709 0.0257  11 HAO A C17 
109 C  C18 . HAO A 12 ? 0.1354 0.0558 0.1701 0.0298  0.0829 0.0317  11 HAO A C18 
110 C  C19 . HAO A 12 ? 0.2436 0.1084 0.2829 0.0472  0.0810 0.0377  11 HAO A C19 
111 N  N20 . HAO A 12 ? 0.1764 0.0639 0.2122 0.0425  0.0827 0.0351  11 HAO A N20 
112 C  C21 . HAO A 12 ? 0.1109 0.0505 0.1351 0.0254  0.0809 0.0295  11 HAO A C21 
113 O  O22 . HAO A 12 ? 0.1425 0.0546 0.1678 0.0332  0.0879 0.0322  11 HAO A O22 
114 C  C   . HAO A 12 ? 0.2195 0.0746 0.2495 0.0577  0.0882 0.0372  11 HAO A C   
115 O  OXT . HAO A 12 ? 0.2498 0.1130 0.2831 0.0572  0.0862 0.0369  11 HAO A OXT 
116 C  CD1 A 4BF A 13 ? 0.2935 0.1205 0.3136 0.0556  0.1148 0.0288  12 4BF A CD1 
117 C  CD1 B 4BF A 13 ? 0.1621 0.0521 0.1548 0.0409  0.1198 0.0396  12 4BF A CD1 
118 C  CE1 A 4BF A 13 ? 0.1771 0.0505 0.1960 0.0334  0.1217 0.0265  12 4BF A CE1 
119 C  CE1 B 4BF A 13 ? 0.1792 0.0543 0.1624 0.0470  0.1319 0.0441  12 4BF A CE1 
120 C  CZ  A 4BF A 13 ? 0.2254 0.0549 0.2427 0.0468  0.1337 0.0236  12 4BF A CZ  
121 C  CZ  B 4BF A 13 ? 0.2209 0.0648 0.1914 0.0685  0.1382 0.0500  12 4BF A CZ  
122 BR BR  A 4BF A 13 ? 0.4004 0.2236 0.4255 0.0394  0.1481 0.0115  12 4BF A BR  
123 BR BR  B 4BF A 13 ? 0.4207 0.1928 0.3872 0.1073  0.1563 0.0522  12 4BF A BR  
124 C  CE2 A 4BF A 13 ? 0.3088 0.1147 0.3172 0.0618  0.1367 0.0294  12 4BF A CE2 
125 C  CE2 B 4BF A 13 ? 0.1944 0.0639 0.1553 0.0628  0.1312 0.0527  12 4BF A CE2 
126 C  CD2 A 4BF A 13 ? 0.4507 0.2586 0.4551 0.0698  0.1275 0.0354  12 4BF A CD2 
127 C  CD2 B 4BF A 13 ? 0.2391 0.0753 0.2210 0.0776  0.1216 0.0473  12 4BF A CD2 
128 C  CG  A 4BF A 13 ? 0.4241 0.2428 0.4354 0.0655  0.1168 0.0345  12 4BF A CG  
129 C  CG  B 4BF A 13 ? 0.1595 0.0543 0.1471 0.0437  0.1146 0.0414  12 4BF A CG  
130 C  CB  A 4BF A 13 ? 0.1825 0.0591 0.1829 0.0504  0.1093 0.0391  12 4BF A CB  
131 C  CB  B 4BF A 13 ? 0.1652 0.0552 0.1641 0.0445  0.1094 0.0387  12 4BF A CB  
132 C  CA  A 4BF A 13 ? 0.1872 0.0633 0.1989 0.0552  0.0982 0.0391  12 4BF A CA  
133 C  CA  B 4BF A 13 ? 0.2129 0.0721 0.2270 0.0621  0.0982 0.0395  12 4BF A CA  
134 N  N   . 4BF A 13 ? 0.1158 0.0490 0.1271 0.0286  0.0829 0.0306  12 4BF A N   
135 C  C   . 4BF A 13 ? 0.1998 0.0708 0.2077 0.0674  0.0945 0.0426  12 4BF A C   
136 O  O   . 4BF A 13 ? 0.1778 0.0672 0.1781 0.0593  0.0943 0.0429  12 4BF A O   
137 N  N   . LYS A 14 ? 0.2101 0.0806 0.2206 0.0768  0.0913 0.0433  13 LYS A N   
138 C  CA  . LYS A 14 ? 0.3807 0.2575 0.3909 0.0906  0.0874 0.0437  13 LYS A CA  
139 C  C   . LYS A 14 ? 0.4167 0.2957 0.4193 0.1016  0.0905 0.0459  13 LYS A C   
140 O  O   . LYS A 14 ? 0.2850 0.1640 0.2912 0.0979  0.0907 0.0447  13 LYS A O   
141 C  CB  . LYS A 14 ? 0.3999 0.2951 0.4193 0.0827  0.0806 0.0385  13 LYS A CB  
142 N  N   . ORN B 1  ? 0.5328 0.4435 0.5825 -0.0226 0.1230 -0.0159 0  ORN B N   
143 C  CA  . ORN B 1  ? 0.5788 0.4914 0.6255 -0.0168 0.1135 -0.0093 0  ORN B CA  
144 C  CB  . ORN B 1  ? 0.6120 0.5173 0.6559 -0.0168 0.1166 -0.0097 0  ORN B CB  
145 C  CG  . ORN B 1  ? 0.9411 0.8574 0.9888 -0.0233 0.1198 -0.0188 0  ORN B CG  
146 C  CD  . ORN B 1  ? 0.4277 0.3648 0.4793 -0.0240 0.1117 -0.0208 0  ORN B CD  
147 N  NE  . ORN B 1  ? 0.6385 0.5773 0.6880 -0.0183 0.1030 -0.0139 0  ORN B NE  
148 C  C   . ORN B 1  ? 0.3478 0.2528 0.3912 -0.0100 0.1086 -0.0006 0  ORN B C   
149 O  O   . ORN B 1  ? 0.8227 0.7171 0.8650 -0.0080 0.1133 0.0017  0  ORN B O   
150 N  N   . SER B 2  ? 0.2550 0.1666 0.2972 -0.0061 0.0989 0.0041  1  SER B N   
151 C  CA  . SER B 2  ? 0.2383 0.1456 0.2779 -0.0005 0.0943 0.0106  1  SER B CA  
152 C  C   . SER B 2  ? 0.2351 0.1451 0.2723 0.0027  0.0879 0.0148  1  SER B C   
153 O  O   . SER B 2  ? 0.2199 0.1367 0.2582 0.0012  0.0858 0.0133  1  SER B O   
154 C  CB  . SER B 2  ? 0.3028 0.2154 0.3448 -0.0010 0.0921 0.0100  1  SER B CB  
155 O  OG  . SER B 2  ? 0.4329 0.3574 0.4764 -0.0027 0.0875 0.0082  1  SER B OG  
156 N  N   . VAL B 3  ? 0.1716 0.0773 0.2060 0.0071  0.0855 0.0197  2  VAL B N   
157 C  CA  . VAL B 3  ? 0.1673 0.0752 0.1997 0.0095  0.0807 0.0230  2  VAL B CA  
158 C  C   . VAL B 3  ? 0.1879 0.1042 0.2222 0.0090  0.0767 0.0223  2  VAL B C   
159 O  O   . VAL B 3  ? 0.1854 0.1033 0.2209 0.0090  0.0762 0.0214  2  VAL B O   
160 C  CB  . VAL B 3  ? 0.2292 0.1332 0.2585 0.0140  0.0798 0.0271  2  VAL B CB  
161 C  CG1 . VAL B 3  ? 0.2166 0.1242 0.2440 0.0150  0.0760 0.0290  2  VAL B CG1 
162 C  CG2 . VAL B 3  ? 0.2546 0.1493 0.2807 0.0159  0.0846 0.0289  2  VAL B CG2 
163 N  N   . GLN B 4  ? 0.1321 0.0522 0.1664 0.0088  0.0746 0.0229  3  GLN B N   
164 C  CA  . GLN B 4  ? 0.1318 0.0576 0.1666 0.0094  0.0722 0.0234  3  GLN B CA  
165 C  C   . GLN B 4  ? 0.1495 0.0740 0.1825 0.0108  0.0714 0.0259  3  GLN B C   
166 O  O   . GLN B 4  ? 0.1202 0.0479 0.1536 0.0110  0.0719 0.0250  3  GLN B O   
167 C  CB  . GLN B 4  ? 0.1544 0.0878 0.1911 0.0080  0.0721 0.0213  3  GLN B CB  
168 C  CG  . GLN B 4  ? 0.2819 0.2204 0.3176 0.0099  0.0702 0.0231  3  GLN B CG  
169 C  CD  . GLN B 4  ? 0.5820 0.5308 0.6189 0.0098  0.0695 0.0216  3  GLN B CD  
170 O  OE1 . GLN B 4  ? 0.5683 0.5228 0.6076 0.0083  0.0700 0.0191  3  GLN B OE1 
171 N  NE2 . GLN B 4  ? 0.5341 0.4865 0.5691 0.0115  0.0684 0.0230  3  GLN B NE2 
172 N  N   . ILE B 5  ? 0.1003 0.0447 0.1339 0.0142  0.0700 0.0203  4  ILE B N   
173 C  CA  . ILE B 5  ? 0.1032 0.0454 0.1354 0.0146  0.0708 0.0215  4  ILE B CA  
174 C  C   . ILE B 5  ? 0.1377 0.0628 0.1677 0.0126  0.0728 0.0278  4  ILE B C   
175 O  O   . ILE B 5  ? 0.1321 0.0580 0.1615 0.0127  0.0723 0.0266  4  ILE B O   
176 C  CB  . ILE B 5  ? 0.1347 0.0584 0.1642 0.0122  0.0713 0.0269  4  ILE B CB  
177 C  CG1 . ILE B 5  ? 0.1449 0.0664 0.1734 0.0130  0.0708 0.0281  4  ILE B CG1 
178 C  CG2 . ILE B 5  ? 0.1497 0.0746 0.1783 0.0110  0.0734 0.0263  4  ILE B CG2 
179 C  CD1 . ILE B 5  ? 0.1269 0.0497 0.1547 0.0126  0.0717 0.0280  4  ILE B CD1 
180 N  N   . VAL B 6  ? 0.1055 0.0460 0.1371 0.0162  0.0740 0.0234  5  VAL B N   
181 C  CA  . VAL B 6  ? 0.1184 0.0485 0.1472 0.0163  0.0772 0.0284  5  VAL B CA  
182 C  C   . VAL B 6  ? 0.1600 0.0795 0.1870 0.0142  0.0827 0.0310  5  VAL B C   
183 O  O   . VAL B 6  ? 0.1376 0.0561 0.1660 0.0132  0.0842 0.0316  5  VAL B O   
184 C  CB  . VAL B 6  ? 0.1831 0.1110 0.2116 0.0180  0.0771 0.0338  5  VAL B CB  
185 C  CG1 . VAL B 6  ? 0.1974 0.1236 0.2229 0.0215  0.0808 0.0369  5  VAL B CG1 
186 C  CG2 . VAL B 6  ? 0.1842 0.1183 0.2139 0.0175  0.0733 0.0321  5  VAL B CG2 
187 N  N   . TYR B 7  ? 0.1373 0.0540 0.1619 0.0142  0.0863 0.0299  6  TYR B N   
188 C  CA  . TYR B 7  ? 0.1360 0.0503 0.1596 0.0140  0.0930 0.0275  6  TYR B CA  
189 C  C   . TYR B 7  ? 0.1692 0.0764 0.1891 0.0169  0.0977 0.0327  6  TYR B C   
190 O  O   . TYR B 7  ? 0.1654 0.0724 0.1827 0.0182  0.0966 0.0326  6  TYR B O   
191 C  CB  . TYR B 7  ? 0.1573 0.0695 0.1800 0.0092  0.0955 0.0234  6  TYR B CB  
192 C  CG  . TYR B 7  ? 0.1551 0.0619 0.1762 0.0067  0.1049 0.0208  6  TYR B CG  
193 C  CD1 . TYR B 7  ? 0.1680 0.0751 0.1909 0.0034  0.1095 0.0189  6  TYR B CD1 
194 C  CD2 . TYR B 7  ? 0.1751 0.0762 0.1928 0.0071  0.1104 0.0194  6  TYR B CD2 
195 C  CE1 . TYR B 7  ? 0.1623 0.0642 0.1843 0.0001  0.1199 0.0155  6  TYR B CE1 
196 C  CE2 . TYR B 7  ? 0.1973 0.0920 0.2131 0.0044  0.1212 0.0162  6  TYR B CE2 
197 C  CZ  . TYR B 7  ? 0.2222 0.1176 0.2406 0.0006  0.1262 0.0138  6  TYR B CZ  
198 O  OH  . TYR B 7  ? 0.2172 0.1063 0.2342 -0.0033 0.1384 0.0095  6  TYR B OH  
199 N  N   . LYS B 8  ? 0.1423 0.0506 0.1631 0.0212  0.1017 0.0335  7  LYS B N   
200 C  CA  . LYS B 8  ? 0.1471 0.0520 0.1642 0.0267  0.1062 0.0380  7  LYS B CA  
201 C  C   . LYS B 8  ? 0.2004 0.0900 0.2150 0.0250  0.1183 0.0426  7  LYS B C   
202 O  O   . LYS B 8  ? 0.1878 0.0769 0.2055 0.0256  0.1206 0.0448  7  LYS B O   
203 C  CB  . LYS B 8  ? 0.1834 0.0904 0.2006 0.0302  0.1017 0.0464  7  LYS B CB  
204 C  CG  . LYS B 8  ? 0.3168 0.2226 0.3294 0.0377  0.1053 0.0528  7  LYS B CG  
205 C  CD  . LYS B 8  ? 0.4155 0.3320 0.4308 0.0428  0.1004 0.0568  7  LYS B CD  
206 C  CE  . LYS B 8  ? 0.5808 0.5008 0.5911 0.0515  0.1020 0.0634  7  LYS B CE  
207 N  NZ  . LYS B 8  ? 0.6467 0.5806 0.6606 0.0564  0.0969 0.0663  7  LYS B NZ  
208 N  N   . ORN B 9  ? 0.1939 0.0626 0.2155 0.0089  0.1532 0.0308  8  ORN B N   
209 C  CA  . ORN B 9  ? 0.1595 0.0425 0.1826 0.0219  0.1319 0.0239  8  ORN B CA  
210 C  CB  . ORN B 9  ? 0.1887 0.0686 0.2069 0.0105  0.1365 0.0302  8  ORN B CB  
211 C  CG  . ORN B 9  ? 0.2226 0.0934 0.2350 0.0140  0.1437 0.0319  8  ORN B CG  
212 C  CD  . ORN B 9  ? 0.1959 0.0664 0.2050 0.0231  0.1397 0.0406  8  ORN B CD  
213 N  NE  . ORN B 9  ? 0.1781 0.0593 0.1886 0.0238  0.1267 0.0405  8  ORN B NE  
214 C  C   . ORN B 9  ? 0.2085 0.0943 0.2344 0.0100  0.1313 0.0339  8  ORN B C   
215 O  O   . ORN B 9  ? 0.2313 0.1194 0.2597 0.0036  0.1333 0.0291  8  ORN B O   
216 N  N   . GLU B 10 ? 0.1659 0.0577 0.1923 0.0161  0.1218 0.0380  9  GLU B N   
217 C  CA  . GLU B 10 ? 0.1665 0.0645 0.1962 0.0141  0.1139 0.0384  9  GLU B CA  
218 C  C   . GLU B 10 ? 0.1863 0.0906 0.2155 0.0114  0.1059 0.0345  9  GLU B C   
219 O  O   . GLU B 10 ? 0.1971 0.1019 0.2237 0.0125  0.1043 0.0335  9  GLU B O   
220 C  CB  . GLU B 10 ? 0.1935 0.0953 0.2244 0.0202  0.1095 0.0436  9  GLU B CB  
221 C  CG  . GLU B 10 ? 0.3604 0.2578 0.3925 0.0250  0.1164 0.0487  9  GLU B CG  
222 C  CD  . GLU B 10 ? 0.5807 0.4859 0.6133 0.0322  0.1111 0.0535  9  GLU B CD  
223 O  OE1 . GLU B 10 ? 0.4837 0.3904 0.5121 0.0373  0.1106 0.0564  9  GLU B OE1 
224 O  OE2 . GLU B 10 ? 0.4653 0.3763 0.5021 0.0323  0.1071 0.0534  9  GLU B OE2 
225 N  N   . PHE B 11 ? 0.1420 0.0530 0.1737 0.0103  0.1003 0.0306  10 PHE B N   
226 C  CA  . PHE B 11 ? 0.1319 0.0505 0.1631 0.0105  0.0928 0.0262  10 PHE B CA  
227 C  C   . PHE B 11 ? 0.1881 0.1034 0.2201 0.0076  0.0893 0.0313  10 PHE B C   
228 O  O   . PHE B 11 ? 0.1795 0.0936 0.2128 0.0053  0.0908 0.0312  10 PHE B O   
229 C  CB  . PHE B 11 ? 0.1493 0.0648 0.1793 0.0026  0.0966 0.0255  10 PHE B CB  
230 C  CG  . PHE B 11 ? 0.1526 0.0736 0.1816 0.0026  0.0902 0.0237  10 PHE B CG  
231 C  CD1 . PHE B 11 ? 0.1814 0.1050 0.2103 0.0017  0.0870 0.0240  10 PHE B CD1 
232 C  CD2 . PHE B 11 ? 0.1716 0.0946 0.1997 0.0041  0.0882 0.0223  10 PHE B CD2 
233 C  CE1 . PHE B 11 ? 0.1903 0.1182 0.2179 0.0032  0.0821 0.0235  10 PHE B CE1 
234 C  CE2 . PHE B 11 ? 0.1978 0.1259 0.2256 0.0048  0.0831 0.0211  10 PHE B CE2 
235 C  CZ  . PHE B 11 ? 0.1734 0.1037 0.2007 0.0049  0.0803 0.0222  10 PHE B CZ  
236 N  N   . HAO B 12 ? 0.1540 0.0719 0.1858 0.0096  0.0839 0.0318  11 HAO B N   
237 N  N9  . HAO B 12 ? 0.1060 0.0451 0.1410 0.0155  0.0784 0.0219  11 HAO B N9  
238 C  C10 . HAO B 12 ? 0.1700 0.0904 0.2026 0.0102  0.0776 0.0312  11 HAO B C10 
239 O  O11 . HAO B 12 ? 0.1545 0.0767 0.1862 0.0115  0.0762 0.0309  11 HAO B O11 
240 C  CA  . HAO B 12 ? 0.1016 0.0455 0.1371 0.0149  0.0740 0.0204  11 HAO B CA  
241 C  C13 . HAO B 12 ? 0.1266 0.0498 0.1598 0.0099  0.0743 0.0279  11 HAO B C13 
242 C  C14 . HAO B 12 ? 0.1095 0.0463 0.1448 0.0125  0.0758 0.0218  11 HAO B C14 
243 C  C15 . HAO B 12 ? 0.2037 0.1163 0.2382 0.0031  0.0828 0.0308  11 HAO B C15 
244 O  O15 . HAO B 12 ? 0.1604 0.0760 0.1945 0.0058  0.0809 0.0312  11 HAO B O15 
245 C  C17 . HAO B 12 ? 0.1384 0.0522 0.1711 0.0057  0.0777 0.0294  11 HAO B C17 
246 C  C18 . HAO B 12 ? 0.1560 0.0693 0.1879 0.0063  0.0767 0.0281  11 HAO B C18 
247 C  C19 . HAO B 12 ? 0.1018 0.0432 0.1364 0.0129  0.0734 0.0190  11 HAO B C19 
248 N  N20 . HAO B 12 ? 0.1484 0.0650 0.1809 0.0078  0.0753 0.0263  11 HAO B N20 
249 C  C21 . HAO B 12 ? 0.1539 0.0678 0.1868 0.0059  0.0776 0.0238  11 HAO B C21 
250 O  O22 . HAO B 12 ? 0.1790 0.0905 0.2119 0.0043  0.0794 0.0227  11 HAO B O22 
251 C  C   . HAO B 12 ? 0.2036 0.1169 0.2368 0.0054  0.0792 0.0215  11 HAO B C   
252 O  OXT . HAO B 12 ? 0.1819 0.0976 0.2153 0.0067  0.0776 0.0222  11 HAO B OXT 
253 C  CD1 A 4BF B 13 ? 0.1808 0.0680 0.2107 0.0019  0.1002 0.0146  12 4BF B CD1 
254 C  CD1 B 4BF B 13 ? 0.1424 0.0424 0.1678 0.0092  0.0907 0.0202  12 4BF B CD1 
255 C  CE1 A 4BF B 13 ? 0.2776 0.1564 0.3071 0.0012  0.1081 0.0130  12 4BF B CE1 
256 C  CE1 B 4BF B 13 ? 0.1591 0.0441 0.1803 0.0125  0.0922 0.0266  12 4BF B CE1 
257 C  CZ  A 4BF B 13 ? 0.2465 0.1191 0.2760 -0.0033 0.1169 0.0076  12 4BF B CZ  
258 C  CZ  B 4BF B 13 ? 0.1926 0.0691 0.2142 0.0131  0.0974 0.0267  12 4BF B CZ  
259 BR BR  A 4BF B 13 ? 0.5234 0.3818 0.5521 -0.0048 0.1308 0.0048  12 4BF B BR  
260 BR BR  B 4BF B 13 ? 0.3506 0.2216 0.3679 0.0213  0.0983 0.0337  12 4BF B BR  
261 C  CE2 A 4BF B 13 ? 0.3462 0.2223 0.3763 -0.0069 0.1168 0.0035  12 4BF B CE2 
262 C  CE2 B 4BF B 13 ? 0.3840 0.2614 0.4097 0.0079  0.1019 0.0209  12 4BF B CE2 
263 C  CD2 A 4BF B 13 ? 0.3642 0.2492 0.3950 -0.0056 0.1082 0.0058  12 4BF B CD2 
264 C  CD2 B 4BF B 13 ? 0.1296 0.0395 0.1592 0.0071  0.0995 0.0104  12 4BF B CD2 
265 C  CG  A 4BF B 13 ? 0.2395 0.1297 0.2705 -0.0013 0.1004 0.0114  12 4BF B CG  
266 C  CG  B 4BF B 13 ? 0.1739 0.0642 0.2026 0.0035  0.0948 0.0175  12 4BF B CG  
267 C  CB  A 4BF B 13 ? 0.2679 0.1653 0.2993 -0.0003 0.0936 0.0135  12 4BF B CB  
268 C  CB  B 4BF B 13 ? 0.1593 0.0584 0.1916 -0.0004 0.0936 0.0129  12 4BF B CB  
269 C  CA  A 4BF B 13 ? 0.3141 0.2237 0.3490 0.0006  0.0874 0.0140  12 4BF B CA  
270 C  CA  B 4BF B 13 ? 0.1064 0.0390 0.1413 0.0063  0.0837 0.0077  12 4BF B CA  
271 N  N   . 4BF B 13 ? 0.1027 0.0395 0.1360 0.0085  0.0792 0.0104  12 4BF B N   
272 C  C   . 4BF B 13 ? 0.3757 0.2969 0.4153 -0.0027 0.0873 0.0087  12 4BF B C   
273 O  O   . 4BF B 13 ? 0.2373 0.1595 0.2779 -0.0048 0.0890 0.0058  12 4BF B O   
274 N  N   . LYS B 14 ? 0.3848 0.3110 0.4267 -0.0048 0.0890 0.0051  13 LYS B N   
275 C  CA  . LYS B 14 ? 0.5974 0.5370 0.6436 -0.0088 0.0902 -0.0015 13 LYS B CA  
276 C  C   . LYS B 14 ? 0.6935 0.6315 0.7409 -0.0129 0.0960 -0.0064 13 LYS B C   
277 O  O   . LYS B 14 ? 0.3056 0.2417 0.3526 -0.0115 0.0949 -0.0039 13 LYS B O   
278 C  CB  . LYS B 14 ? 0.6186 0.5715 0.6661 -0.0061 0.0837 0.0006  13 LYS B CB  
279 N  N   . ORN C 1  ? 0.4170 0.2397 0.3317 0.1012  0.1241 0.0346  0  ORN C N   
280 C  CA  . ORN C 1  ? 0.2922 0.1345 0.2313 0.0913  0.1228 0.0319  0  ORN C CA  
281 C  CB  . ORN C 1  ? 0.3310 0.1767 0.2748 0.0968  0.1268 0.0343  0  ORN C CB  
282 C  CG  . ORN C 1  ? 0.4304 0.2579 0.3561 0.1005  0.1221 0.0307  0  ORN C CG  
283 C  CD  . ORN C 1  ? 0.6872 0.5119 0.6135 0.0893  0.1120 0.0241  0  ORN C CD  
284 N  NE  . ORN C 1  ? 0.5483 0.3931 0.4978 0.0801  0.1121 0.0221  0  ORN C NE  
285 C  C   . ORN C 1  ? 0.2630 0.1244 0.2223 0.0856  0.1262 0.0346  0  ORN C C   
286 O  O   . ORN C 1  ? 0.3192 0.1823 0.2780 0.0907  0.1314 0.0408  0  ORN C O   
287 N  N   . SER C 2  ? 0.2631 0.1377 0.2396 0.0750  0.1228 0.0305  1  SER C N   
288 C  CA  . SER C 2  ? 0.2191 0.1077 0.2119 0.0688  0.1240 0.0322  1  SER C CA  
289 C  C   . SER C 2  ? 0.1949 0.0923 0.1999 0.0607  0.1211 0.0284  1  SER C C   
290 O  O   . SER C 2  ? 0.1851 0.0809 0.1855 0.0554  0.1166 0.0272  1  SER C O   
291 C  CB  . SER C 2  ? 0.2257 0.1114 0.2138 0.0653  0.1217 0.0301  1  SER C CB  
292 O  OG  . SER C 2  ? 0.2810 0.1636 0.2670 0.0587  0.1157 0.0238  1  SER C OG  
293 N  N   . VAL C 3  ? 0.1512 0.0592 0.1576 0.0384  0.1091 0.0395  2  VAL C N   
294 C  CA  . VAL C 3  ? 0.1620 0.0724 0.1812 0.0413  0.1136 0.0316  2  VAL C CA  
295 C  C   . VAL C 3  ? 0.2002 0.1076 0.2198 0.0451  0.1156 0.0215  2  VAL C C   
296 O  O   . VAL C 3  ? 0.1975 0.1028 0.2141 0.0440  0.1145 0.0207  2  VAL C O   
297 C  CB  . VAL C 3  ? 0.2225 0.1385 0.2557 0.0449  0.1178 0.0298  2  VAL C CB  
298 C  CG1 . VAL C 3  ? 0.2190 0.1346 0.2540 0.0400  0.1153 0.0264  2  VAL C CG1 
299 C  CG2 . VAL C 3  ? 0.2292 0.1504 0.2704 0.0480  0.1197 0.0377  2  VAL C CG2 
300 N  N   . GLN C 4  ? 0.1462 0.0575 0.1583 0.0271  0.1023 0.0288  3  GLN C N   
301 C  CA  . GLN C 4  ? 0.1534 0.0625 0.1677 0.0285  0.1051 0.0247  3  GLN C CA  
302 C  C   . GLN C 4  ? 0.1901 0.1011 0.2150 0.0377  0.1134 0.0170  3  GLN C C   
303 O  O   . GLN C 4  ? 0.1752 0.0878 0.2015 0.0387  0.1150 0.0174  3  GLN C O   
304 C  CB  . GLN C 4  ? 0.1883 0.0908 0.2033 0.0405  0.1089 0.0168  3  GLN C CB  
305 C  CG  . GLN C 4  ? 0.3329 0.2353 0.3493 0.0367  0.1049 0.0174  3  GLN C CG  
306 C  CD  . GLN C 4  ? 0.6326 0.5272 0.6427 0.0364  0.0990 0.0183  3  GLN C CD  
307 O  OE1 . GLN C 4  ? 0.5440 0.4287 0.5429 0.0399  0.0972 0.0172  3  GLN C OE1 
308 N  NE2 . GLN C 4  ? 0.6141 0.5117 0.6301 0.0327  0.0955 0.0214  3  GLN C NE2 
309 N  N   . ILE C 5  ? 0.1558 0.0663 0.1773 0.0281  0.1079 0.0221  4  ILE C N   
310 C  CA  . ILE C 5  ? 0.1471 0.0564 0.1660 0.0235  0.1055 0.0258  4  ILE C CA  
311 C  C   . ILE C 5  ? 0.1715 0.0835 0.1983 0.0355  0.1156 0.0195  4  ILE C C   
312 O  O   . ILE C 5  ? 0.1627 0.0745 0.1900 0.0344  0.1141 0.0192  4  ILE C O   
313 C  CB  . ILE C 5  ? 0.1722 0.0778 0.1942 0.0348  0.1150 0.0169  4  ILE C CB  
314 C  CG1 . ILE C 5  ? 0.1794 0.0855 0.2037 0.0343  0.1137 0.0177  4  ILE C CG1 
315 C  CG2 . ILE C 5  ? 0.1843 0.0840 0.2004 0.0364  0.1168 0.0177  4  ILE C CG2 
316 C  CD1 . ILE C 5  ? 0.1927 0.0997 0.2177 0.0355  0.1149 0.0185  4  ILE C CD1 
317 N  N   . VAL C 6  ? 0.1507 0.0605 0.1736 0.0276  0.1092 0.0293  5  VAL C N   
318 C  CA  . VAL C 6  ? 0.1355 0.0525 0.1616 0.0277  0.1036 0.0314  5  VAL C CA  
319 C  C   . VAL C 6  ? 0.1577 0.0696 0.1845 0.0374  0.1189 0.0349  5  VAL C C   
320 O  O   . VAL C 6  ? 0.1568 0.0620 0.1764 0.0355  0.1166 0.0377  5  VAL C O   
321 C  CB  . VAL C 6  ? 0.1791 0.1026 0.2193 0.0352  0.1152 0.0317  5  VAL C CB  
322 C  CG1 . VAL C 6  ? 0.1884 0.1182 0.2374 0.0353  0.1154 0.0403  5  VAL C CG1 
323 C  CG2 . VAL C 6  ? 0.1836 0.1036 0.2217 0.0324  0.1090 0.0282  5  VAL C CG2 
324 N  N   . TYR C 7  ? 0.1347 0.0530 0.1570 0.0327  0.1037 0.0364  6  TYR C N   
325 C  CA  . TYR C 7  ? 0.1463 0.0574 0.1650 0.0401  0.1133 0.0436  6  TYR C CA  
326 C  C   . TYR C 7  ? 0.1799 0.1053 0.2201 0.0513  0.1338 0.0518  6  TYR C C   
327 O  O   . TYR C 7  ? 0.1617 0.0911 0.2092 0.0486  0.1300 0.0529  6  TYR C O   
328 C  CB  . TYR C 7  ? 0.1556 0.0574 0.1635 0.0423  0.1178 0.0437  6  TYR C CB  
329 C  CG  . TYR C 7  ? 0.1784 0.0699 0.1806 0.0553  0.1338 0.0532  6  TYR C CG  
330 C  CD1 . TYR C 7  ? 0.1898 0.0722 0.1789 0.0612  0.1391 0.0547  6  TYR C CD1 
331 C  CD2 . TYR C 7  ? 0.1817 0.0800 0.1926 0.0627  0.1400 0.0575  6  TYR C CD2 
332 C  CE1 . TYR C 7  ? 0.2301 0.1107 0.2147 0.0799  0.1556 0.0572  6  TYR C CE1 
333 C  CE2 . TYR C 7  ? 0.1999 0.0976 0.2075 0.0780  0.1537 0.0633  6  TYR C CE2 
334 C  CZ  . TYR C 7  ? 0.2415 0.1275 0.2330 0.0848  0.1593 0.0650  6  TYR C CZ  
335 O  OH  . TYR C 7  ? 0.2641 0.1430 0.2456 0.0973  0.1689 0.0751  6  TYR C OH  
336 N  N   . LYS C 8  ? 0.1581 0.0838 0.2009 0.0536  0.1337 0.0605  7  LYS C N   
337 C  CA  . LYS C 8  ? 0.1618 0.1046 0.2223 0.0541  0.1377 0.0724  7  LYS C CA  
338 C  C   . LYS C 8  ? 0.1964 0.1414 0.2563 0.0632  0.1478 0.0840  7  LYS C C   
339 O  O   . LYS C 8  ? 0.1689 0.1137 0.2254 0.0649  0.1513 0.0853  7  LYS C O   
340 C  CB  . LYS C 8  ? 0.1861 0.1361 0.2574 0.0462  0.1299 0.0730  7  LYS C CB  
341 C  CG  . LYS C 8  ? 0.2799 0.2414 0.3690 0.0437  0.1260 0.0868  7  LYS C CG  
342 C  CD  . LYS C 8  ? 0.4278 0.3919 0.5233 0.0363  0.1175 0.0877  7  LYS C CD  
343 C  CE  . LYS C 8  ? 0.5770 0.5513 0.6910 0.0320  0.1108 0.1025  7  LYS C CE  
344 N  NZ  . LYS C 8  ? 0.6838 0.6569 0.8012 0.0247  0.1012 0.1035  7  LYS C NZ  
345 N  N   . ORN C 9  ? 0.2651 0.1818 0.2757 0.1031  0.1865 0.1074  8  ORN C N   
346 C  CA  . ORN C 9  ? 0.1813 0.0903 0.1994 0.0856  0.1513 0.0909  8  ORN C CA  
347 C  CB  . ORN C 9  ? 0.1872 0.0893 0.2015 0.0850  0.1541 0.0891  8  ORN C CB  
348 C  CG  . ORN C 9  ? 0.1764 0.0938 0.2073 0.0869  0.1522 0.0962  8  ORN C CG  
349 C  CD  . ORN C 9  ? 0.2181 0.1655 0.2786 0.0805  0.1634 0.1059  8  ORN C CD  
350 N  NE  . ORN C 9  ? 0.1823 0.1289 0.2450 0.0691  0.1522 0.0924  8  ORN C NE  
351 C  C   . ORN C 9  ? 0.2888 0.2014 0.2976 0.0847  0.1703 0.0819  8  ORN C C   
352 O  O   . ORN C 9  ? 0.3690 0.2665 0.3575 0.0912  0.1752 0.0798  8  ORN C O   
353 N  N   . GLU C 10 ? 0.1828 0.0972 0.2040 0.0728  0.1537 0.0757  9  GLU C N   
354 C  CA  . GLU C 10 ? 0.1919 0.1069 0.2073 0.0683  0.1551 0.0643  9  GLU C CA  
355 C  C   . GLU C 10 ? 0.1956 0.1073 0.2093 0.0625  0.1488 0.0529  9  GLU C C   
356 O  O   . GLU C 10 ? 0.1829 0.0982 0.2037 0.0602  0.1455 0.0531  9  GLU C O   
357 C  CB  . GLU C 10 ? 0.2099 0.1397 0.2398 0.0634  0.1544 0.0657  9  GLU C CB  
358 C  CG  . GLU C 10 ? 0.3410 0.2786 0.3760 0.0684  0.1619 0.0781  9  GLU C CG  
359 C  CD  . GLU C 10 ? 0.6469 0.5747 0.6650 0.0766  0.1708 0.0792  9  GLU C CD  
360 O  OE1 . GLU C 10 ? 0.7199 0.6534 0.7407 0.0829  0.1789 0.0914  9  GLU C OE1 
361 O  OE2 . GLU C 10 ? 0.5218 0.4359 0.5239 0.0767  0.1692 0.0690  9  GLU C OE2 
362 N  N   . PHE C 11 ? 0.1771 0.0684 0.1774 0.0525  0.1323 0.0506  10 PHE C N   
363 C  CA  . PHE C 11 ? 0.1673 0.0580 0.1657 0.0439  0.1239 0.0437  10 PHE C CA  
364 C  C   . PHE C 11 ? 0.1828 0.0859 0.1915 0.0484  0.1333 0.0324  10 PHE C C   
365 O  O   . PHE C 11 ? 0.1994 0.1018 0.2045 0.0513  0.1375 0.0308  10 PHE C O   
366 C  CB  . PHE C 11 ? 0.1953 0.0766 0.1805 0.0526  0.1340 0.0370  10 PHE C CB  
367 C  CG  . PHE C 11 ? 0.2016 0.0802 0.1881 0.0521  0.1316 0.0268  10 PHE C CG  
368 C  CD1 . PHE C 11 ? 0.2490 0.1239 0.2333 0.0487  0.1275 0.0233  10 PHE C CD1 
369 C  CD2 . PHE C 11 ? 0.2223 0.1003 0.2107 0.0507  0.1292 0.0256  10 PHE C CD2 
370 C  CE1 . PHE C 11 ? 0.2583 0.1306 0.2444 0.0439  0.1212 0.0203  10 PHE C CE1 
371 C  CE2 . PHE C 11 ? 0.2491 0.1237 0.2376 0.0459  0.1232 0.0214  10 PHE C CE2 
372 C  CZ  . PHE C 11 ? 0.2354 0.1073 0.2231 0.0426  0.1193 0.0195  10 PHE C CZ  
373 N  N   . HAO C 12 ? 0.1651 0.0682 0.1786 0.0381  0.1212 0.0336  11 HAO C N   
374 N  N9  . HAO C 12 ? 0.1694 0.0770 0.1866 0.0386  0.1226 0.0281  11 HAO C N9  
375 C  C10 . HAO C 12 ? 0.1830 0.0970 0.2074 0.0405  0.1240 0.0220  11 HAO C C10 
376 O  O11 . HAO C 12 ? 0.1638 0.0770 0.1888 0.0368  0.1193 0.0237  11 HAO C O11 
377 C  CA  . HAO C 12 ? 0.1096 0.0435 0.1223 0.0192  0.0773 0.0208  11 HAO C CA  
378 C  C13 . HAO C 12 ? 0.2079 0.1240 0.2363 0.0398  0.1203 0.0184  11 HAO C C13 
379 C  C14 . HAO C 12 ? 0.1113 0.0438 0.1230 0.0198  0.0785 0.0214  11 HAO C C14 
380 C  C15 . HAO C 12 ? 0.1657 0.0708 0.1789 0.0367  0.1210 0.0276  11 HAO C C15 
381 O  O15 . HAO C 12 ? 0.1681 0.0761 0.1848 0.0379  0.1222 0.0257  11 HAO C O15 
382 C  C17 . HAO C 12 ? 0.1518 0.0600 0.1714 0.0283  0.1102 0.0288  11 HAO C C17 
383 C  C18 . HAO C 12 ? 0.2222 0.1411 0.2537 0.0424  0.1224 0.0184  11 HAO C C18 
384 C  C19 . HAO C 12 ? 0.2159 0.1332 0.2461 0.0414  0.1204 0.0181  11 HAO C C19 
385 N  N20 . HAO C 12 ? 0.1737 0.0905 0.2041 0.0428  0.1191 0.0184  11 HAO C N20 
386 C  C21 . HAO C 12 ? 0.1075 0.0446 0.1219 0.0207  0.0761 0.0227  11 HAO C C21 
387 O  O22 . HAO C 12 ? 0.1703 0.0898 0.2034 0.0469  0.1208 0.0217  11 HAO C O22 
388 C  C   . HAO C 12 ? 0.1999 0.1140 0.2273 0.0496  0.1198 0.0212  11 HAO C C   
389 O  OXT . HAO C 12 ? 0.2169 0.1282 0.2411 0.0477  0.1178 0.0202  11 HAO C OXT 
390 C  CD1 A 4BF C 13 ? 0.1510 0.0657 0.1623 0.0504  0.1143 0.0530  12 4BF C CD1 
391 C  CD1 B 4BF C 13 ? 0.2634 0.1736 0.2852 0.0741  0.1315 0.0429  12 4BF C CD1 
392 C  CE1 A 4BF C 13 ? 0.2104 0.1318 0.2474 0.0709  0.1320 0.0516  12 4BF C CE1 
393 C  CE1 B 4BF C 13 ? 0.1475 0.0645 0.1462 0.0532  0.1083 0.0528  12 4BF C CE1 
394 C  CZ  A 4BF C 13 ? 0.1238 0.0591 0.1557 0.0419  0.0999 0.0491  12 4BF C CZ  
395 C  CZ  B 4BF C 13 ? 0.1627 0.0694 0.1459 0.0618  0.1154 0.0574  12 4BF C CZ  
396 BR BR  A 4BF C 13 ? 0.3537 0.2899 0.4167 0.0580  0.1259 0.0627  12 4BF C BR  
397 BR BR  B 4BF C 13 ? 0.3752 0.2589 0.3591 0.1078  0.1468 0.0605  12 4BF C BR  
398 C  CE2 A 4BF C 13 ? 0.1607 0.0888 0.2110 0.0569  0.1245 0.0457  12 4BF C CE2 
399 C  CE2 B 4BF C 13 ? 0.1645 0.0677 0.1408 0.0605  0.1134 0.0545  12 4BF C CE2 
400 C  CD2 A 4BF C 13 ? 0.1829 0.1061 0.2248 0.0589  0.1254 0.0391  12 4BF C CD2 
401 C  CD2 B 4BF C 13 ? 0.2102 0.1061 0.2115 0.0820  0.1319 0.0412  12 4BF C CD2 
402 C  CG  A 4BF C 13 ? 0.2969 0.2135 0.3281 0.0664  0.1283 0.0387  12 4BF C CG  
403 C  CG  B 4BF C 13 ? 0.1374 0.0578 0.1375 0.0435  0.0989 0.0435  12 4BF C CG  
404 C  CB  A 4BF C 13 ? 0.1414 0.0582 0.1478 0.0410  0.1031 0.0422  12 4BF C CB  
405 C  CB  B 4BF C 13 ? 0.2218 0.1334 0.2461 0.0678  0.1278 0.0331  12 4BF C CB  
406 C  CA  A 4BF C 13 ? 0.1255 0.0501 0.1296 0.0318  0.0891 0.0325  12 4BF C CA  
407 C  CA  B 4BF C 13 ? 0.3194 0.2267 0.3382 0.0614  0.1233 0.0265  12 4BF C CA  
408 N  N   . 4BF C 13 ? 0.1151 0.0476 0.1256 0.0265  0.0818 0.0282  12 4BF C N   
409 C  C   . 4BF C 13 ? 0.1828 0.0817 0.1854 0.0567  0.1170 0.0282  12 4BF C C   
410 O  O   . 4BF C 13 ? 0.2025 0.0994 0.2094 0.0668  0.1223 0.0229  12 4BF C O   
411 N  N   . LYS C 14 ? 0.2028 0.0909 0.1995 0.0638  0.1176 0.0219  13 LYS C N   
412 C  CA  . LYS C 14 ? 0.3756 0.2501 0.3584 0.0655  0.1129 0.0199  13 LYS C CA  
413 C  C   . LYS C 14 ? 0.5640 0.4238 0.5297 0.0718  0.1123 0.0213  13 LYS C C   
414 O  O   . LYS C 14 ? 0.3364 0.1976 0.3024 0.0699  0.1121 0.0218  13 LYS C O   
415 C  CB  . LYS C 14 ? 0.3996 0.2756 0.3863 0.0568  0.1067 0.0174  13 LYS C CB  
416 C  CG  . LYS C 14 ? 0.5927 0.4558 0.5684 0.0564  0.0995 0.0169  13 LYS C CG  
417 C  CD  . LYS C 14 ? 0.7143 0.5826 0.6988 0.0478  0.0938 0.0177  13 LYS C CD  
418 C  CE  . LYS C 14 ? 0.8593 0.7155 0.8354 0.0460  0.0852 0.0190  13 LYS C CE  
419 N  NZ  . LYS C 14 ? 0.9905 0.8554 0.9796 0.0377  0.0803 0.0228  13 LYS C NZ  
420 N  N   . ORN D 1  ? 1.0186 0.9749 1.1726 0.0197  0.0555 0.0589  0  ORN D N   
421 C  CA  . ORN D 1  ? 0.4896 0.4519 0.6240 0.0199  0.0558 0.0499  0  ORN D CA  
422 C  CB  . ORN D 1  ? 0.4694 0.4382 0.6044 0.0258  0.0588 0.0507  0  ORN D CB  
423 C  CG  . ORN D 1  ? 0.8281 0.7915 0.9743 0.0262  0.0508 0.0564  0  ORN D CG  
424 C  CD  . ORN D 1  ? 0.3516 0.3054 0.4875 0.0209  0.0406 0.0525  0  ORN D CD  
425 N  NE  . ORN D 1  ? 0.5794 0.5379 0.6970 0.0208  0.0422 0.0441  0  ORN D NE  
426 C  C   . ORN D 1  ? 0.2947 0.2634 0.4176 0.0198  0.0617 0.0431  0  ORN D C   
427 O  O   . ORN D 1  ? 1.6932 1.6632 1.8219 0.0211  0.0668 0.0445  0  ORN D O   
428 N  N   . SER D 2  ? 0.2069 0.1790 0.3136 0.0187  0.0604 0.0359  1  SER D N   
429 C  CA  . SER D 2  ? 0.1866 0.1639 0.2833 0.0188  0.0637 0.0300  1  SER D CA  
430 C  C   . SER D 2  ? 0.1711 0.1524 0.2556 0.0207  0.0650 0.0256  1  SER D C   
431 O  O   . SER D 2  ? 0.1472 0.1269 0.2285 0.0200  0.0624 0.0256  1  SER D O   
432 C  CB  . SER D 2  ? 0.2495 0.2246 0.3448 0.0133  0.0591 0.0282  1  SER D CB  
433 O  OG  . SER D 2  ? 0.3932 0.3650 0.5018 0.0104  0.0578 0.0324  1  SER D OG  
434 N  N   . VAL D 3  ? 0.1175 0.1031 0.1960 0.0231  0.0687 0.0221  2  VAL D N   
435 C  CA  A VAL D 3  ? 0.1171 0.1056 0.1865 0.0242  0.0697 0.0190  2  VAL D CA  
436 C  CA  B VAL D 3  ? 0.1130 0.1015 0.1824 0.0242  0.0696 0.0189  2  VAL D CA  
437 C  C   . VAL D 3  ? 0.1495 0.1363 0.2138 0.0206  0.0662 0.0171  2  VAL D C   
438 O  O   . VAL D 3  ? 0.1393 0.1253 0.2053 0.0183  0.0637 0.0168  2  VAL D O   
439 C  CB  A VAL D 3  ? 0.1750 0.1656 0.2395 0.0277  0.0726 0.0165  2  VAL D CB  
440 C  CB  B VAL D 3  ? 0.1644 0.1551 0.2293 0.0278  0.0727 0.0165  2  VAL D CB  
441 C  CG1 A VAL D 3  ? 0.1790 0.1686 0.2434 0.0267  0.0701 0.0140  2  VAL D CG1 
442 C  CG1 B VAL D 3  ? 0.1586 0.1500 0.2159 0.0276  0.0720 0.0141  2  VAL D CG1 
443 C  CG2 A VAL D 3  ? 0.1720 0.1645 0.2299 0.0284  0.0734 0.0150  2  VAL D CG2 
444 C  CG2 B VAL D 3  ? 0.1671 0.1590 0.2343 0.0326  0.0777 0.0191  2  VAL D CG2 
445 N  N   . GLN D 4  ? 0.1106 0.0971 0.1696 0.0202  0.0664 0.0166  3  GLN D N   
446 C  CA  . GLN D 4  ? 0.1050 0.0890 0.1579 0.0182  0.0650 0.0159  3  GLN D CA  
447 C  C   . GLN D 4  ? 0.1328 0.1186 0.1822 0.0195  0.0681 0.0153  3  GLN D C   
448 O  O   . GLN D 4  ? 0.0940 0.0809 0.1437 0.0202  0.0699 0.0154  3  GLN D O   
449 C  CB  . GLN D 4  ? 0.1395 0.1174 0.1889 0.0164  0.0621 0.0167  3  GLN D CB  
450 C  CG  . GLN D 4  ? 0.3067 0.2807 0.3472 0.0154  0.0617 0.0164  3  GLN D CG  
451 C  CD  . GLN D 4  ? 0.6057 0.5707 0.6388 0.0138  0.0576 0.0166  3  GLN D CD  
452 O  OE1 . GLN D 4  ? 0.5465 0.5070 0.5786 0.0143  0.0555 0.0163  3  GLN D OE1 
453 N  NE2 . GLN D 4  ? 0.5824 0.5440 0.6098 0.0123  0.0559 0.0173  3  GLN D NE2 
454 N  N   . ILE D 5  ? 0.0901 0.0717 0.1359 0.0183  0.0650 0.0164  4  ILE D N   
455 C  CA  . ILE D 5  ? 0.0873 0.0621 0.1286 0.0173  0.0624 0.0187  4  ILE D CA  
456 C  C   . ILE D 5  ? 0.1231 0.1062 0.1687 0.0201  0.0715 0.0191  4  ILE D C   
457 O  O   . ILE D 5  ? 0.1207 0.1046 0.1683 0.0202  0.0692 0.0202  4  ILE D O   
458 C  CB  . ILE D 5  ? 0.1078 0.0952 0.1594 0.0217  0.0685 0.0166  4  ILE D CB  
459 C  CG1 . ILE D 5  ? 0.1151 0.1042 0.1662 0.0231  0.0685 0.0144  4  ILE D CG1 
460 C  CG2 . ILE D 5  ? 0.1268 0.1122 0.1804 0.0215  0.0696 0.0193  4  ILE D CG2 
461 C  CD1 . ILE D 5  ? 0.1219 0.1129 0.1722 0.0232  0.0717 0.0147  4  ILE D CD1 
462 N  N   . VAL D 6  ? 0.1015 0.0818 0.1438 0.0202  0.0755 0.0203  5  VAL D N   
463 C  CA  . VAL D 6  ? 0.1039 0.0800 0.1419 0.0213  0.0785 0.0233  5  VAL D CA  
464 C  C   . VAL D 6  ? 0.1473 0.1222 0.1910 0.0222  0.0828 0.0276  5  VAL D C   
465 O  O   . VAL D 6  ? 0.1227 0.0979 0.1689 0.0210  0.0848 0.0271  5  VAL D O   
466 C  CB  . VAL D 6  ? 0.1694 0.1394 0.1959 0.0213  0.0800 0.0213  5  VAL D CB  
467 C  CG1 . VAL D 6  ? 0.1895 0.1534 0.2083 0.0239  0.0853 0.0245  5  VAL D CG1 
468 C  CG2 . VAL D 6  ? 0.1759 0.1447 0.1989 0.0200  0.0744 0.0189  5  VAL D CG2 
469 N  N   . TYR D 7  ? 0.1069 0.0806 0.1546 0.0244  0.0841 0.0329  6  TYR D N   
470 C  CA  . TYR D 7  ? 0.1025 0.0667 0.1552 0.0268  0.0837 0.0388  6  TYR D CA  
471 C  C   . TYR D 7  ? 0.1342 0.0999 0.1814 0.0291  0.0954 0.0428  6  TYR D C   
472 O  O   . TYR D 7  ? 0.1373 0.1040 0.1815 0.0311  0.0941 0.0442  6  TYR D O   
473 C  CB  . TYR D 7  ? 0.1149 0.0875 0.1848 0.0271  0.0839 0.0446  6  TYR D CB  
474 C  CG  . TYR D 7  ? 0.1259 0.0940 0.2071 0.0294  0.0881 0.0541  6  TYR D CG  
475 C  CD1 . TYR D 7  ? 0.1429 0.1070 0.2312 0.0270  0.0895 0.0566  6  TYR D CD1 
476 C  CD2 . TYR D 7  ? 0.1452 0.1130 0.2324 0.0336  0.0908 0.0617  6  TYR D CD2 
477 C  CE1 . TYR D 7  ? 0.1320 0.0907 0.2339 0.0287  0.0934 0.0668  6  TYR D CE1 
478 C  CE2 . TYR D 7  ? 0.1635 0.1266 0.2640 0.0364  0.0955 0.0722  6  TYR D CE2 
479 C  CZ  . TYR D 7  ? 0.1884 0.1462 0.2969 0.0337  0.0967 0.0751  6  TYR D CZ  
480 O  OH  . TYR D 7  ? 0.1692 0.1211 0.2941 0.0361  0.1010 0.0870  6  TYR D OH  
481 N  N   . LYS D 8  ? 0.1175 0.0715 0.1589 0.0309  0.0970 0.0428  7  LYS D N   
482 C  CA  . LYS D 8  ? 0.1343 0.0846 0.1652 0.0342  0.1072 0.0459  7  LYS D CA  
483 C  C   . LYS D 8  ? 0.1708 0.1186 0.2097 0.0358  0.1193 0.0540  7  LYS D C   
484 O  O   . LYS D 8  ? 0.1598 0.1054 0.1994 0.0336  0.1228 0.0521  7  LYS D O   
485 C  CB  . LYS D 8  ? 0.1754 0.1240 0.1886 0.0328  0.1091 0.0383  7  LYS D CB  
486 C  CG  . LYS D 8  ? 0.2966 0.2348 0.2917 0.0374  0.1156 0.0391  7  LYS D CG  
487 C  CD  . LYS D 8  ? 0.4411 0.3726 0.4192 0.0364  0.1120 0.0308  7  LYS D CD  
488 C  CE  . LYS D 8  ? 0.5927 0.5109 0.5486 0.0414  0.1172 0.0305  7  LYS D CE  
489 N  NZ  . LYS D 8  ? 0.7095 0.6192 0.6511 0.0408  0.1127 0.0225  7  LYS D NZ  
490 N  N   . ORN D 9  ? 0.1512 0.0888 0.2517 0.0295  0.1340 0.0792  8  ORN D N   
491 C  CA  . ORN D 9  ? 0.1186 0.0587 0.2000 0.0401  0.1137 0.0570  8  ORN D CA  
492 C  CB  . ORN D 9  ? 0.1412 0.0880 0.2260 0.0322  0.1212 0.0713  8  ORN D CB  
493 C  CG  . ORN D 9  ? 0.1254 0.0699 0.2108 0.0467  0.1201 0.0705  8  ORN D CG  
494 C  CD  . ORN D 9  ? 0.1700 0.1105 0.2292 0.0424  0.1331 0.0731  8  ORN D CD  
495 N  NE  . ORN D 9  ? 0.1358 0.0771 0.1838 0.0430  0.1171 0.0606  8  ORN D NE  
496 C  C   . ORN D 9  ? 0.1293 0.0773 0.2103 0.0257  0.1172 0.0577  8  ORN D C   
497 O  O   . ORN D 9  ? 0.2302 0.1811 0.3252 0.0187  0.1173 0.0627  8  ORN D O   
498 N  N   . GLU D 10 ? 0.1302 0.0783 0.1912 0.0262  0.1146 0.0485  9  GLU D N   
499 C  CA  . GLU D 10 ? 0.1204 0.0724 0.1801 0.0227  0.1057 0.0406  9  GLU D CA  
500 C  C   . GLU D 10 ? 0.1557 0.1201 0.2175 0.0196  0.1035 0.0402  9  GLU D C   
501 O  O   . GLU D 10 ? 0.1468 0.1104 0.2053 0.0224  0.1014 0.0415  9  GLU D O   
502 C  CB  . GLU D 10 ? 0.1429 0.1011 0.1920 0.0203  0.1134 0.0359  9  GLU D CB  
503 C  CG  . GLU D 10 ? 0.2836 0.2381 0.3354 0.0195  0.1209 0.0368  9  GLU D CG  
504 C  CD  . GLU D 10 ? 0.5651 0.5207 0.6092 0.0192  0.1185 0.0293  9  GLU D CD  
505 O  OE1 . GLU D 10 ? 0.3775 0.3266 0.4048 0.0228  0.1172 0.0252  9  GLU D OE1 
506 O  OE2 . GLU D 10 ? 0.4302 0.3929 0.4858 0.0151  0.1167 0.0277  9  GLU D OE2 
507 N  N   . PHE D 11 ? 0.1141 0.0824 0.1793 0.0168  0.0972 0.0363  10 PHE D N   
508 C  CA  . PHE D 11 ? 0.1005 0.0653 0.1609 0.0188  0.0838 0.0320  10 PHE D CA  
509 C  C   . PHE D 11 ? 0.1446 0.1243 0.2053 0.0153  0.0888 0.0277  10 PHE D C   
510 O  O   . PHE D 11 ? 0.1356 0.1187 0.2016 0.0129  0.0897 0.0275  10 PHE D O   
511 C  CB  . PHE D 11 ? 0.1137 0.0864 0.1881 0.0153  0.0868 0.0376  10 PHE D CB  
512 C  CG  . PHE D 11 ? 0.1358 0.1109 0.2070 0.0164  0.0797 0.0339  10 PHE D CG  
513 C  CD1 . PHE D 11 ? 0.1683 0.1466 0.2376 0.0150  0.0772 0.0304  10 PHE D CD1 
514 C  CD2 . PHE D 11 ? 0.1558 0.1305 0.2262 0.0192  0.0762 0.0340  10 PHE D CD2 
515 C  CE1 . PHE D 11 ? 0.1778 0.1570 0.2424 0.0170  0.0721 0.0270  10 PHE D CE1 
516 C  CE2 . PHE D 11 ? 0.1883 0.1647 0.2560 0.0203  0.0702 0.0302  10 PHE D CE2 
517 C  CZ  . PHE D 11 ? 0.1614 0.1392 0.2251 0.0195  0.0686 0.0266  10 PHE D CZ  
518 N  N   . HAO D 12 ? 0.1067 0.0879 0.1598 0.0170  0.0855 0.0237  11 HAO D N   
519 N  N9  . HAO D 12 ? 0.1019 0.0840 0.1541 0.0164  0.0808 0.0210  11 HAO D N9  
520 C  C10 . HAO D 12 ? 0.1576 0.1446 0.2080 0.0179  0.0804 0.0185  11 HAO D C10 
521 O  O11 . HAO D 12 ? 0.1398 0.1240 0.1861 0.0188  0.0787 0.0183  11 HAO D O11 
522 C  CA  . HAO D 12 ? 0.0802 0.0438 0.1182 0.0141  0.0572 0.0195  11 HAO D CA  
523 C  C13 . HAO D 12 ? 0.0922 0.0736 0.1392 0.0175  0.0680 0.0176  11 HAO D C13 
524 C  C14 . HAO D 12 ? 0.0735 0.0424 0.1111 0.0123  0.0507 0.0177  11 HAO D C14 
525 C  C15 . HAO D 12 ? 0.1921 0.1971 0.2662 0.0128  0.0843 0.0206  11 HAO D C15 
526 O  O15 . HAO D 12 ? 0.1294 0.1272 0.1942 0.0148  0.0833 0.0195  11 HAO D O15 
527 C  C17 . HAO D 12 ? 0.0852 0.0670 0.1385 0.0159  0.0645 0.0199  11 HAO D C17 
528 C  C18 . HAO D 12 ? 0.1032 0.1070 0.1690 0.0213  0.0772 0.0179  11 HAO D C18 
529 C  C19 . HAO D 12 ? 0.0957 0.0897 0.1527 0.0205  0.0731 0.0172  11 HAO D C19 
530 N  N20 . HAO D 12 ? 0.1217 0.1175 0.1817 0.0226  0.0733 0.0171  11 HAO D N20 
531 C  C21 . HAO D 12 ? 0.0958 0.0940 0.1633 0.0244  0.0723 0.0194  11 HAO D C21 
532 O  O22 . HAO D 12 ? 0.1350 0.1389 0.2103 0.0258  0.0732 0.0213  11 HAO D O22 
533 C  C   . HAO D 12 ? 0.1579 0.1527 0.2283 0.0252  0.0704 0.0209  11 HAO D C   
534 O  OXT . HAO D 12 ? 0.1927 0.1834 0.2578 0.0235  0.0693 0.0193  11 HAO D OXT 
535 C  CD1 A 4BF D 13 ? 0.0891 0.0705 0.1561 0.0269  0.0693 0.0319  12 4BF D CD1 
536 C  CD1 B 4BF D 13 ? 0.1985 0.1894 0.2998 0.0340  0.0759 0.0357  12 4BF D CD1 
537 C  CE1 A 4BF D 13 ? 0.0993 0.0948 0.1739 0.0372  0.0821 0.0266  12 4BF D CE1 
538 C  CE1 B 4BF D 13 ? 0.4320 0.4198 0.5420 0.0360  0.0790 0.0402  12 4BF D CE1 
539 C  CZ  A 4BF D 13 ? 0.1069 0.1006 0.1886 0.0397  0.0852 0.0286  12 4BF D CZ  
540 C  CZ  B 4BF D 13 ? 0.1233 0.1105 0.2500 0.0395  0.0803 0.0489  12 4BF D CZ  
541 BR BR  A 4BF D 13 ? 0.2566 0.2471 0.3284 0.0445  0.0901 0.0250  12 4BF D BR  
542 BR BR  B 4BF D 13 ? 0.5305 0.5122 0.6722 0.0426  0.0864 0.0570  12 4BF D BR  
543 C  CE2 A 4BF D 13 ? 0.1459 0.1370 0.2409 0.0379  0.0830 0.0337  12 4BF D CE2 
544 C  CE2 B 4BF D 13 ? 0.5243 0.5145 0.6594 0.0410  0.0771 0.0527  12 4BF D CE2 
545 C  CD2 A 4BF D 13 ? 0.0764 0.0515 0.1547 0.0223  0.0665 0.0390  12 4BF D CD2 
546 C  CD2 B 4BF D 13 ? 0.3303 0.3240 0.4559 0.0386  0.0735 0.0471  12 4BF D CD2 
547 C  CG  A 4BF D 13 ? 0.0757 0.0506 0.1457 0.0215  0.0633 0.0364  12 4BF D CG  
548 C  CG  B 4BF D 13 ? 0.1964 0.1899 0.3048 0.0350  0.0735 0.0389  12 4BF D CG  
549 C  CB  A 4BF D 13 ? 0.0713 0.0503 0.1474 0.0199  0.0600 0.0362  12 4BF D CB  
550 C  CB  B 4BF D 13 ? 0.3559 0.3526 0.4568 0.0330  0.0712 0.0344  12 4BF D CB  
551 C  CA  A 4BF D 13 ? 0.1210 0.1118 0.2077 0.0274  0.0674 0.0280  12 4BF D CA  
552 C  CA  B 4BF D 13 ? 0.1782 0.1697 0.2666 0.0280  0.0676 0.0287  12 4BF D CA  
553 N  N   . 4BF D 13 ? 0.0703 0.0468 0.1272 0.0166  0.0534 0.0275  12 4BF D N   
554 C  C   . 4BF D 13 ? 0.2561 0.2403 0.3465 0.0254  0.0605 0.0297  12 4BF D C   
555 O  O   . 4BF D 13 ? 0.1271 0.1124 0.2226 0.0266  0.0581 0.0311  12 4BF D O   
556 N  N   . LYS D 14 ? 0.3358 0.3113 0.4211 0.0217  0.0558 0.0288  13 LYS D N   
557 C  CA  . LYS D 14 ? 0.5934 0.5585 0.6813 0.0192  0.0475 0.0312  13 LYS D CA  
558 C  C   . LYS D 14 ? 0.6344 0.5957 0.7362 0.0185  0.0459 0.0372  13 LYS D C   
559 O  O   . LYS D 14 ? 0.2985 0.2599 0.3992 0.0161  0.0478 0.0366  13 LYS D O   
560 C  CB  . LYS D 14 ? 0.6350 0.5928 0.7070 0.0156  0.0444 0.0269  13 LYS D CB  
561 C  CG  . LYS D 14 ? 0.8306 0.7863 0.8906 0.0165  0.0441 0.0229  13 LYS D CG  
562 C  CD  . LYS D 14 ? 0.9752 0.9200 1.0194 0.0141  0.0401 0.0204  13 LYS D CD  
563 C  CE  . LYS D 14 ? 1.1169 1.0567 1.1484 0.0159  0.0401 0.0169  13 LYS D CE  
564 N  NZ  . LYS D 14 ? 1.2339 1.1662 1.2697 0.0173  0.0322 0.0178  13 LYS D NZ  
# 
loop_
_pdbx_poly_seq_scheme.asym_id 
_pdbx_poly_seq_scheme.entity_id 
_pdbx_poly_seq_scheme.seq_id 
_pdbx_poly_seq_scheme.mon_id 
_pdbx_poly_seq_scheme.ndb_seq_num 
_pdbx_poly_seq_scheme.pdb_seq_num 
_pdbx_poly_seq_scheme.auth_seq_num 
_pdbx_poly_seq_scheme.pdb_mon_id 
_pdbx_poly_seq_scheme.auth_mon_id 
_pdbx_poly_seq_scheme.pdb_strand_id 
_pdbx_poly_seq_scheme.pdb_ins_code 
_pdbx_poly_seq_scheme.hetero 
A 1 1  ORN 1  0  0  ORN ORN A . n 
A 1 2  SER 2  1  1  SER SER A . n 
A 1 3  VAL 3  2  2  VAL VAL A . n 
A 1 4  GLN 4  3  3  GLN GLN A . n 
A 1 5  ILE 5  4  4  ILE ILE A . n 
A 1 6  VAL 6  5  5  VAL VAL A . n 
A 1 7  TYR 7  6  6  TYR TYR A . n 
A 1 8  LYS 8  7  7  LYS LYS A . n 
A 1 9  ORN 9  8  8  ORN ORN A . n 
A 1 10 GLU 10 9  9  GLU GLU A . n 
A 1 11 PHE 11 10 10 PHE PHE A . n 
A 1 12 HAO 12 11 11 HAO HAO A . n 
A 1 13 4BF 13 12 12 4BF 4BF A . n 
A 1 14 LYS 14 13 13 LYS LYS A . n 
B 1 1  ORN 1  0  0  ORN ORN B . n 
B 1 2  SER 2  1  1  SER SER B . n 
B 1 3  VAL 3  2  2  VAL VAL B . n 
B 1 4  GLN 4  3  3  GLN GLN B . n 
B 1 5  ILE 5  4  4  ILE ILE B . n 
B 1 6  VAL 6  5  5  VAL VAL B . n 
B 1 7  TYR 7  6  6  TYR TYR B . n 
B 1 8  LYS 8  7  7  LYS LYS B . n 
B 1 9  ORN 9  8  8  ORN ORN B . n 
B 1 10 GLU 10 9  9  GLU GLU B . n 
B 1 11 PHE 11 10 10 PHE PHE B . n 
B 1 12 HAO 12 11 11 HAO HAO B . n 
B 1 13 4BF 13 12 12 4BF 4BF B . n 
B 1 14 LYS 14 13 13 LYS LYS B . n 
C 1 1  ORN 1  0  0  ORN ORN C . n 
C 1 2  SER 2  1  1  SER SER C . n 
C 1 3  VAL 3  2  2  VAL VAL C . n 
C 1 4  GLN 4  3  3  GLN GLN C . n 
C 1 5  ILE 5  4  4  ILE ILE C . n 
C 1 6  VAL 6  5  5  VAL VAL C . n 
C 1 7  TYR 7  6  6  TYR TYR C . n 
C 1 8  LYS 8  7  7  LYS LYS C . n 
C 1 9  ORN 9  8  8  ORN ORN C . n 
C 1 10 GLU 10 9  9  GLU GLU C . n 
C 1 11 PHE 11 10 10 PHE PHE C . n 
C 1 12 HAO 12 11 11 HAO HAO C . n 
C 1 13 4BF 13 12 12 4BF 4BF C . n 
C 1 14 LYS 14 13 13 LYS LYS C . n 
D 1 1  ORN 1  0  0  ORN ORN D . n 
D 1 2  SER 2  1  1  SER SER D . n 
D 1 3  VAL 3  2  2  VAL VAL D . n 
D 1 4  GLN 4  3  3  GLN GLN D . n 
D 1 5  ILE 5  4  4  ILE ILE D . n 
D 1 6  VAL 6  5  5  VAL VAL D . n 
D 1 7  TYR 7  6  6  TYR TYR D . n 
D 1 8  LYS 8  7  7  LYS LYS D . n 
D 1 9  ORN 9  8  8  ORN ORN D . n 
D 1 10 GLU 10 9  9  GLU GLU D . n 
D 1 11 PHE 11 10 10 PHE PHE D . n 
D 1 12 HAO 12 11 11 HAO HAO D . n 
D 1 13 4BF 13 12 12 4BF 4BF D . n 
D 1 14 LYS 14 13 13 LYS LYS D . n 
# 
loop_
_pdbx_nonpoly_scheme.asym_id 
_pdbx_nonpoly_scheme.entity_id 
_pdbx_nonpoly_scheme.mon_id 
_pdbx_nonpoly_scheme.ndb_seq_num 
_pdbx_nonpoly_scheme.pdb_seq_num 
_pdbx_nonpoly_scheme.auth_seq_num 
_pdbx_nonpoly_scheme.pdb_mon_id 
_pdbx_nonpoly_scheme.auth_mon_id 
_pdbx_nonpoly_scheme.pdb_strand_id 
_pdbx_nonpoly_scheme.pdb_ins_code 
E 2 PO4 1  101 4  PO4 PO4 A . 
F 3 MPD 1  102 6  MPD MPD A . 
G 3 MPD 1  103 9  MPD MPD A . 
H 2 PO4 1  101 3  PO4 PO4 B . 
I 3 MPD 1  102 10 MPD MPD B . 
J 3 MPD 1  101 5  MPD MPD C . 
K 3 MPD 1  102 7  MPD MPD C . 
L 2 PO4 1  101 1  PO4 PO4 D . 
M 2 PO4 1  102 2  PO4 PO4 D . 
N 3 MPD 1  103 8  MPD MPD D . 
O 4 HOH 1  201 11 HOH HOH A . 
O 4 HOH 2  202 12 HOH HOH A . 
O 4 HOH 3  203 15 HOH HOH A . 
O 4 HOH 4  204 18 HOH HOH A . 
O 4 HOH 5  205 25 HOH HOH A . 
O 4 HOH 6  206 27 HOH HOH A . 
O 4 HOH 7  207 28 HOH HOH A . 
O 4 HOH 8  208 44 HOH HOH A . 
O 4 HOH 9  209 46 HOH HOH A . 
O 4 HOH 10 210 48 HOH HOH A . 
O 4 HOH 11 211 50 HOH HOH A . 
O 4 HOH 12 212 57 HOH HOH A . 
O 4 HOH 13 213 61 HOH HOH A . 
O 4 HOH 14 214 62 HOH HOH A . 
O 4 HOH 15 215 64 HOH HOH A . 
O 4 HOH 16 216 69 HOH HOH A . 
P 4 HOH 1  201 22 HOH HOH B . 
P 4 HOH 2  202 31 HOH HOH B . 
P 4 HOH 3  203 32 HOH HOH B . 
P 4 HOH 4  204 37 HOH HOH B . 
P 4 HOH 5  205 38 HOH HOH B . 
P 4 HOH 6  206 45 HOH HOH B . 
P 4 HOH 7  207 52 HOH HOH B . 
P 4 HOH 8  208 53 HOH HOH B . 
P 4 HOH 9  209 54 HOH HOH B . 
P 4 HOH 10 210 55 HOH HOH B . 
P 4 HOH 11 211 68 HOH HOH B . 
P 4 HOH 12 212 73 HOH HOH B . 
Q 4 HOH 1  201 13 HOH HOH C . 
Q 4 HOH 2  202 14 HOH HOH C . 
Q 4 HOH 3  203 19 HOH HOH C . 
Q 4 HOH 4  204 21 HOH HOH C . 
Q 4 HOH 5  205 30 HOH HOH C . 
Q 4 HOH 6  206 33 HOH HOH C . 
Q 4 HOH 7  207 35 HOH HOH C . 
Q 4 HOH 8  208 39 HOH HOH C . 
Q 4 HOH 9  209 49 HOH HOH C . 
Q 4 HOH 10 210 58 HOH HOH C . 
Q 4 HOH 11 211 60 HOH HOH C . 
Q 4 HOH 12 212 65 HOH HOH C . 
Q 4 HOH 13 213 70 HOH HOH C . 
Q 4 HOH 14 214 72 HOH HOH C . 
R 4 HOH 1  201 16 HOH HOH D . 
R 4 HOH 2  202 17 HOH HOH D . 
R 4 HOH 3  203 20 HOH HOH D . 
R 4 HOH 4  204 23 HOH HOH D . 
R 4 HOH 5  205 24 HOH HOH D . 
R 4 HOH 6  206 26 HOH HOH D . 
R 4 HOH 7  207 29 HOH HOH D . 
R 4 HOH 8  208 34 HOH HOH D . 
R 4 HOH 9  209 36 HOH HOH D . 
R 4 HOH 10 210 40 HOH HOH D . 
R 4 HOH 11 211 41 HOH HOH D . 
R 4 HOH 12 212 42 HOH HOH D . 
R 4 HOH 13 213 43 HOH HOH D . 
R 4 HOH 14 214 47 HOH HOH D . 
R 4 HOH 15 215 51 HOH HOH D . 
R 4 HOH 16 216 56 HOH HOH D . 
R 4 HOH 17 217 59 HOH HOH D . 
R 4 HOH 18 218 63 HOH HOH D . 
R 4 HOH 19 219 66 HOH HOH D . 
R 4 HOH 20 220 67 HOH HOH D . 
R 4 HOH 21 221 71 HOH HOH D . 
R 4 HOH 22 222 74 HOH HOH D . 
R 4 HOH 23 223 75 HOH HOH D . 
# 
loop_
_pdbx_struct_mod_residue.id 
_pdbx_struct_mod_residue.label_asym_id 
_pdbx_struct_mod_residue.label_comp_id 
_pdbx_struct_mod_residue.label_seq_id 
_pdbx_struct_mod_residue.auth_asym_id 
_pdbx_struct_mod_residue.auth_comp_id 
_pdbx_struct_mod_residue.auth_seq_id 
_pdbx_struct_mod_residue.PDB_ins_code 
_pdbx_struct_mod_residue.parent_comp_id 
_pdbx_struct_mod_residue.details 
1  A ORN 1  A ORN 0  ? ALA L-ORNITHINE             
2  A ORN 9  A ORN 8  ? ALA L-ORNITHINE             
3  A 4BF 13 A 4BF 12 ? TYR 4-BROMO-L-PHENYLALANINE 
4  B ORN 1  B ORN 0  ? ALA L-ORNITHINE             
5  B ORN 9  B ORN 8  ? ALA L-ORNITHINE             
6  B 4BF 13 B 4BF 12 ? TYR 4-BROMO-L-PHENYLALANINE 
7  C ORN 1  C ORN 0  ? ALA L-ORNITHINE             
8  C ORN 9  C ORN 8  ? ALA L-ORNITHINE             
9  C 4BF 13 C 4BF 12 ? TYR 4-BROMO-L-PHENYLALANINE 
10 D ORN 1  D ORN 0  ? ALA L-ORNITHINE             
11 D ORN 9  D ORN 8  ? ALA L-ORNITHINE             
12 D 4BF 13 D 4BF 12 ? TYR 4-BROMO-L-PHENYLALANINE 
# 
loop_
_pdbx_struct_assembly.id 
_pdbx_struct_assembly.details 
_pdbx_struct_assembly.method_details 
_pdbx_struct_assembly.oligomeric_details 
_pdbx_struct_assembly.oligomeric_count 
1 software_defined_assembly PISA dimeric 2 
2 software_defined_assembly PISA dimeric 2 
# 
loop_
_pdbx_struct_assembly_gen.assembly_id 
_pdbx_struct_assembly_gen.oper_expression 
_pdbx_struct_assembly_gen.asym_id_list 
1 1 A,B,E,F,G,H,I,O,P 
2 1 C,D,J,K,L,M,N,Q,R 
# 
loop_
_pdbx_struct_assembly_prop.biol_id 
_pdbx_struct_assembly_prop.type 
_pdbx_struct_assembly_prop.value 
_pdbx_struct_assembly_prop.details 
1 'ABSA (A^2)' 680  ? 
1 MORE         -3   ? 
1 'SSA (A^2)'  2920 ? 
2 'ABSA (A^2)' 750  ? 
2 MORE         -2   ? 
2 'SSA (A^2)'  3020 ? 
# 
_pdbx_struct_oper_list.id                   1 
_pdbx_struct_oper_list.type                 'identity operation' 
_pdbx_struct_oper_list.name                 1_555 
_pdbx_struct_oper_list.symmetry_operation   x,y,z 
_pdbx_struct_oper_list.matrix[1][1]         1.0000000000 
_pdbx_struct_oper_list.matrix[1][2]         0.0000000000 
_pdbx_struct_oper_list.matrix[1][3]         0.0000000000 
_pdbx_struct_oper_list.vector[1]            0.0000000000 
_pdbx_struct_oper_list.matrix[2][1]         0.0000000000 
_pdbx_struct_oper_list.matrix[2][2]         1.0000000000 
_pdbx_struct_oper_list.matrix[2][3]         0.0000000000 
_pdbx_struct_oper_list.vector[2]            0.0000000000 
_pdbx_struct_oper_list.matrix[3][1]         0.0000000000 
_pdbx_struct_oper_list.matrix[3][2]         0.0000000000 
_pdbx_struct_oper_list.matrix[3][3]         1.0000000000 
_pdbx_struct_oper_list.vector[3]            0.0000000000 
# 
loop_
_pdbx_audit_revision_history.ordinal 
_pdbx_audit_revision_history.data_content_type 
_pdbx_audit_revision_history.major_revision 
_pdbx_audit_revision_history.minor_revision 
_pdbx_audit_revision_history.revision_date 
1 'Structure model' 1 0 2012-12-19 
2 'Structure model' 1 1 2013-06-19 
3 'Structure model' 2 0 2023-11-15 
# 
_pdbx_audit_revision_details.ordinal             1 
_pdbx_audit_revision_details.revision_ordinal    1 
_pdbx_audit_revision_details.data_content_type   'Structure model' 
_pdbx_audit_revision_details.provider            repository 
_pdbx_audit_revision_details.type                'Initial release' 
_pdbx_audit_revision_details.description         ? 
_pdbx_audit_revision_details.details             ? 
# 
loop_
_pdbx_audit_revision_group.ordinal 
_pdbx_audit_revision_group.revision_ordinal 
_pdbx_audit_revision_group.data_content_type 
_pdbx_audit_revision_group.group 
1 2 'Structure model' 'Database references'  
2 3 'Structure model' Advisory               
3 3 'Structure model' 'Atomic model'         
4 3 'Structure model' 'Data collection'      
5 3 'Structure model' 'Database references'  
6 3 'Structure model' 'Derived calculations' 
# 
loop_
_pdbx_audit_revision_category.ordinal 
_pdbx_audit_revision_category.revision_ordinal 
_pdbx_audit_revision_category.data_content_type 
_pdbx_audit_revision_category.category 
1 3 'Structure model' atom_site                     
2 3 'Structure model' atom_site_anisotrop           
3 3 'Structure model' chem_comp_atom                
4 3 'Structure model' chem_comp_bond                
5 3 'Structure model' database_2                    
6 3 'Structure model' pdbx_validate_polymer_linkage 
7 3 'Structure model' pdbx_validate_rmsd_angle      
8 3 'Structure model' struct_conn                   
9 3 'Structure model' struct_site                   
# 
loop_
_pdbx_audit_revision_item.ordinal 
_pdbx_audit_revision_item.revision_ordinal 
_pdbx_audit_revision_item.data_content_type 
_pdbx_audit_revision_item.item 
1  3 'Structure model' '_atom_site.auth_atom_id'                 
2  3 'Structure model' '_atom_site.label_atom_id'                
3  3 'Structure model' '_atom_site_anisotrop.pdbx_auth_atom_id'  
4  3 'Structure model' '_atom_site_anisotrop.pdbx_label_atom_id' 
5  3 'Structure model' '_database_2.pdbx_DOI'                    
6  3 'Structure model' '_database_2.pdbx_database_accession'     
7  3 'Structure model' '_struct_conn.pdbx_dist_value'            
8  3 'Structure model' '_struct_conn.pdbx_leaving_atom_flag'     
9  3 'Structure model' '_struct_conn.ptnr1_auth_asym_id'         
10 3 'Structure model' '_struct_conn.ptnr1_auth_comp_id'         
11 3 'Structure model' '_struct_conn.ptnr1_auth_seq_id'          
12 3 'Structure model' '_struct_conn.ptnr1_label_asym_id'        
13 3 'Structure model' '_struct_conn.ptnr1_label_atom_id'        
14 3 'Structure model' '_struct_conn.ptnr1_label_comp_id'        
15 3 'Structure model' '_struct_conn.ptnr1_label_seq_id'         
16 3 'Structure model' '_struct_conn.ptnr2_auth_asym_id'         
17 3 'Structure model' '_struct_conn.ptnr2_auth_comp_id'         
18 3 'Structure model' '_struct_conn.ptnr2_auth_seq_id'          
19 3 'Structure model' '_struct_conn.ptnr2_label_asym_id'        
20 3 'Structure model' '_struct_conn.ptnr2_label_atom_id'        
21 3 'Structure model' '_struct_conn.ptnr2_label_comp_id'        
22 3 'Structure model' '_struct_conn.ptnr2_label_seq_id'         
23 3 'Structure model' '_struct_site.pdbx_auth_asym_id'          
24 3 'Structure model' '_struct_site.pdbx_auth_comp_id'          
25 3 'Structure model' '_struct_site.pdbx_auth_seq_id'           
# 
loop_
_pdbx_refine_tls.pdbx_refine_id 
_pdbx_refine_tls.id 
_pdbx_refine_tls.details 
_pdbx_refine_tls.method 
_pdbx_refine_tls.origin_x 
_pdbx_refine_tls.origin_y 
_pdbx_refine_tls.origin_z 
_pdbx_refine_tls.T[1][1] 
_pdbx_refine_tls.T[2][2] 
_pdbx_refine_tls.T[3][3] 
_pdbx_refine_tls.T[1][2] 
_pdbx_refine_tls.T[1][3] 
_pdbx_refine_tls.T[2][3] 
_pdbx_refine_tls.L[1][1] 
_pdbx_refine_tls.L[2][2] 
_pdbx_refine_tls.L[3][3] 
_pdbx_refine_tls.L[1][2] 
_pdbx_refine_tls.L[1][3] 
_pdbx_refine_tls.L[2][3] 
_pdbx_refine_tls.S[1][1] 
_pdbx_refine_tls.S[1][2] 
_pdbx_refine_tls.S[1][3] 
_pdbx_refine_tls.S[2][1] 
_pdbx_refine_tls.S[2][2] 
_pdbx_refine_tls.S[2][3] 
_pdbx_refine_tls.S[3][1] 
_pdbx_refine_tls.S[3][2] 
_pdbx_refine_tls.S[3][3] 
'X-RAY DIFFRACTION' 1 ? refined 9.5174  11.4623  0.8567  -0.0171 -0.1372 0.0257 0.0453 0.0799 0.0369 0.9278  -0.1115 1.8750  -0.2312 -1.8059 1.0653  -0.0178 -0.0306 -0.0040 -0.0252 -0.0358 0.0047  0.0310  -0.0782 0.0536  
'X-RAY DIFFRACTION' 2 ? refined 3.2778  6.9591   8.1573  0.0091  -0.0652 0.0418 0.0117 0.0725 0.0287 0.8992  0.3716  0.9921  0.0782  -1.0612 0.4693  0.0293  0.0700  -0.0162 0.0126  -0.0111 0.0349  0.0060  -0.0413 -0.0183 
'X-RAY DIFFRACTION' 3 ? refined -8.6860 -12.9962 -0.7071 -0.0218 -0.1068 0.0066 0.0371 0.1159 0.0191 -0.0591 1.4002  0.9279  -0.6185 0.3077  -1.4244 -0.0538 -0.0060 0.0157  -0.0081 -0.0208 -0.0459 -0.0197 0.0490  0.0747  
'X-RAY DIFFRACTION' 4 ? refined -4.1806 -6.0551  -7.5528 -0.0186 -0.0345 0.0256 0.0193 0.0722 0.0157 0.7967  1.6677  -0.6303 -0.3176 0.4343  -0.9311 0.0325  -0.0118 -0.0037 0.1178  0.0009  -0.0305 -0.0008 0.0037  -0.0335 
# 
loop_
_pdbx_refine_tls_group.pdbx_refine_id 
_pdbx_refine_tls_group.id 
_pdbx_refine_tls_group.refine_tls_id 
_pdbx_refine_tls_group.beg_auth_asym_id 
_pdbx_refine_tls_group.beg_auth_seq_id 
_pdbx_refine_tls_group.beg_label_asym_id 
_pdbx_refine_tls_group.beg_label_seq_id 
_pdbx_refine_tls_group.end_auth_asym_id 
_pdbx_refine_tls_group.end_auth_seq_id 
_pdbx_refine_tls_group.end_label_asym_id 
_pdbx_refine_tls_group.end_label_seq_id 
_pdbx_refine_tls_group.selection 
_pdbx_refine_tls_group.selection_details 
'X-RAY DIFFRACTION' 1 1 A 0 ? ? A 13 ? ? ? ? 
'X-RAY DIFFRACTION' 2 2 B 0 ? ? B 13 ? ? ? ? 
'X-RAY DIFFRACTION' 3 3 C 0 ? ? C 13 ? ? ? ? 
'X-RAY DIFFRACTION' 4 4 D 0 ? ? D 13 ? ? ? ? 
# 
_pdbx_phasing_MR.entry_id                     4E0N 
_pdbx_phasing_MR.method_rotation              ? 
_pdbx_phasing_MR.method_translation           ? 
_pdbx_phasing_MR.model_details                'Phaser MODE: MR_AUTO' 
_pdbx_phasing_MR.R_factor                     ? 
_pdbx_phasing_MR.R_rigid_body                 ? 
_pdbx_phasing_MR.correlation_coeff_Fo_to_Fc   ? 
_pdbx_phasing_MR.correlation_coeff_Io_to_Ic   ? 
_pdbx_phasing_MR.d_res_high_rotation          2.000 
_pdbx_phasing_MR.d_res_low_rotation           19.400 
_pdbx_phasing_MR.d_res_high_translation       2.000 
_pdbx_phasing_MR.d_res_low_translation        19.400 
_pdbx_phasing_MR.packing                      ? 
_pdbx_phasing_MR.reflns_percent_rotation      ? 
_pdbx_phasing_MR.reflns_percent_translation   ? 
_pdbx_phasing_MR.sigma_F_rotation             ? 
_pdbx_phasing_MR.sigma_F_translation          ? 
_pdbx_phasing_MR.sigma_I_rotation             ? 
_pdbx_phasing_MR.sigma_I_translation          ? 
# 
_phasing.method   MR 
# 
loop_
_software.pdbx_ordinal 
_software.name 
_software.version 
_software.date 
_software.type 
_software.contact_author 
_software.contact_author_email 
_software.classification 
_software.location 
_software.language 
_software.citation_id 
1 XSCALE      .     ?                          package 'Wolfgang Kabsch'    ?                           'data scaling'    
http://www.mpimf-heidelberg.mpg.de/~kabsch/xds/html_doc/xscale_program.html ?          ? 
2 PHASER      2.1.4 'Wed Jun 24 14:00:05 2009' program 'Randy J. Read'      cimr-phaser@lists.cam.ac.uk phasing           
http://www-structmed.cimr.cam.ac.uk/phaser/                                 ?          ? 
3 REFMAC      .     ?                          program 'Garib N. Murshudov' garib@ysbl.york.ac.uk       refinement        
http://www.ccp4.ac.uk/dist/html/refmac5.html                                Fortran_77 ? 
4 PDB_EXTRACT 3.10  'June 10, 2010'            package PDB                  deposit@deposit.rcsb.org    'data extraction' 
http://sw-tools.pdb.org/apps/PDB_EXTRACT/                                   C++        ? 
5 BUSTER      2.8.0 ?                          ?       ?                    ?                           refinement        ? ? ? 
# 
_pdbx_validate_rmsd_bond.id                        1 
_pdbx_validate_rmsd_bond.PDB_model_num             1 
_pdbx_validate_rmsd_bond.auth_atom_id_1            C 
_pdbx_validate_rmsd_bond.auth_asym_id_1            D 
_pdbx_validate_rmsd_bond.auth_comp_id_1            ORN 
_pdbx_validate_rmsd_bond.auth_seq_id_1             8 
_pdbx_validate_rmsd_bond.PDB_ins_code_1            ? 
_pdbx_validate_rmsd_bond.label_alt_id_1            ? 
_pdbx_validate_rmsd_bond.auth_atom_id_2            N 
_pdbx_validate_rmsd_bond.auth_asym_id_2            D 
_pdbx_validate_rmsd_bond.auth_comp_id_2            GLU 
_pdbx_validate_rmsd_bond.auth_seq_id_2             9 
_pdbx_validate_rmsd_bond.PDB_ins_code_2            ? 
_pdbx_validate_rmsd_bond.label_alt_id_2            ? 
_pdbx_validate_rmsd_bond.bond_value                1.535 
_pdbx_validate_rmsd_bond.bond_target_value         1.336 
_pdbx_validate_rmsd_bond.bond_deviation            0.199 
_pdbx_validate_rmsd_bond.bond_standard_deviation   0.023 
_pdbx_validate_rmsd_bond.linker_flag               Y 
# 
loop_
_pdbx_validate_rmsd_angle.id 
_pdbx_validate_rmsd_angle.PDB_model_num 
_pdbx_validate_rmsd_angle.auth_atom_id_1 
_pdbx_validate_rmsd_angle.auth_asym_id_1 
_pdbx_validate_rmsd_angle.auth_comp_id_1 
_pdbx_validate_rmsd_angle.auth_seq_id_1 
_pdbx_validate_rmsd_angle.PDB_ins_code_1 
_pdbx_validate_rmsd_angle.label_alt_id_1 
_pdbx_validate_rmsd_angle.auth_atom_id_2 
_pdbx_validate_rmsd_angle.auth_asym_id_2 
_pdbx_validate_rmsd_angle.auth_comp_id_2 
_pdbx_validate_rmsd_angle.auth_seq_id_2 
_pdbx_validate_rmsd_angle.PDB_ins_code_2 
_pdbx_validate_rmsd_angle.label_alt_id_2 
_pdbx_validate_rmsd_angle.auth_atom_id_3 
_pdbx_validate_rmsd_angle.auth_asym_id_3 
_pdbx_validate_rmsd_angle.auth_comp_id_3 
_pdbx_validate_rmsd_angle.auth_seq_id_3 
_pdbx_validate_rmsd_angle.PDB_ins_code_3 
_pdbx_validate_rmsd_angle.label_alt_id_3 
_pdbx_validate_rmsd_angle.angle_value 
_pdbx_validate_rmsd_angle.angle_target_value 
_pdbx_validate_rmsd_angle.angle_deviation 
_pdbx_validate_rmsd_angle.angle_standard_deviation 
_pdbx_validate_rmsd_angle.linker_flag 
1 1 CA A ORN 8  ? ? C A ORN 8  ? ? N A GLU 9  ? ? 103.44 117.20 -13.76 2.20 Y 
2 1 CA A HAO 11 ? ? C A HAO 11 ? ? N A 4BF 12 ? ? 149.09 117.20 31.89  2.20 Y 
3 1 CA B HAO 11 ? ? C B HAO 11 ? ? N B 4BF 12 ? ? 150.11 117.20 32.91  2.20 Y 
4 1 CA C HAO 11 ? ? C C HAO 11 ? ? N C 4BF 12 ? ? 147.35 117.20 30.15  2.20 Y 
5 1 O  D ORN 8  ? ? C D ORN 8  ? ? N D GLU 9  ? ? 134.27 122.70 11.57  1.60 Y 
6 1 CA D HAO 11 ? ? C D HAO 11 ? ? N D 4BF 12 ? ? 148.57 117.20 31.37  2.20 Y 
# 
loop_
_pdbx_validate_main_chain_plane.id 
_pdbx_validate_main_chain_plane.PDB_model_num 
_pdbx_validate_main_chain_plane.auth_comp_id 
_pdbx_validate_main_chain_plane.auth_asym_id 
_pdbx_validate_main_chain_plane.auth_seq_id 
_pdbx_validate_main_chain_plane.PDB_ins_code 
_pdbx_validate_main_chain_plane.label_alt_id 
_pdbx_validate_main_chain_plane.improper_torsion_angle 
1 1 ORN A 8  ? ? 10.65  
2 1 4BF B 12 ? A -19.81 
3 1 4BF B 12 ? B -16.92 
# 
loop_
_pdbx_unobs_or_zero_occ_atoms.id 
_pdbx_unobs_or_zero_occ_atoms.PDB_model_num 
_pdbx_unobs_or_zero_occ_atoms.polymer_flag 
_pdbx_unobs_or_zero_occ_atoms.occupancy_flag 
_pdbx_unobs_or_zero_occ_atoms.auth_asym_id 
_pdbx_unobs_or_zero_occ_atoms.auth_comp_id 
_pdbx_unobs_or_zero_occ_atoms.auth_seq_id 
_pdbx_unobs_or_zero_occ_atoms.PDB_ins_code 
_pdbx_unobs_or_zero_occ_atoms.auth_atom_id 
_pdbx_unobs_or_zero_occ_atoms.label_alt_id 
_pdbx_unobs_or_zero_occ_atoms.label_asym_id 
_pdbx_unobs_or_zero_occ_atoms.label_comp_id 
_pdbx_unobs_or_zero_occ_atoms.label_seq_id 
_pdbx_unobs_or_zero_occ_atoms.label_atom_id 
1 1 Y 1 A LYS 13 ? CG ? A LYS 14 CG 
2 1 Y 1 A LYS 13 ? CD ? A LYS 14 CD 
3 1 Y 1 A LYS 13 ? CE ? A LYS 14 CE 
4 1 Y 1 A LYS 13 ? NZ ? A LYS 14 NZ 
5 1 Y 1 B LYS 13 ? CG ? B LYS 14 CG 
6 1 Y 1 B LYS 13 ? CD ? B LYS 14 CD 
7 1 Y 1 B LYS 13 ? CE ? B LYS 14 CE 
8 1 Y 1 B LYS 13 ? NZ ? B LYS 14 NZ 
# 
loop_
_chem_comp_atom.comp_id 
_chem_comp_atom.atom_id 
_chem_comp_atom.type_symbol 
_chem_comp_atom.pdbx_aromatic_flag 
_chem_comp_atom.pdbx_stereo_config 
_chem_comp_atom.pdbx_ordinal 
4BF CD1  C  Y N 1   
4BF CE1  C  Y N 2   
4BF CZ   C  Y N 3   
4BF BR   BR N N 4   
4BF CE2  C  Y N 5   
4BF CD2  C  Y N 6   
4BF CG   C  Y N 7   
4BF CB   C  N N 8   
4BF CA   C  N S 9   
4BF N    N  N N 10  
4BF C    C  N N 11  
4BF OXT  O  N N 12  
4BF O    O  N N 13  
4BF HD1  H  N N 14  
4BF HE1  H  N N 15  
4BF HE2  H  N N 16  
4BF HD2  H  N N 17  
4BF HB3  H  N N 18  
4BF HB2  H  N N 19  
4BF HA   H  N N 20  
4BF H    H  N N 21  
4BF H2   H  N N 22  
4BF HXT  H  N N 23  
GLN N    N  N N 24  
GLN CA   C  N S 25  
GLN C    C  N N 26  
GLN O    O  N N 27  
GLN CB   C  N N 28  
GLN CG   C  N N 29  
GLN CD   C  N N 30  
GLN OE1  O  N N 31  
GLN NE2  N  N N 32  
GLN OXT  O  N N 33  
GLN H    H  N N 34  
GLN H2   H  N N 35  
GLN HA   H  N N 36  
GLN HB2  H  N N 37  
GLN HB3  H  N N 38  
GLN HG2  H  N N 39  
GLN HG3  H  N N 40  
GLN HE21 H  N N 41  
GLN HE22 H  N N 42  
GLN HXT  H  N N 43  
GLU N    N  N N 44  
GLU CA   C  N S 45  
GLU C    C  N N 46  
GLU O    O  N N 47  
GLU CB   C  N N 48  
GLU CG   C  N N 49  
GLU CD   C  N N 50  
GLU OE1  O  N N 51  
GLU OE2  O  N N 52  
GLU OXT  O  N N 53  
GLU H    H  N N 54  
GLU H2   H  N N 55  
GLU HA   H  N N 56  
GLU HB2  H  N N 57  
GLU HB3  H  N N 58  
GLU HG2  H  N N 59  
GLU HG3  H  N N 60  
GLU HE2  H  N N 61  
GLU HXT  H  N N 62  
HAO N    N  N N 63  
HAO N9   N  N N 64  
HAO C10  C  N N 65  
HAO O11  O  N N 66  
HAO CA   C  Y N 67  
HAO C13  C  Y N 68  
HAO C14  C  Y N 69  
HAO C15  C  N N 70  
HAO O15  O  N N 71  
HAO C17  C  Y N 72  
HAO C18  C  Y N 73  
HAO C19  C  Y N 74  
HAO N20  N  N N 75  
HAO C21  C  N N 76  
HAO O22  O  N N 77  
HAO C    C  N N 78  
HAO O    O  N N 79  
HAO H    H  N N 80  
HAO H13  H  N N 81  
HAO H15  H  N N 82  
HAO H15A H  N N 83  
HAO H15B H  N N 84  
HAO H17  H  N N 85  
HAO H18  H  N N 86  
HAO HN20 H  N N 87  
HAO OXT  O  N N 88  
HAO H2   H  N N 89  
HAO H10  H  N N 90  
HAO HXT  H  N N 91  
HOH O    O  N N 92  
HOH H1   H  N N 93  
HOH H2   H  N N 94  
ILE N    N  N N 95  
ILE CA   C  N S 96  
ILE C    C  N N 97  
ILE O    O  N N 98  
ILE CB   C  N S 99  
ILE CG1  C  N N 100 
ILE CG2  C  N N 101 
ILE CD1  C  N N 102 
ILE OXT  O  N N 103 
ILE H    H  N N 104 
ILE H2   H  N N 105 
ILE HA   H  N N 106 
ILE HB   H  N N 107 
ILE HG12 H  N N 108 
ILE HG13 H  N N 109 
ILE HG21 H  N N 110 
ILE HG22 H  N N 111 
ILE HG23 H  N N 112 
ILE HD11 H  N N 113 
ILE HD12 H  N N 114 
ILE HD13 H  N N 115 
ILE HXT  H  N N 116 
LYS N    N  N N 117 
LYS CA   C  N S 118 
LYS C    C  N N 119 
LYS O    O  N N 120 
LYS CB   C  N N 121 
LYS CG   C  N N 122 
LYS CD   C  N N 123 
LYS CE   C  N N 124 
LYS NZ   N  N N 125 
LYS OXT  O  N N 126 
LYS H    H  N N 127 
LYS H2   H  N N 128 
LYS HA   H  N N 129 
LYS HB2  H  N N 130 
LYS HB3  H  N N 131 
LYS HG2  H  N N 132 
LYS HG3  H  N N 133 
LYS HD2  H  N N 134 
LYS HD3  H  N N 135 
LYS HE2  H  N N 136 
LYS HE3  H  N N 137 
LYS HZ1  H  N N 138 
LYS HZ2  H  N N 139 
LYS HZ3  H  N N 140 
LYS HXT  H  N N 141 
MPD C1   C  N N 142 
MPD C2   C  N N 143 
MPD O2   O  N N 144 
MPD CM   C  N N 145 
MPD C3   C  N N 146 
MPD C4   C  N S 147 
MPD O4   O  N N 148 
MPD C5   C  N N 149 
MPD H11  H  N N 150 
MPD H12  H  N N 151 
MPD H13  H  N N 152 
MPD HO2  H  N N 153 
MPD HM1  H  N N 154 
MPD HM2  H  N N 155 
MPD HM3  H  N N 156 
MPD H31  H  N N 157 
MPD H32  H  N N 158 
MPD H4   H  N N 159 
MPD HO4  H  N N 160 
MPD H51  H  N N 161 
MPD H52  H  N N 162 
MPD H53  H  N N 163 
ORN N    N  N N 164 
ORN CA   C  N S 165 
ORN CB   C  N N 166 
ORN CG   C  N N 167 
ORN CD   C  N N 168 
ORN NE   N  N N 169 
ORN C    C  N N 170 
ORN O    O  N N 171 
ORN OXT  O  N N 172 
ORN H    H  N N 173 
ORN H2   H  N N 174 
ORN HA   H  N N 175 
ORN HB2  H  N N 176 
ORN HB3  H  N N 177 
ORN HG2  H  N N 178 
ORN HG3  H  N N 179 
ORN HD2  H  N N 180 
ORN HD3  H  N N 181 
ORN HE1  H  N N 182 
ORN HE2  H  N N 183 
ORN HXT  H  N N 184 
PHE N    N  N N 185 
PHE CA   C  N S 186 
PHE C    C  N N 187 
PHE O    O  N N 188 
PHE CB   C  N N 189 
PHE CG   C  Y N 190 
PHE CD1  C  Y N 191 
PHE CD2  C  Y N 192 
PHE CE1  C  Y N 193 
PHE CE2  C  Y N 194 
PHE CZ   C  Y N 195 
PHE OXT  O  N N 196 
PHE H    H  N N 197 
PHE H2   H  N N 198 
PHE HA   H  N N 199 
PHE HB2  H  N N 200 
PHE HB3  H  N N 201 
PHE HD1  H  N N 202 
PHE HD2  H  N N 203 
PHE HE1  H  N N 204 
PHE HE2  H  N N 205 
PHE HZ   H  N N 206 
PHE HXT  H  N N 207 
PO4 P    P  N N 208 
PO4 O1   O  N N 209 
PO4 O2   O  N N 210 
PO4 O3   O  N N 211 
PO4 O4   O  N N 212 
SER N    N  N N 213 
SER CA   C  N S 214 
SER C    C  N N 215 
SER O    O  N N 216 
SER CB   C  N N 217 
SER OG   O  N N 218 
SER OXT  O  N N 219 
SER H    H  N N 220 
SER H2   H  N N 221 
SER HA   H  N N 222 
SER HB2  H  N N 223 
SER HB3  H  N N 224 
SER HG   H  N N 225 
SER HXT  H  N N 226 
TYR N    N  N N 227 
TYR CA   C  N S 228 
TYR C    C  N N 229 
TYR O    O  N N 230 
TYR CB   C  N N 231 
TYR CG   C  Y N 232 
TYR CD1  C  Y N 233 
TYR CD2  C  Y N 234 
TYR CE1  C  Y N 235 
TYR CE2  C  Y N 236 
TYR CZ   C  Y N 237 
TYR OH   O  N N 238 
TYR OXT  O  N N 239 
TYR H    H  N N 240 
TYR H2   H  N N 241 
TYR HA   H  N N 242 
TYR HB2  H  N N 243 
TYR HB3  H  N N 244 
TYR HD1  H  N N 245 
TYR HD2  H  N N 246 
TYR HE1  H  N N 247 
TYR HE2  H  N N 248 
TYR HH   H  N N 249 
TYR HXT  H  N N 250 
VAL N    N  N N 251 
VAL CA   C  N S 252 
VAL C    C  N N 253 
VAL O    O  N N 254 
VAL CB   C  N N 255 
VAL CG1  C  N N 256 
VAL CG2  C  N N 257 
VAL OXT  O  N N 258 
VAL H    H  N N 259 
VAL H2   H  N N 260 
VAL HA   H  N N 261 
VAL HB   H  N N 262 
VAL HG11 H  N N 263 
VAL HG12 H  N N 264 
VAL HG13 H  N N 265 
VAL HG21 H  N N 266 
VAL HG22 H  N N 267 
VAL HG23 H  N N 268 
VAL HXT  H  N N 269 
# 
loop_
_chem_comp_bond.comp_id 
_chem_comp_bond.atom_id_1 
_chem_comp_bond.atom_id_2 
_chem_comp_bond.value_order 
_chem_comp_bond.pdbx_aromatic_flag 
_chem_comp_bond.pdbx_stereo_config 
_chem_comp_bond.pdbx_ordinal 
4BF CD1 CE1  doub Y N 1   
4BF CD1 CG   sing Y N 2   
4BF CD1 HD1  sing N N 3   
4BF CE1 CZ   sing Y N 4   
4BF CE1 HE1  sing N N 5   
4BF CZ  BR   sing N N 6   
4BF CZ  CE2  doub Y N 7   
4BF CE2 CD2  sing Y N 8   
4BF CE2 HE2  sing N N 9   
4BF CD2 CG   doub Y N 10  
4BF CD2 HD2  sing N N 11  
4BF CG  CB   sing N N 12  
4BF CB  CA   sing N N 13  
4BF CB  HB3  sing N N 14  
4BF CB  HB2  sing N N 15  
4BF CA  N    sing N N 16  
4BF CA  C    sing N N 17  
4BF CA  HA   sing N N 18  
4BF N   H    sing N N 19  
4BF N   H2   sing N N 20  
4BF C   OXT  sing N N 21  
4BF C   O    doub N N 22  
4BF OXT HXT  sing N N 23  
GLN N   CA   sing N N 24  
GLN N   H    sing N N 25  
GLN N   H2   sing N N 26  
GLN CA  C    sing N N 27  
GLN CA  CB   sing N N 28  
GLN CA  HA   sing N N 29  
GLN C   O    doub N N 30  
GLN C   OXT  sing N N 31  
GLN CB  CG   sing N N 32  
GLN CB  HB2  sing N N 33  
GLN CB  HB3  sing N N 34  
GLN CG  CD   sing N N 35  
GLN CG  HG2  sing N N 36  
GLN CG  HG3  sing N N 37  
GLN CD  OE1  doub N N 38  
GLN CD  NE2  sing N N 39  
GLN NE2 HE21 sing N N 40  
GLN NE2 HE22 sing N N 41  
GLN OXT HXT  sing N N 42  
GLU N   CA   sing N N 43  
GLU N   H    sing N N 44  
GLU N   H2   sing N N 45  
GLU CA  C    sing N N 46  
GLU CA  CB   sing N N 47  
GLU CA  HA   sing N N 48  
GLU C   O    doub N N 49  
GLU C   OXT  sing N N 50  
GLU CB  CG   sing N N 51  
GLU CB  HB2  sing N N 52  
GLU CB  HB3  sing N N 53  
GLU CG  CD   sing N N 54  
GLU CG  HG2  sing N N 55  
GLU CG  HG3  sing N N 56  
GLU CD  OE1  doub N N 57  
GLU CD  OE2  sing N N 58  
GLU OE2 HE2  sing N N 59  
GLU OXT HXT  sing N N 60  
HAO N   N9   sing N N 61  
HAO N   H    sing N N 62  
HAO C10 N9   sing N N 63  
HAO C10 CA   sing N N 64  
HAO O11 C10  doub N N 65  
HAO CA  C14  sing Y N 66  
HAO C13 CA   doub Y N 67  
HAO C13 C19  sing Y N 68  
HAO C13 H13  sing N N 69  
HAO C14 C17  doub Y N 70  
HAO C14 O15  sing N N 71  
HAO C15 H15  sing N N 72  
HAO C15 H15A sing N N 73  
HAO C15 H15B sing N N 74  
HAO O15 C15  sing N N 75  
HAO C17 H17  sing N N 76  
HAO C18 C17  sing Y N 77  
HAO C18 H18  sing N N 78  
HAO C19 C18  doub Y N 79  
HAO N20 C19  sing N N 80  
HAO N20 HN20 sing N N 81  
HAO C21 N20  sing N N 82  
HAO C21 O22  doub N N 83  
HAO C   C21  sing N N 84  
HAO C   OXT  sing N N 85  
HAO O   C    doub N N 86  
HAO N   H2   sing N N 87  
HAO N9  H10  sing N N 88  
HAO OXT HXT  sing N N 89  
HOH O   H1   sing N N 90  
HOH O   H2   sing N N 91  
ILE N   CA   sing N N 92  
ILE N   H    sing N N 93  
ILE N   H2   sing N N 94  
ILE CA  C    sing N N 95  
ILE CA  CB   sing N N 96  
ILE CA  HA   sing N N 97  
ILE C   O    doub N N 98  
ILE C   OXT  sing N N 99  
ILE CB  CG1  sing N N 100 
ILE CB  CG2  sing N N 101 
ILE CB  HB   sing N N 102 
ILE CG1 CD1  sing N N 103 
ILE CG1 HG12 sing N N 104 
ILE CG1 HG13 sing N N 105 
ILE CG2 HG21 sing N N 106 
ILE CG2 HG22 sing N N 107 
ILE CG2 HG23 sing N N 108 
ILE CD1 HD11 sing N N 109 
ILE CD1 HD12 sing N N 110 
ILE CD1 HD13 sing N N 111 
ILE OXT HXT  sing N N 112 
LYS N   CA   sing N N 113 
LYS N   H    sing N N 114 
LYS N   H2   sing N N 115 
LYS CA  C    sing N N 116 
LYS CA  CB   sing N N 117 
LYS CA  HA   sing N N 118 
LYS C   O    doub N N 119 
LYS C   OXT  sing N N 120 
LYS CB  CG   sing N N 121 
LYS CB  HB2  sing N N 122 
LYS CB  HB3  sing N N 123 
LYS CG  CD   sing N N 124 
LYS CG  HG2  sing N N 125 
LYS CG  HG3  sing N N 126 
LYS CD  CE   sing N N 127 
LYS CD  HD2  sing N N 128 
LYS CD  HD3  sing N N 129 
LYS CE  NZ   sing N N 130 
LYS CE  HE2  sing N N 131 
LYS CE  HE3  sing N N 132 
LYS NZ  HZ1  sing N N 133 
LYS NZ  HZ2  sing N N 134 
LYS NZ  HZ3  sing N N 135 
LYS OXT HXT  sing N N 136 
MPD C1  C2   sing N N 137 
MPD C1  H11  sing N N 138 
MPD C1  H12  sing N N 139 
MPD C1  H13  sing N N 140 
MPD C2  O2   sing N N 141 
MPD C2  CM   sing N N 142 
MPD C2  C3   sing N N 143 
MPD O2  HO2  sing N N 144 
MPD CM  HM1  sing N N 145 
MPD CM  HM2  sing N N 146 
MPD CM  HM3  sing N N 147 
MPD C3  C4   sing N N 148 
MPD C3  H31  sing N N 149 
MPD C3  H32  sing N N 150 
MPD C4  O4   sing N N 151 
MPD C4  C5   sing N N 152 
MPD C4  H4   sing N N 153 
MPD O4  HO4  sing N N 154 
MPD C5  H51  sing N N 155 
MPD C5  H52  sing N N 156 
MPD C5  H53  sing N N 157 
ORN N   CA   sing N N 158 
ORN N   H    sing N N 159 
ORN N   H2   sing N N 160 
ORN CA  CB   sing N N 161 
ORN CA  C    sing N N 162 
ORN CA  HA   sing N N 163 
ORN CB  CG   sing N N 164 
ORN CB  HB2  sing N N 165 
ORN CB  HB3  sing N N 166 
ORN CG  CD   sing N N 167 
ORN CG  HG2  sing N N 168 
ORN CG  HG3  sing N N 169 
ORN CD  NE   sing N N 170 
ORN CD  HD2  sing N N 171 
ORN CD  HD3  sing N N 172 
ORN NE  HE1  sing N N 173 
ORN NE  HE2  sing N N 174 
ORN C   O    doub N N 175 
ORN C   OXT  sing N N 176 
ORN OXT HXT  sing N N 177 
PHE N   CA   sing N N 178 
PHE N   H    sing N N 179 
PHE N   H2   sing N N 180 
PHE CA  C    sing N N 181 
PHE CA  CB   sing N N 182 
PHE CA  HA   sing N N 183 
PHE C   O    doub N N 184 
PHE C   OXT  sing N N 185 
PHE CB  CG   sing N N 186 
PHE CB  HB2  sing N N 187 
PHE CB  HB3  sing N N 188 
PHE CG  CD1  doub Y N 189 
PHE CG  CD2  sing Y N 190 
PHE CD1 CE1  sing Y N 191 
PHE CD1 HD1  sing N N 192 
PHE CD2 CE2  doub Y N 193 
PHE CD2 HD2  sing N N 194 
PHE CE1 CZ   doub Y N 195 
PHE CE1 HE1  sing N N 196 
PHE CE2 CZ   sing Y N 197 
PHE CE2 HE2  sing N N 198 
PHE CZ  HZ   sing N N 199 
PHE OXT HXT  sing N N 200 
PO4 P   O1   doub N N 201 
PO4 P   O2   sing N N 202 
PO4 P   O3   sing N N 203 
PO4 P   O4   sing N N 204 
SER N   CA   sing N N 205 
SER N   H    sing N N 206 
SER N   H2   sing N N 207 
SER CA  C    sing N N 208 
SER CA  CB   sing N N 209 
SER CA  HA   sing N N 210 
SER C   O    doub N N 211 
SER C   OXT  sing N N 212 
SER CB  OG   sing N N 213 
SER CB  HB2  sing N N 214 
SER CB  HB3  sing N N 215 
SER OG  HG   sing N N 216 
SER OXT HXT  sing N N 217 
TYR N   CA   sing N N 218 
TYR N   H    sing N N 219 
TYR N   H2   sing N N 220 
TYR CA  C    sing N N 221 
TYR CA  CB   sing N N 222 
TYR CA  HA   sing N N 223 
TYR C   O    doub N N 224 
TYR C   OXT  sing N N 225 
TYR CB  CG   sing N N 226 
TYR CB  HB2  sing N N 227 
TYR CB  HB3  sing N N 228 
TYR CG  CD1  doub Y N 229 
TYR CG  CD2  sing Y N 230 
TYR CD1 CE1  sing Y N 231 
TYR CD1 HD1  sing N N 232 
TYR CD2 CE2  doub Y N 233 
TYR CD2 HD2  sing N N 234 
TYR CE1 CZ   doub Y N 235 
TYR CE1 HE1  sing N N 236 
TYR CE2 CZ   sing Y N 237 
TYR CE2 HE2  sing N N 238 
TYR CZ  OH   sing N N 239 
TYR OH  HH   sing N N 240 
TYR OXT HXT  sing N N 241 
VAL N   CA   sing N N 242 
VAL N   H    sing N N 243 
VAL N   H2   sing N N 244 
VAL CA  C    sing N N 245 
VAL CA  CB   sing N N 246 
VAL CA  HA   sing N N 247 
VAL C   O    doub N N 248 
VAL C   OXT  sing N N 249 
VAL CB  CG1  sing N N 250 
VAL CB  CG2  sing N N 251 
VAL CB  HB   sing N N 252 
VAL CG1 HG11 sing N N 253 
VAL CG1 HG12 sing N N 254 
VAL CG1 HG13 sing N N 255 
VAL CG2 HG21 sing N N 256 
VAL CG2 HG22 sing N N 257 
VAL CG2 HG23 sing N N 258 
VAL OXT HXT  sing N N 259 
# 
loop_
_pdbx_entity_nonpoly.entity_id 
_pdbx_entity_nonpoly.name 
_pdbx_entity_nonpoly.comp_id 
2 'PHOSPHATE ION'                 PO4 
3 '(4S)-2-METHYL-2,4-PENTANEDIOL' MPD 
4 water                           HOH 
# 
